data_6M4C
# 
_entry.id   6M4C 
# 
_audit_conform.dict_name       mmcif_pdbx.dic 
_audit_conform.dict_version    5.380 
_audit_conform.dict_location   http://mmcif.pdb.org/dictionaries/ascii/mmcif_pdbx.dic 
# 
loop_
_database_2.database_id 
_database_2.database_code 
_database_2.pdbx_database_accession 
_database_2.pdbx_DOI 
PDB   6M4C         pdb_00006m4c 10.2210/pdb6m4c/pdb 
WWPDB D_1300016058 ?            ?                   
# 
_pdbx_database_status.status_code                     REL 
_pdbx_database_status.status_code_sf                  REL 
_pdbx_database_status.status_code_mr                  ? 
_pdbx_database_status.entry_id                        6M4C 
_pdbx_database_status.recvd_initial_deposition_date   2020-03-06 
_pdbx_database_status.SG_entry                        N 
_pdbx_database_status.deposit_site                    PDBJ 
_pdbx_database_status.process_site                    PDBJ 
_pdbx_database_status.status_code_cs                  ? 
_pdbx_database_status.status_code_nmr_data            ? 
_pdbx_database_status.methods_development_category    ? 
_pdbx_database_status.pdb_format_compatible           Y 
# 
loop_
_audit_author.name 
_audit_author.pdbx_ordinal 
_audit_author.identifier_ORCID 
'Loh, Z.Y.' 1 0000-0002-8065-1182 
'Gao, Y.G.' 2 0000-0001-7298-0835 
'Xie, Y.'   3 0000-0002-9992-3504 
'Miao, Y.'  4 0000-0003-1551-7873 
# 
_citation.abstract                  ? 
_citation.abstract_id_CAS           ? 
_citation.book_id_ISBN              ? 
_citation.book_publisher            ? 
_citation.book_publisher_city       ? 
_citation.book_title                ? 
_citation.coordinate_linkage        ? 
_citation.country                   US 
_citation.database_id_Medline       ? 
_citation.details                   ? 
_citation.id                        primary 
_citation.journal_abbrev            J.Biol.Chem. 
_citation.journal_id_ASTM           JBCHA3 
_citation.journal_id_CSD            0071 
_citation.journal_id_ISSN           1083-351X 
_citation.journal_full              ? 
_citation.journal_issue             ? 
_citation.journal_volume            295 
_citation.language                  ? 
_citation.page_first                14840 
_citation.page_last                 14854 
_citation.title                     
'Orchestrated actin nucleation by the Candida albicans polarisome complex enables filamentous growth.' 
_citation.year                      2020 
_citation.database_id_CSD           ? 
_citation.pdbx_database_id_DOI      10.1074/jbc.RA120.013890 
_citation.pdbx_database_id_PubMed   32848016 
_citation.unpublished_flag          ? 
# 
loop_
_citation_author.citation_id 
_citation_author.name 
_citation_author.ordinal 
_citation_author.identifier_ORCID 
primary 'Xie, Y.'   1  ? 
primary 'Loh, Z.Y.' 2  ? 
primary 'Xue, J.'   3  ? 
primary 'Zhou, F.'  4  ? 
primary 'Sun, J.'   5  ? 
primary 'Qiao, Z.'  6  ? 
primary 'Jin, S.'   7  ? 
primary 'Deng, Y.'  8  ? 
primary 'Li, H.'    9  ? 
primary 'Wang, Y.'  10 ? 
primary 'Lu, L.'    11 ? 
primary 'Gao, Y.'   12 ? 
primary 'Miao, Y.'  13 ? 
# 
_cell.angle_alpha                  90.00 
_cell.angle_alpha_esd              ? 
_cell.angle_beta                   90.00 
_cell.angle_beta_esd               ? 
_cell.angle_gamma                  120.00 
_cell.angle_gamma_esd              ? 
_cell.entry_id                     6M4C 
_cell.details                      ? 
_cell.formula_units_Z              ? 
_cell.length_a                     95.116 
_cell.length_a_esd                 ? 
_cell.length_b                     95.116 
_cell.length_b_esd                 ? 
_cell.length_c                     74.119 
_cell.length_c_esd                 ? 
_cell.volume                       ? 
_cell.volume_esd                   ? 
_cell.Z_PDB                        12 
_cell.reciprocal_angle_alpha       ? 
_cell.reciprocal_angle_beta        ? 
_cell.reciprocal_angle_gamma       ? 
_cell.reciprocal_angle_alpha_esd   ? 
_cell.reciprocal_angle_beta_esd    ? 
_cell.reciprocal_angle_gamma_esd   ? 
_cell.reciprocal_length_a          ? 
_cell.reciprocal_length_b          ? 
_cell.reciprocal_length_c          ? 
_cell.reciprocal_length_a_esd      ? 
_cell.reciprocal_length_b_esd      ? 
_cell.reciprocal_length_c_esd      ? 
_cell.pdbx_unique_axis             ? 
# 
_symmetry.entry_id                         6M4C 
_symmetry.cell_setting                     ? 
_symmetry.Int_Tables_number                178 
_symmetry.space_group_name_Hall            ? 
_symmetry.space_group_name_H-M             'P 61 2 2' 
_symmetry.pdbx_full_space_group_name_H-M   ? 
# 
loop_
_entity.id 
_entity.type 
_entity.src_method 
_entity.pdbx_description 
_entity.formula_weight 
_entity.pdbx_number_of_molecules 
_entity.pdbx_ec 
_entity.pdbx_mutation 
_entity.pdbx_fragment 
_entity.details 
1 polymer man 'C. albicans actin interacting protein Aip5' 11312.712 1  ? ? ? ? 
2 water   nat water                                        18.015    14 ? ? ? ? 
# 
_entity_poly.entity_id                      1 
_entity_poly.type                           'polypeptide(L)' 
_entity_poly.nstd_linkage                   no 
_entity_poly.nstd_monomer                   no 
_entity_poly.pdbx_seq_one_letter_code       
;IEIRKHLESQPVYIFTSLAGGMQVILRSNNLAAILQGNGIKFEYRDLGTDEEAKKIWKRQANGKTLPGVVRGDDYIGNWQ
EIEDANEEYRLRELLYET
;
_entity_poly.pdbx_seq_one_letter_code_can   
;IEIRKHLESQPVYIFTSLAGGMQVILRSNNLAAILQGNGIKFEYRDLGTDEEAKKIWKRQANGKTLPGVVRGDDYIGNWQ
EIEDANEEYRLRELLYET
;
_entity_poly.pdbx_strand_id                 A 
_entity_poly.pdbx_target_identifier         ? 
# 
loop_
_entity_poly_seq.entity_id 
_entity_poly_seq.num 
_entity_poly_seq.mon_id 
_entity_poly_seq.hetero 
1 1  ILE n 
1 2  GLU n 
1 3  ILE n 
1 4  ARG n 
1 5  LYS n 
1 6  HIS n 
1 7  LEU n 
1 8  GLU n 
1 9  SER n 
1 10 GLN n 
1 11 PRO n 
1 12 VAL n 
1 13 TYR n 
1 14 ILE n 
1 15 PHE n 
1 16 THR n 
1 17 SER n 
1 18 LEU n 
1 19 ALA n 
1 20 GLY n 
1 21 GLY n 
1 22 MET n 
1 23 GLN n 
1 24 VAL n 
1 25 ILE n 
1 26 LEU n 
1 27 ARG n 
1 28 SER n 
1 29 ASN n 
1 30 ASN n 
1 31 LEU n 
1 32 ALA n 
1 33 ALA n 
1 34 ILE n 
1 35 LEU n 
1 36 GLN n 
1 37 GLY n 
1 38 ASN n 
1 39 GLY n 
1 40 ILE n 
1 41 LYS n 
1 42 PHE n 
1 43 GLU n 
1 44 TYR n 
1 45 ARG n 
1 46 ASP n 
1 47 LEU n 
1 48 GLY n 
1 49 THR n 
1 50 ASP n 
1 51 GLU n 
1 52 GLU n 
1 53 ALA n 
1 54 LYS n 
1 55 LYS n 
1 56 ILE n 
1 57 TRP n 
1 58 LYS n 
1 59 ARG n 
1 60 GLN n 
1 61 ALA n 
1 62 ASN n 
1 63 GLY n 
1 64 LYS n 
1 65 THR n 
1 66 LEU n 
1 67 PRO n 
1 68 GLY n 
1 69 VAL n 
1 70 VAL n 
1 71 ARG n 
1 72 GLY n 
1 73 ASP n 
1 74 ASP n 
1 75 TYR n 
1 76 ILE n 
1 77 GLY n 
1 78 ASN n 
1 79 TRP n 
1 80 GLN n 
1 81 GLU n 
1 82 ILE n 
1 83 GLU n 
1 84 ASP n 
1 85 ALA n 
1 86 ASN n 
1 87 GLU n 
1 88 GLU n 
1 89 TYR n 
1 90 ARG n 
1 91 LEU n 
1 92 ARG n 
1 93 GLU n 
1 94 LEU n 
1 95 LEU n 
1 96 TYR n 
1 97 GLU n 
1 98 THR n 
# 
_entity_src_gen.entity_id                          1 
_entity_src_gen.pdbx_src_id                        1 
_entity_src_gen.pdbx_alt_source_flag               sample 
_entity_src_gen.pdbx_seq_type                      'Biological sequence' 
_entity_src_gen.pdbx_beg_seq_num                   1 
_entity_src_gen.pdbx_end_seq_num                   98 
_entity_src_gen.gene_src_common_name               Yeast 
_entity_src_gen.gene_src_genus                     ? 
_entity_src_gen.pdbx_gene_src_gene                 'orf19.92, CAALFM_C600910CA' 
_entity_src_gen.gene_src_species                   ? 
_entity_src_gen.gene_src_strain                    'SC5314 / ATCC MYA-2876' 
_entity_src_gen.gene_src_tissue                    ? 
_entity_src_gen.gene_src_tissue_fraction           ? 
_entity_src_gen.gene_src_details                   ? 
_entity_src_gen.pdbx_gene_src_fragment             ? 
_entity_src_gen.pdbx_gene_src_scientific_name      'Candida albicans SC5314' 
_entity_src_gen.pdbx_gene_src_ncbi_taxonomy_id     237561 
_entity_src_gen.pdbx_gene_src_variant              ? 
_entity_src_gen.pdbx_gene_src_cell_line            ? 
_entity_src_gen.pdbx_gene_src_atcc                 ? 
_entity_src_gen.pdbx_gene_src_organ                ? 
_entity_src_gen.pdbx_gene_src_organelle            ? 
_entity_src_gen.pdbx_gene_src_cell                 ? 
_entity_src_gen.pdbx_gene_src_cellular_location    ? 
_entity_src_gen.host_org_common_name               ? 
_entity_src_gen.pdbx_host_org_scientific_name      'Escherichia coli BL21' 
_entity_src_gen.pdbx_host_org_ncbi_taxonomy_id     511693 
_entity_src_gen.host_org_genus                     ? 
_entity_src_gen.pdbx_host_org_gene                 ? 
_entity_src_gen.pdbx_host_org_organ                ? 
_entity_src_gen.host_org_species                   ? 
_entity_src_gen.pdbx_host_org_tissue               ? 
_entity_src_gen.pdbx_host_org_tissue_fraction      ? 
_entity_src_gen.pdbx_host_org_strain               ? 
_entity_src_gen.pdbx_host_org_variant              ? 
_entity_src_gen.pdbx_host_org_cell_line            ? 
_entity_src_gen.pdbx_host_org_atcc                 ? 
_entity_src_gen.pdbx_host_org_culture_collection   ? 
_entity_src_gen.pdbx_host_org_cell                 ? 
_entity_src_gen.pdbx_host_org_organelle            ? 
_entity_src_gen.pdbx_host_org_cellular_location    ? 
_entity_src_gen.pdbx_host_org_vector_type          ? 
_entity_src_gen.pdbx_host_org_vector               ? 
_entity_src_gen.host_org_details                   ? 
_entity_src_gen.expression_system_id               ? 
_entity_src_gen.plasmid_name                       ? 
_entity_src_gen.plasmid_details                    ? 
_entity_src_gen.pdbx_description                   ? 
# 
_struct_ref.id                         1 
_struct_ref.db_name                    UNP 
_struct_ref.db_code                    A0A1D8PPH3_CANAL 
_struct_ref.pdbx_db_accession          A0A1D8PPH3 
_struct_ref.pdbx_db_isoform            ? 
_struct_ref.entity_id                  1 
_struct_ref.pdbx_seq_one_letter_code   
;EIRKHLESQPVYIFTSLAGGMQVILRSNNLAAILQGNGIKFEYRDLGTDEEAKKIWKRQANGKTLPGVVRGDDYIGNWQE
IEDANEEYRLRELLYET
;
_struct_ref.pdbx_align_begin           799 
# 
_struct_ref_seq.align_id                      1 
_struct_ref_seq.ref_id                        1 
_struct_ref_seq.pdbx_PDB_id_code              6M4C 
_struct_ref_seq.pdbx_strand_id                A 
_struct_ref_seq.seq_align_beg                 2 
_struct_ref_seq.pdbx_seq_align_beg_ins_code   ? 
_struct_ref_seq.seq_align_end                 98 
_struct_ref_seq.pdbx_seq_align_end_ins_code   ? 
_struct_ref_seq.pdbx_db_accession             A0A1D8PPH3 
_struct_ref_seq.db_align_beg                  799 
_struct_ref_seq.pdbx_db_align_beg_ins_code    ? 
_struct_ref_seq.db_align_end                  895 
_struct_ref_seq.pdbx_db_align_end_ins_code    ? 
_struct_ref_seq.pdbx_auth_seq_align_beg       3 
_struct_ref_seq.pdbx_auth_seq_align_end       99 
# 
_struct_ref_seq_dif.align_id                     1 
_struct_ref_seq_dif.pdbx_pdb_id_code             6M4C 
_struct_ref_seq_dif.mon_id                       ILE 
_struct_ref_seq_dif.pdbx_pdb_strand_id           A 
_struct_ref_seq_dif.seq_num                      1 
_struct_ref_seq_dif.pdbx_pdb_ins_code            ? 
_struct_ref_seq_dif.pdbx_seq_db_name             UNP 
_struct_ref_seq_dif.pdbx_seq_db_accession_code   A0A1D8PPH3 
_struct_ref_seq_dif.db_mon_id                    ? 
_struct_ref_seq_dif.pdbx_seq_db_seq_num          ? 
_struct_ref_seq_dif.details                      'expression tag' 
_struct_ref_seq_dif.pdbx_auth_seq_num            2 
_struct_ref_seq_dif.pdbx_ordinal                 1 
# 
loop_
_chem_comp.id 
_chem_comp.type 
_chem_comp.mon_nstd_flag 
_chem_comp.name 
_chem_comp.pdbx_synonyms 
_chem_comp.formula 
_chem_comp.formula_weight 
ALA 'L-peptide linking' y ALANINE         ? 'C3 H7 N O2'     89.093  
ARG 'L-peptide linking' y ARGININE        ? 'C6 H15 N4 O2 1' 175.209 
ASN 'L-peptide linking' y ASPARAGINE      ? 'C4 H8 N2 O3'    132.118 
ASP 'L-peptide linking' y 'ASPARTIC ACID' ? 'C4 H7 N O4'     133.103 
GLN 'L-peptide linking' y GLUTAMINE       ? 'C5 H10 N2 O3'   146.144 
GLU 'L-peptide linking' y 'GLUTAMIC ACID' ? 'C5 H9 N O4'     147.129 
GLY 'peptide linking'   y GLYCINE         ? 'C2 H5 N O2'     75.067  
HIS 'L-peptide linking' y HISTIDINE       ? 'C6 H10 N3 O2 1' 156.162 
HOH non-polymer         . WATER           ? 'H2 O'           18.015  
ILE 'L-peptide linking' y ISOLEUCINE      ? 'C6 H13 N O2'    131.173 
LEU 'L-peptide linking' y LEUCINE         ? 'C6 H13 N O2'    131.173 
LYS 'L-peptide linking' y LYSINE          ? 'C6 H15 N2 O2 1' 147.195 
MET 'L-peptide linking' y METHIONINE      ? 'C5 H11 N O2 S'  149.211 
PHE 'L-peptide linking' y PHENYLALANINE   ? 'C9 H11 N O2'    165.189 
PRO 'L-peptide linking' y PROLINE         ? 'C5 H9 N O2'     115.130 
SER 'L-peptide linking' y SERINE          ? 'C3 H7 N O3'     105.093 
THR 'L-peptide linking' y THREONINE       ? 'C4 H9 N O3'     119.119 
TRP 'L-peptide linking' y TRYPTOPHAN      ? 'C11 H12 N2 O2'  204.225 
TYR 'L-peptide linking' y TYROSINE        ? 'C9 H11 N O3'    181.189 
VAL 'L-peptide linking' y VALINE          ? 'C5 H11 N O2'    117.146 
# 
_exptl.absorpt_coefficient_mu     ? 
_exptl.absorpt_correction_T_max   ? 
_exptl.absorpt_correction_T_min   ? 
_exptl.absorpt_correction_type    ? 
_exptl.absorpt_process_details    ? 
_exptl.entry_id                   6M4C 
_exptl.crystals_number            1 
_exptl.details                    ? 
_exptl.method                     'X-RAY DIFFRACTION' 
_exptl.method_details             ? 
# 
_exptl_crystal.colour                      ? 
_exptl_crystal.density_diffrn              ? 
_exptl_crystal.density_Matthews            4.27 
_exptl_crystal.density_method              ? 
_exptl_crystal.density_percent_sol         71.17 
_exptl_crystal.description                 ? 
_exptl_crystal.F_000                       ? 
_exptl_crystal.id                          1 
_exptl_crystal.preparation                 ? 
_exptl_crystal.size_max                    ? 
_exptl_crystal.size_mid                    ? 
_exptl_crystal.size_min                    ? 
_exptl_crystal.size_rad                    ? 
_exptl_crystal.colour_lustre               ? 
_exptl_crystal.colour_modifier             ? 
_exptl_crystal.colour_primary              ? 
_exptl_crystal.density_meas                ? 
_exptl_crystal.density_meas_esd            ? 
_exptl_crystal.density_meas_gt             ? 
_exptl_crystal.density_meas_lt             ? 
_exptl_crystal.density_meas_temp           ? 
_exptl_crystal.density_meas_temp_esd       ? 
_exptl_crystal.density_meas_temp_gt        ? 
_exptl_crystal.density_meas_temp_lt        ? 
_exptl_crystal.pdbx_crystal_image_url      ? 
_exptl_crystal.pdbx_crystal_image_format   ? 
_exptl_crystal.pdbx_mosaicity              ? 
_exptl_crystal.pdbx_mosaicity_esd          ? 
# 
_exptl_crystal_grow.apparatus       ? 
_exptl_crystal_grow.atmosphere      ? 
_exptl_crystal_grow.crystal_id      1 
_exptl_crystal_grow.details         ? 
_exptl_crystal_grow.method          'VAPOR DIFFUSION, HANGING DROP' 
_exptl_crystal_grow.method_ref      ? 
_exptl_crystal_grow.pH              7.4 
_exptl_crystal_grow.pressure        ? 
_exptl_crystal_grow.pressure_esd    ? 
_exptl_crystal_grow.seeding         ? 
_exptl_crystal_grow.seeding_ref     ? 
_exptl_crystal_grow.temp            293 
_exptl_crystal_grow.temp_details    ? 
_exptl_crystal_grow.temp_esd        ? 
_exptl_crystal_grow.time            ? 
_exptl_crystal_grow.pdbx_details    
;0.1M Tris pH 7.4,
0.2M calcium acetate, 
12.5% PEG 3000
;
_exptl_crystal_grow.pdbx_pH_range   ? 
# 
_diffrn.ambient_environment              ? 
_diffrn.ambient_temp                     80 
_diffrn.ambient_temp_details             ? 
_diffrn.ambient_temp_esd                 ? 
_diffrn.crystal_id                       1 
_diffrn.crystal_support                  ? 
_diffrn.crystal_treatment                ? 
_diffrn.details                          ? 
_diffrn.id                               1 
_diffrn.ambient_pressure                 ? 
_diffrn.ambient_pressure_esd             ? 
_diffrn.ambient_pressure_gt              ? 
_diffrn.ambient_pressure_lt              ? 
_diffrn.ambient_temp_gt                  ? 
_diffrn.ambient_temp_lt                  ? 
_diffrn.pdbx_serial_crystal_experiment   N 
# 
_diffrn_detector.details                      ? 
_diffrn_detector.detector                     PIXEL 
_diffrn_detector.diffrn_id                    1 
_diffrn_detector.type                         'DECTRIS EIGER X 16M' 
_diffrn_detector.area_resol_mean              ? 
_diffrn_detector.dtime                        ? 
_diffrn_detector.pdbx_frames_total            ? 
_diffrn_detector.pdbx_collection_time_total   ? 
_diffrn_detector.pdbx_collection_date         2019-03-18 
_diffrn_detector.pdbx_frequency               ? 
# 
_diffrn_radiation.collimation                      ? 
_diffrn_radiation.diffrn_id                        1 
_diffrn_radiation.filter_edge                      ? 
_diffrn_radiation.inhomogeneity                    ? 
_diffrn_radiation.monochromator                    ? 
_diffrn_radiation.polarisn_norm                    ? 
_diffrn_radiation.polarisn_ratio                   ? 
_diffrn_radiation.probe                            ? 
_diffrn_radiation.type                             ? 
_diffrn_radiation.xray_symbol                      ? 
_diffrn_radiation.wavelength_id                    1 
_diffrn_radiation.pdbx_monochromatic_or_laue_m_l   M 
_diffrn_radiation.pdbx_wavelength_list             ? 
_diffrn_radiation.pdbx_wavelength                  ? 
_diffrn_radiation.pdbx_diffrn_protocol             'SINGLE WAVELENGTH' 
_diffrn_radiation.pdbx_analyzer                    ? 
_diffrn_radiation.pdbx_scattering_type             x-ray 
# 
_diffrn_radiation_wavelength.id           1 
_diffrn_radiation_wavelength.wavelength   0.953700 
_diffrn_radiation_wavelength.wt           1.0 
# 
_diffrn_source.current                     ? 
_diffrn_source.details                     ? 
_diffrn_source.diffrn_id                   1 
_diffrn_source.power                       ? 
_diffrn_source.size                        ? 
_diffrn_source.source                      SYNCHROTRON 
_diffrn_source.target                      ? 
_diffrn_source.type                        'AUSTRALIAN SYNCHROTRON BEAMLINE MX1' 
_diffrn_source.voltage                     ? 
_diffrn_source.take-off_angle              ? 
_diffrn_source.pdbx_wavelength_list        0.953700 
_diffrn_source.pdbx_wavelength             ? 
_diffrn_source.pdbx_synchrotron_beamline   MX1 
_diffrn_source.pdbx_synchrotron_site       'Australian Synchrotron' 
# 
_reflns.B_iso_Wilson_estimate            83.02 
_reflns.entry_id                         6M4C 
_reflns.data_reduction_details           ? 
_reflns.data_reduction_method            ? 
_reflns.d_resolution_high                2.65 
_reflns.d_resolution_low                 50.0 
_reflns.details                          ? 
_reflns.limit_h_max                      ? 
_reflns.limit_h_min                      ? 
_reflns.limit_k_max                      ? 
_reflns.limit_k_min                      ? 
_reflns.limit_l_max                      ? 
_reflns.limit_l_min                      ? 
_reflns.number_all                       ? 
_reflns.number_obs                       5823 
_reflns.observed_criterion               ? 
_reflns.observed_criterion_F_max         ? 
_reflns.observed_criterion_F_min         ? 
_reflns.observed_criterion_I_max         ? 
_reflns.observed_criterion_I_min         ? 
_reflns.observed_criterion_sigma_F       ? 
_reflns.observed_criterion_sigma_I       ? 
_reflns.percent_possible_obs             91.9 
_reflns.R_free_details                   ? 
_reflns.Rmerge_F_all                     ? 
_reflns.Rmerge_F_obs                     ? 
_reflns.Friedel_coverage                 ? 
_reflns.number_gt                        ? 
_reflns.threshold_expression             ? 
_reflns.pdbx_redundancy                  30.94 
_reflns.pdbx_Rmerge_I_obs                ? 
_reflns.pdbx_Rmerge_I_all                ? 
_reflns.pdbx_Rsym_value                  ? 
_reflns.pdbx_netI_over_av_sigmaI         ? 
_reflns.pdbx_netI_over_sigmaI            30.51 
_reflns.pdbx_res_netI_over_av_sigmaI_2   ? 
_reflns.pdbx_res_netI_over_sigmaI_2      ? 
_reflns.pdbx_chi_squared                 ? 
_reflns.pdbx_scaling_rejects             ? 
_reflns.pdbx_d_res_high_opt              ? 
_reflns.pdbx_d_res_low_opt               ? 
_reflns.pdbx_d_res_opt_method            ? 
_reflns.phase_calculation_details        ? 
_reflns.pdbx_Rrim_I_all                  ? 
_reflns.pdbx_Rpim_I_all                  ? 
_reflns.pdbx_d_opt                       ? 
_reflns.pdbx_number_measured_all         ? 
_reflns.pdbx_diffrn_id                   1 
_reflns.pdbx_ordinal                     1 
_reflns.pdbx_CC_half                     1.0 
_reflns.pdbx_CC_star                     ? 
_reflns.pdbx_R_split                     ? 
# 
_reflns_shell.d_res_high                  2.65 
_reflns_shell.d_res_low                   2.75 
_reflns_shell.meanI_over_sigI_all         ? 
_reflns_shell.meanI_over_sigI_obs         ? 
_reflns_shell.number_measured_all         ? 
_reflns_shell.number_measured_obs         ? 
_reflns_shell.number_possible             ? 
_reflns_shell.number_unique_all           ? 
_reflns_shell.number_unique_obs           602 
_reflns_shell.percent_possible_all        ? 
_reflns_shell.percent_possible_obs        ? 
_reflns_shell.Rmerge_F_all                ? 
_reflns_shell.Rmerge_F_obs                ? 
_reflns_shell.Rmerge_I_all                ? 
_reflns_shell.Rmerge_I_obs                ? 
_reflns_shell.meanI_over_sigI_gt          ? 
_reflns_shell.meanI_over_uI_all           ? 
_reflns_shell.meanI_over_uI_gt            ? 
_reflns_shell.number_measured_gt          ? 
_reflns_shell.number_unique_gt            ? 
_reflns_shell.percent_possible_gt         ? 
_reflns_shell.Rmerge_F_gt                 ? 
_reflns_shell.Rmerge_I_gt                 ? 
_reflns_shell.pdbx_redundancy             ? 
_reflns_shell.pdbx_Rsym_value             ? 
_reflns_shell.pdbx_chi_squared            ? 
_reflns_shell.pdbx_netI_over_sigmaI_all   ? 
_reflns_shell.pdbx_netI_over_sigmaI_obs   ? 
_reflns_shell.pdbx_Rrim_I_all             ? 
_reflns_shell.pdbx_Rpim_I_all             ? 
_reflns_shell.pdbx_rejects                ? 
_reflns_shell.pdbx_ordinal                1 
_reflns_shell.pdbx_diffrn_id              1 
_reflns_shell.pdbx_CC_half                0.84 
_reflns_shell.pdbx_CC_star                ? 
_reflns_shell.pdbx_R_split                ? 
# 
_refine.aniso_B[1][1]                            2.91 
_refine.aniso_B[1][2]                            1.46 
_refine.aniso_B[1][3]                            -0.00 
_refine.aniso_B[2][2]                            2.91 
_refine.aniso_B[2][3]                            0.00 
_refine.aniso_B[3][3]                            -9.45 
_refine.B_iso_max                                ? 
_refine.B_iso_mean                               90.870 
_refine.B_iso_min                                ? 
_refine.correlation_coeff_Fo_to_Fc               0.934 
_refine.correlation_coeff_Fo_to_Fc_free          0.921 
_refine.details                                  ? 
_refine.diff_density_max                         ? 
_refine.diff_density_max_esd                     ? 
_refine.diff_density_min                         ? 
_refine.diff_density_min_esd                     ? 
_refine.diff_density_rms                         ? 
_refine.diff_density_rms_esd                     ? 
_refine.entry_id                                 6M4C 
_refine.pdbx_refine_id                           'X-RAY DIFFRACTION' 
_refine.ls_abs_structure_details                 ? 
_refine.ls_abs_structure_Flack                   ? 
_refine.ls_abs_structure_Flack_esd               ? 
_refine.ls_abs_structure_Rogers                  ? 
_refine.ls_abs_structure_Rogers_esd              ? 
_refine.ls_d_res_high                            2.65 
_refine.ls_d_res_low                             47.60 
_refine.ls_extinction_coef                       ? 
_refine.ls_extinction_coef_esd                   ? 
_refine.ls_extinction_expression                 ? 
_refine.ls_extinction_method                     ? 
_refine.ls_goodness_of_fit_all                   ? 
_refine.ls_goodness_of_fit_all_esd               ? 
_refine.ls_goodness_of_fit_obs                   ? 
_refine.ls_goodness_of_fit_obs_esd               ? 
_refine.ls_hydrogen_treatment                    ? 
_refine.ls_matrix_type                           ? 
_refine.ls_number_constraints                    ? 
_refine.ls_number_parameters                     ? 
_refine.ls_number_reflns_all                     ? 
_refine.ls_number_reflns_obs                     5241 
_refine.ls_number_reflns_R_free                  882 
_refine.ls_number_reflns_R_work                  ? 
_refine.ls_number_restraints                     ? 
_refine.ls_percent_reflns_obs                    99.95 
_refine.ls_percent_reflns_R_free                 14.4 
_refine.ls_R_factor_all                          ? 
_refine.ls_R_factor_obs                          0.26538 
_refine.ls_R_factor_R_free                       0.30573 
_refine.ls_R_factor_R_free_error                 ? 
_refine.ls_R_factor_R_free_error_details         ? 
_refine.ls_R_factor_R_work                       0.25852 
_refine.ls_R_Fsqd_factor_obs                     ? 
_refine.ls_R_I_factor_obs                        ? 
_refine.ls_redundancy_reflns_all                 ? 
_refine.ls_redundancy_reflns_obs                 ? 
_refine.ls_restrained_S_all                      ? 
_refine.ls_restrained_S_obs                      ? 
_refine.ls_shift_over_esd_max                    ? 
_refine.ls_shift_over_esd_mean                   ? 
_refine.ls_structure_factor_coef                 ? 
_refine.ls_weighting_details                     ? 
_refine.ls_weighting_scheme                      ? 
_refine.ls_wR_factor_all                         ? 
_refine.ls_wR_factor_obs                         ? 
_refine.ls_wR_factor_R_free                      ? 
_refine.ls_wR_factor_R_work                      ? 
_refine.occupancy_max                            ? 
_refine.occupancy_min                            ? 
_refine.solvent_model_details                    MASK 
_refine.solvent_model_param_bsol                 ? 
_refine.solvent_model_param_ksol                 ? 
_refine.pdbx_R_complete                          ? 
_refine.ls_R_factor_gt                           ? 
_refine.ls_goodness_of_fit_gt                    ? 
_refine.ls_goodness_of_fit_ref                   ? 
_refine.ls_shift_over_su_max                     ? 
_refine.ls_shift_over_su_max_lt                  ? 
_refine.ls_shift_over_su_mean                    ? 
_refine.ls_shift_over_su_mean_lt                 ? 
_refine.pdbx_ls_sigma_I                          ? 
_refine.pdbx_ls_sigma_F                          ? 
_refine.pdbx_ls_sigma_Fsqd                       ? 
_refine.pdbx_data_cutoff_high_absF               ? 
_refine.pdbx_data_cutoff_high_rms_absF           ? 
_refine.pdbx_data_cutoff_low_absF                ? 
_refine.pdbx_isotropic_thermal_model             ? 
_refine.pdbx_ls_cross_valid_method               THROUGHOUT 
_refine.pdbx_method_to_determine_struct          'MOLECULAR REPLACEMENT' 
_refine.pdbx_starting_model                      6ABR 
_refine.pdbx_stereochemistry_target_values       'MAXIMUM LIKELIHOOD' 
_refine.pdbx_R_Free_selection_details            RANDOM 
_refine.pdbx_stereochem_target_val_spec_case     ? 
_refine.pdbx_overall_ESU_R                       0.414 
_refine.pdbx_overall_ESU_R_Free                  0.322 
_refine.pdbx_solvent_vdw_probe_radii             1.10 
_refine.pdbx_solvent_ion_probe_radii             1.00 
_refine.pdbx_solvent_shrinkage_radii             1.00 
_refine.pdbx_real_space_R                        ? 
_refine.pdbx_density_correlation                 ? 
_refine.pdbx_pd_number_of_powder_patterns        ? 
_refine.pdbx_pd_number_of_points                 ? 
_refine.pdbx_pd_meas_number_of_points            ? 
_refine.pdbx_pd_proc_ls_prof_R_factor            ? 
_refine.pdbx_pd_proc_ls_prof_wR_factor           ? 
_refine.pdbx_pd_Marquardt_correlation_coeff      ? 
_refine.pdbx_pd_Fsqrd_R_factor                   ? 
_refine.pdbx_pd_ls_matrix_band_width             ? 
_refine.pdbx_overall_phase_error                 ? 
_refine.pdbx_overall_SU_R_free_Cruickshank_DPI   ? 
_refine.pdbx_overall_SU_R_free_Blow_DPI          ? 
_refine.pdbx_overall_SU_R_Blow_DPI               ? 
_refine.pdbx_TLS_residual_ADP_flag               ? 
_refine.pdbx_diffrn_id                           1 
_refine.overall_SU_B                             14.570 
_refine.overall_SU_ML                            0.278 
_refine.overall_SU_R_Cruickshank_DPI             ? 
_refine.overall_SU_R_free                        ? 
_refine.overall_FOM_free_R_set                   ? 
_refine.overall_FOM_work_R_set                   ? 
_refine.pdbx_average_fsc_overall                 ? 
_refine.pdbx_average_fsc_work                    ? 
_refine.pdbx_average_fsc_free                    ? 
# 
_refine_hist.pdbx_refine_id                   'X-RAY DIFFRACTION' 
_refine_hist.cycle_id                         1 
_refine_hist.details                          ? 
_refine_hist.d_res_high                       2.65 
_refine_hist.d_res_low                        47.60 
_refine_hist.number_atoms_solvent             15 
_refine_hist.number_atoms_total               744 
_refine_hist.number_reflns_all                ? 
_refine_hist.number_reflns_obs                ? 
_refine_hist.number_reflns_R_free             ? 
_refine_hist.number_reflns_R_work             ? 
_refine_hist.R_factor_all                     ? 
_refine_hist.R_factor_obs                     ? 
_refine_hist.R_factor_R_free                  ? 
_refine_hist.R_factor_R_work                  ? 
_refine_hist.pdbx_number_residues_total       ? 
_refine_hist.pdbx_B_iso_mean_ligand           ? 
_refine_hist.pdbx_B_iso_mean_solvent          ? 
_refine_hist.pdbx_number_atoms_protein        729 
_refine_hist.pdbx_number_atoms_nucleic_acid   0 
_refine_hist.pdbx_number_atoms_ligand         0 
_refine_hist.pdbx_number_atoms_lipid          ? 
_refine_hist.pdbx_number_atoms_carb           ? 
_refine_hist.pdbx_pseudo_atom_details         ? 
# 
loop_
_refine_ls_restr.pdbx_refine_id 
_refine_ls_restr.criterion 
_refine_ls_restr.dev_ideal 
_refine_ls_restr.dev_ideal_target 
_refine_ls_restr.number 
_refine_ls_restr.rejects 
_refine_ls_restr.type 
_refine_ls_restr.weight 
_refine_ls_restr.pdbx_restraint_function 
'X-RAY DIFFRACTION' ? 0.006  0.011  742  ? r_bond_refined_d             ? ? 
'X-RAY DIFFRACTION' ? ?      ?      ?    ? r_bond_other_d               ? ? 
'X-RAY DIFFRACTION' ? 1.604  1.629  1011 ? r_angle_refined_deg          ? ? 
'X-RAY DIFFRACTION' ? ?      ?      ?    ? r_angle_other_deg            ? ? 
'X-RAY DIFFRACTION' ? 8.779  5.000  97   ? r_dihedral_angle_1_deg       ? ? 
'X-RAY DIFFRACTION' ? 38.787 23.500 40   ? r_dihedral_angle_2_deg       ? ? 
'X-RAY DIFFRACTION' ? 19.740 15.000 105  ? r_dihedral_angle_3_deg       ? ? 
'X-RAY DIFFRACTION' ? 18.381 15.000 4    ? r_dihedral_angle_4_deg       ? ? 
'X-RAY DIFFRACTION' ? 0.120  0.200  100  ? r_chiral_restr               ? ? 
'X-RAY DIFFRACTION' ? 0.007  0.020  588  ? r_gen_planes_refined         ? ? 
'X-RAY DIFFRACTION' ? ?      ?      ?    ? r_gen_planes_other           ? ? 
'X-RAY DIFFRACTION' ? ?      ?      ?    ? r_nbd_refined                ? ? 
'X-RAY DIFFRACTION' ? ?      ?      ?    ? r_nbd_other                  ? ? 
'X-RAY DIFFRACTION' ? ?      ?      ?    ? r_nbtor_refined              ? ? 
'X-RAY DIFFRACTION' ? ?      ?      ?    ? r_nbtor_other                ? ? 
'X-RAY DIFFRACTION' ? ?      ?      ?    ? r_xyhbond_nbd_refined        ? ? 
'X-RAY DIFFRACTION' ? ?      ?      ?    ? r_xyhbond_nbd_other          ? ? 
'X-RAY DIFFRACTION' ? ?      ?      ?    ? r_metal_ion_refined          ? ? 
'X-RAY DIFFRACTION' ? ?      ?      ?    ? r_metal_ion_other            ? ? 
'X-RAY DIFFRACTION' ? ?      ?      ?    ? r_symmetry_vdw_refined       ? ? 
'X-RAY DIFFRACTION' ? ?      ?      ?    ? r_symmetry_vdw_other         ? ? 
'X-RAY DIFFRACTION' ? ?      ?      ?    ? r_symmetry_hbond_refined     ? ? 
'X-RAY DIFFRACTION' ? ?      ?      ?    ? r_symmetry_hbond_other       ? ? 
'X-RAY DIFFRACTION' ? ?      ?      ?    ? r_symmetry_metal_ion_refined ? ? 
'X-RAY DIFFRACTION' ? ?      ?      ?    ? r_symmetry_metal_ion_other   ? ? 
'X-RAY DIFFRACTION' ? 10.188 9.809  391  ? r_mcbond_it                  ? ? 
'X-RAY DIFFRACTION' ? ?      ?      ?    ? r_mcbond_other               ? ? 
'X-RAY DIFFRACTION' ? 13.959 14.697 487  ? r_mcangle_it                 ? ? 
'X-RAY DIFFRACTION' ? ?      ?      ?    ? r_mcangle_other              ? ? 
'X-RAY DIFFRACTION' ? 10.720 9.830  350  ? r_scbond_it                  ? ? 
'X-RAY DIFFRACTION' ? ?      ?      ?    ? r_scbond_other               ? ? 
'X-RAY DIFFRACTION' ? ?      ?      ?    ? r_scangle_it                 ? ? 
'X-RAY DIFFRACTION' ? ?      ?      ?    ? r_scangle_other              ? ? 
'X-RAY DIFFRACTION' ? 18.618 ?      3042 ? r_long_range_B_refined       ? ? 
'X-RAY DIFFRACTION' ? ?      ?      ?    ? r_long_range_B_other         ? ? 
'X-RAY DIFFRACTION' ? ?      ?      ?    ? r_rigid_bond_restr           ? ? 
'X-RAY DIFFRACTION' ? ?      ?      ?    ? r_sphericity_free            ? ? 
'X-RAY DIFFRACTION' ? ?      ?      ?    ? r_sphericity_bonded          ? ? 
# 
_refine_ls_shell.pdbx_refine_id                   'X-RAY DIFFRACTION' 
_refine_ls_shell.d_res_high                       2.650 
_refine_ls_shell.d_res_low                        2.719 
_refine_ls_shell.number_reflns_all                ? 
_refine_ls_shell.number_reflns_obs                ? 
_refine_ls_shell.number_reflns_R_free             62 
_refine_ls_shell.number_reflns_R_work             367 
_refine_ls_shell.percent_reflns_obs               99.77 
_refine_ls_shell.percent_reflns_R_free            ? 
_refine_ls_shell.R_factor_all                     ? 
_refine_ls_shell.R_factor_obs                     ? 
_refine_ls_shell.R_factor_R_free                  0.426 
_refine_ls_shell.R_factor_R_free_error            ? 
_refine_ls_shell.R_factor_R_work                  0.493 
_refine_ls_shell.redundancy_reflns_all            ? 
_refine_ls_shell.redundancy_reflns_obs            ? 
_refine_ls_shell.wR_factor_all                    ? 
_refine_ls_shell.wR_factor_obs                    ? 
_refine_ls_shell.wR_factor_R_free                 ? 
_refine_ls_shell.wR_factor_R_work                 ? 
_refine_ls_shell.pdbx_R_complete                  ? 
_refine_ls_shell.pdbx_total_number_of_bins_used   20 
_refine_ls_shell.pdbx_phase_error                 ? 
_refine_ls_shell.pdbx_fsc_work                    ? 
_refine_ls_shell.pdbx_fsc_free                    ? 
# 
_struct.entry_id                     6M4C 
_struct.title                        'C. albicans actin interacting protein Aip5' 
_struct.pdbx_model_details           ? 
_struct.pdbx_formula_weight          ? 
_struct.pdbx_formula_weight_method   ? 
_struct.pdbx_model_type_details      ? 
_struct.pdbx_CASP_flag               N 
# 
_struct_keywords.entry_id        6M4C 
_struct_keywords.text            'Actin, Polarisome, CYTOSOLIC PROTEIN, Nucleation promoting factor' 
_struct_keywords.pdbx_keywords   'CYTOSOLIC PROTEIN' 
# 
loop_
_struct_asym.id 
_struct_asym.pdbx_blank_PDB_chainid_flag 
_struct_asym.pdbx_modified 
_struct_asym.entity_id 
_struct_asym.details 
A N N 1 ? 
B N N 2 ? 
# 
loop_
_struct_conf.conf_type_id 
_struct_conf.id 
_struct_conf.pdbx_PDB_helix_id 
_struct_conf.beg_label_comp_id 
_struct_conf.beg_label_asym_id 
_struct_conf.beg_label_seq_id 
_struct_conf.pdbx_beg_PDB_ins_code 
_struct_conf.end_label_comp_id 
_struct_conf.end_label_asym_id 
_struct_conf.end_label_seq_id 
_struct_conf.pdbx_end_PDB_ins_code 
_struct_conf.beg_auth_comp_id 
_struct_conf.beg_auth_asym_id 
_struct_conf.beg_auth_seq_id 
_struct_conf.end_auth_comp_id 
_struct_conf.end_auth_asym_id 
_struct_conf.end_auth_seq_id 
_struct_conf.pdbx_PDB_helix_class 
_struct_conf.details 
_struct_conf.pdbx_PDB_helix_length 
HELX_P HELX_P1 AA1 GLY A 21 ? GLY A 37 ? GLY A 22 GLY A 38 1 ? 17 
HELX_P HELX_P2 AA2 ASP A 50 ? ALA A 61 ? ASP A 51 ALA A 62 1 ? 12 
HELX_P HELX_P3 AA3 TRP A 79 ? GLU A 88 ? TRP A 80 GLU A 89 1 ? 10 
HELX_P HELX_P4 AA4 ARG A 90 ? GLU A 97 ? ARG A 91 GLU A 98 1 ? 8  
# 
_struct_conf_type.id          HELX_P 
_struct_conf_type.criteria    ? 
_struct_conf_type.reference   ? 
# 
_struct_sheet.id               AA1 
_struct_sheet.type             ? 
_struct_sheet.number_strands   4 
_struct_sheet.details          ? 
# 
loop_
_struct_sheet_order.sheet_id 
_struct_sheet_order.range_id_1 
_struct_sheet_order.range_id_2 
_struct_sheet_order.offset 
_struct_sheet_order.sense 
AA1 1 2 ? parallel      
AA1 2 3 ? anti-parallel 
AA1 3 4 ? anti-parallel 
# 
loop_
_struct_sheet_range.sheet_id 
_struct_sheet_range.id 
_struct_sheet_range.beg_label_comp_id 
_struct_sheet_range.beg_label_asym_id 
_struct_sheet_range.beg_label_seq_id 
_struct_sheet_range.pdbx_beg_PDB_ins_code 
_struct_sheet_range.end_label_comp_id 
_struct_sheet_range.end_label_asym_id 
_struct_sheet_range.end_label_seq_id 
_struct_sheet_range.pdbx_end_PDB_ins_code 
_struct_sheet_range.beg_auth_comp_id 
_struct_sheet_range.beg_auth_asym_id 
_struct_sheet_range.beg_auth_seq_id 
_struct_sheet_range.end_auth_comp_id 
_struct_sheet_range.end_auth_asym_id 
_struct_sheet_range.end_auth_seq_id 
AA1 1 GLU A 43 ? ASP A 46 ? GLU A 44 ASP A 47 
AA1 2 VAL A 12 ? THR A 16 ? VAL A 13 THR A 17 
AA1 3 GLY A 68 ? ARG A 71 ? GLY A 69 ARG A 72 
AA1 4 ASP A 74 ? ASN A 78 ? ASP A 75 ASN A 79 
# 
loop_
_pdbx_struct_sheet_hbond.sheet_id 
_pdbx_struct_sheet_hbond.range_id_1 
_pdbx_struct_sheet_hbond.range_id_2 
_pdbx_struct_sheet_hbond.range_1_label_atom_id 
_pdbx_struct_sheet_hbond.range_1_label_comp_id 
_pdbx_struct_sheet_hbond.range_1_label_asym_id 
_pdbx_struct_sheet_hbond.range_1_label_seq_id 
_pdbx_struct_sheet_hbond.range_1_PDB_ins_code 
_pdbx_struct_sheet_hbond.range_1_auth_atom_id 
_pdbx_struct_sheet_hbond.range_1_auth_comp_id 
_pdbx_struct_sheet_hbond.range_1_auth_asym_id 
_pdbx_struct_sheet_hbond.range_1_auth_seq_id 
_pdbx_struct_sheet_hbond.range_2_label_atom_id 
_pdbx_struct_sheet_hbond.range_2_label_comp_id 
_pdbx_struct_sheet_hbond.range_2_label_asym_id 
_pdbx_struct_sheet_hbond.range_2_label_seq_id 
_pdbx_struct_sheet_hbond.range_2_PDB_ins_code 
_pdbx_struct_sheet_hbond.range_2_auth_atom_id 
_pdbx_struct_sheet_hbond.range_2_auth_comp_id 
_pdbx_struct_sheet_hbond.range_2_auth_asym_id 
_pdbx_struct_sheet_hbond.range_2_auth_seq_id 
AA1 1 2 O ARG A 45 ? O ARG A 46 N ILE A 14 ? N ILE A 15 
AA1 2 3 N PHE A 15 ? N PHE A 16 O GLY A 68 ? O GLY A 69 
AA1 3 4 N ARG A 71 ? N ARG A 72 O ASP A 74 ? O ASP A 75 
# 
_atom_sites.entry_id                    6M4C 
_atom_sites.Cartn_transf_matrix[1][1]   ? 
_atom_sites.Cartn_transf_matrix[1][2]   ? 
_atom_sites.Cartn_transf_matrix[1][3]   ? 
_atom_sites.Cartn_transf_matrix[2][1]   ? 
_atom_sites.Cartn_transf_matrix[2][2]   ? 
_atom_sites.Cartn_transf_matrix[2][3]   ? 
_atom_sites.Cartn_transf_matrix[3][1]   ? 
_atom_sites.Cartn_transf_matrix[3][2]   ? 
_atom_sites.Cartn_transf_matrix[3][3]   ? 
_atom_sites.Cartn_transf_vector[1]      ? 
_atom_sites.Cartn_transf_vector[2]      ? 
_atom_sites.Cartn_transf_vector[3]      ? 
_atom_sites.fract_transf_matrix[1][1]   -0.00846275 
_atom_sites.fract_transf_matrix[1][2]   -0.00590012 
_atom_sites.fract_transf_matrix[1][3]   0.00639832 
_atom_sites.fract_transf_matrix[2][1]   0.00320978 
_atom_sites.fract_transf_matrix[2][2]   -0.00908575 
_atom_sites.fract_transf_matrix[2][3]   0.00738417 
_atom_sites.fract_transf_matrix[3][1]   0.00153982 
_atom_sites.fract_transf_matrix[3][2]   0.00877715 
_atom_sites.fract_transf_matrix[3][3]   0.01013038 
_atom_sites.fract_transf_vector[1]      0.398631 
_atom_sites.fract_transf_vector[2]      0.536784 
_atom_sites.fract_transf_vector[3]      0.613146 
_atom_sites.solution_primary            ? 
_atom_sites.solution_secondary          ? 
_atom_sites.solution_hydrogens          ? 
_atom_sites.special_details             ? 
# 
loop_
_atom_type.symbol 
_atom_type.scat_dispersion_real 
_atom_type.scat_dispersion_imag 
_atom_type.scat_Cromer_Mann_a1 
_atom_type.scat_Cromer_Mann_a2 
_atom_type.scat_Cromer_Mann_a3 
_atom_type.scat_Cromer_Mann_a4 
_atom_type.scat_Cromer_Mann_b1 
_atom_type.scat_Cromer_Mann_b2 
_atom_type.scat_Cromer_Mann_b3 
_atom_type.scat_Cromer_Mann_b4 
_atom_type.scat_Cromer_Mann_c 
_atom_type.scat_source 
_atom_type.scat_dispersion_source 
C ? ? 3.54356 2.42580 ? ? 25.62398 1.50364 ? ? 0.0 
;2-Gaussian fit: Grosse-Kunstleve RW, Sauter NK, Adams PD: Newsletter of the IUCr Commission on Crystallographic Computing 2004, 3, 22-31.
;
? 
N ? ? 4.01032 2.96436 ? ? 19.97189 1.75589 ? ? 0.0 
;2-Gaussian fit: Grosse-Kunstleve RW, Sauter NK, Adams PD: Newsletter of the IUCr Commission on Crystallographic Computing 2004, 3, 22-31.
;
? 
O ? ? 7.96527 ?       ? ? 9.05267  ?       ? ? 0.0 
;1-Gaussian fit: Grosse-Kunstleve RW, Sauter NK, Adams PD: Newsletter of the IUCr Commission on Crystallographic Computing 2004, 3, 22-31.
;
? 
# 
loop_
_atom_site.group_PDB 
_atom_site.id 
_atom_site.type_symbol 
_atom_site.label_atom_id 
_atom_site.label_alt_id 
_atom_site.label_comp_id 
_atom_site.label_asym_id 
_atom_site.label_entity_id 
_atom_site.label_seq_id 
_atom_site.pdbx_PDB_ins_code 
_atom_site.Cartn_x 
_atom_site.Cartn_y 
_atom_site.Cartn_z 
_atom_site.occupancy 
_atom_site.B_iso_or_equiv 
_atom_site.pdbx_formal_charge 
_atom_site.auth_seq_id 
_atom_site.auth_comp_id 
_atom_site.auth_asym_id 
_atom_site.auth_atom_id 
_atom_site.pdbx_PDB_model_num 
ATOM   1   N N   . ILE A 1 1  ? 1.937   -23.014 14.663  1.00 119.35 ?  2   ILE A N   1 
ATOM   2   C CA  . ILE A 1 1  ? 0.501   -23.059 14.242  1.00 126.00 ?  2   ILE A CA  1 
ATOM   3   C C   . ILE A 1 1  ? 0.367   -24.091 13.131  1.00 132.01 ?  2   ILE A C   1 
ATOM   4   O O   . ILE A 1 1  ? 0.276   -25.284 13.407  1.00 158.55 ?  2   ILE A O   1 
ATOM   5   C CB  . ILE A 1 1  ? -0.027  -21.674 13.807  1.00 104.68 ?  2   ILE A CB  1 
ATOM   6   N N   . GLU A 1 2  ? 0.353   -23.602 11.887  1.00 123.42 ?  3   GLU A N   1 
ATOM   7   C CA  . GLU A 1 2  ? 0.260   -24.406 10.678  1.00 125.18 ?  3   GLU A CA  1 
ATOM   8   C C   . GLU A 1 2  ? 1.057   -23.652 9.620   1.00 131.16 ?  3   GLU A C   1 
ATOM   9   O O   . GLU A 1 2  ? 1.750   -22.703 9.964   1.00 153.09 ?  3   GLU A O   1 
ATOM   10  C CB  . GLU A 1 2  ? -1.213  -24.592 10.286  1.00 111.28 ?  3   GLU A CB  1 
ATOM   11  N N   . ILE A 1 3  ? 0.956   -24.035 8.342   1.00 123.63 ?  4   ILE A N   1 
ATOM   12  C CA  . ILE A 1 3  ? 1.323   -23.077 7.308   1.00 122.34 ?  4   ILE A CA  1 
ATOM   13  C C   . ILE A 1 3  ? 0.057   -22.348 6.831   1.00 137.78 ?  4   ILE A C   1 
ATOM   14  O O   . ILE A 1 3  ? -0.202  -22.253 5.629   1.00 130.90 ?  4   ILE A O   1 
ATOM   15  C CB  . ILE A 1 3  ? 2.155   -23.724 6.178   1.00 112.03 ?  4   ILE A CB  1 
ATOM   16  N N   . ARG A 1 4  ? -0.738  -21.838 7.791   1.00 136.55 ?  5   ARG A N   1 
ATOM   17  C CA  . ARG A 1 4  ? -1.921  -21.040 7.499   1.00 115.83 ?  5   ARG A CA  1 
ATOM   18  C C   . ARG A 1 4  ? -1.458  -19.615 7.180   1.00 136.74 ?  5   ARG A C   1 
ATOM   19  O O   . ARG A 1 4  ? -0.725  -19.023 7.975   1.00 118.88 ?  5   ARG A O   1 
ATOM   20  C CB  . ARG A 1 4  ? -2.900  -21.104 8.677   1.00 89.51  ?  5   ARG A CB  1 
ATOM   21  N N   . LYS A 1 5  ? -1.843  -19.116 5.984   1.00 149.63 ?  6   LYS A N   1 
ATOM   22  C CA  . LYS A 1 5  ? -1.510  -17.797 5.447   1.00 122.62 ?  6   LYS A CA  1 
ATOM   23  C C   . LYS A 1 5  ? -1.949  -16.732 6.437   1.00 141.44 ?  6   LYS A C   1 
ATOM   24  O O   . LYS A 1 5  ? -1.113  -16.271 7.208   1.00 144.93 ?  6   LYS A O   1 
ATOM   25  C CB  . LYS A 1 5  ? -2.264  -17.473 4.153   1.00 89.95  ?  6   LYS A CB  1 
ATOM   26  N N   . HIS A 1 6  ? -3.248  -16.365 6.385   1.00 131.02 ?  7   HIS A N   1 
ATOM   27  C CA  . HIS A 1 6  ? -3.823  -15.343 7.253   1.00 126.44 ?  7   HIS A CA  1 
ATOM   28  C C   . HIS A 1 6  ? -3.306  -13.954 6.868   1.00 117.69 ?  7   HIS A C   1 
ATOM   29  O O   . HIS A 1 6  ? -3.995  -12.951 7.073   1.00 97.22  ?  7   HIS A O   1 
ATOM   30  C CB  . HIS A 1 6  ? -3.605  -15.665 8.749   1.00 126.42 ?  7   HIS A CB  1 
ATOM   31  C CG  . HIS A 1 6  ? -3.124  -14.522 9.597   1.00 127.04 ?  7   HIS A CG  1 
ATOM   32  N ND1 . HIS A 1 6  ? -1.800  -14.097 9.621   1.00 126.02 ?  7   HIS A ND1 1 
ATOM   33  C CD2 . HIS A 1 6  ? -3.762  -13.732 10.489  1.00 131.30 ?  7   HIS A CD2 1 
ATOM   34  C CE1 . HIS A 1 6  ? -1.659  -13.089 10.463  1.00 102.37 ?  7   HIS A CE1 1 
ATOM   35  N NE2 . HIS A 1 6  ? -2.842  -12.857 11.022  1.00 104.94 ?  7   HIS A NE2 1 
ATOM   36  N N   . LEU A 1 7  ? -2.075  -13.907 6.342   1.00 90.56  ?  8   LEU A N   1 
ATOM   37  C CA  . LEU A 1 7  ? -1.558  -12.682 5.777   1.00 85.15  ?  8   LEU A CA  1 
ATOM   38  C C   . LEU A 1 7  ? -2.441  -12.311 4.595   1.00 98.12  ?  8   LEU A C   1 
ATOM   39  O O   . LEU A 1 7  ? -2.545  -11.139 4.242   1.00 99.11  ?  8   LEU A O   1 
ATOM   40  C CB  . LEU A 1 7  ? -0.115  -12.889 5.314   1.00 100.39 ?  8   LEU A CB  1 
ATOM   41  C CG  . LEU A 1 7  ? 0.999   -12.698 6.344   1.00 92.06  ?  8   LEU A CG  1 
ATOM   42  C CD1 . LEU A 1 7  ? 0.471   -12.147 7.667   1.00 106.73 ?  8   LEU A CD1 1 
ATOM   43  C CD2 . LEU A 1 7  ? 1.730   -14.009 6.547   1.00 84.43  ?  8   LEU A CD2 1 
ATOM   44  N N   . GLU A 1 8  ? -3.065  -13.329 3.985   1.00 109.41 ?  9   GLU A N   1 
ATOM   45  C CA  . GLU A 1 8  ? -3.985  -13.080 2.884   1.00 103.98 ?  9   GLU A CA  1 
ATOM   46  C C   . GLU A 1 8  ? -5.271  -12.439 3.422   1.00 100.35 ?  9   GLU A C   1 
ATOM   47  O O   . GLU A 1 8  ? -5.880  -11.585 2.775   1.00 97.16  ?  9   GLU A O   1 
ATOM   48  C CB  . GLU A 1 8  ? -4.164  -14.323 2.005   1.00 115.77 ?  9   GLU A CB  1 
ATOM   49  C CG  . GLU A 1 8  ? -2.881  -14.750 1.292   1.00 119.91 ?  9   GLU A CG  1 
ATOM   50  C CD  . GLU A 1 8  ? -2.913  -15.763 0.153   1.00 122.65 ?  9   GLU A CD  1 
ATOM   51  O OE1 . GLU A 1 8  ? -3.955  -15.890 -0.522  1.00 130.33 ?  9   GLU A OE1 1 
ATOM   52  O OE2 . GLU A 1 8  ? -1.874  -16.416 -0.073  1.00 134.35 -1 9   GLU A OE2 1 
ATOM   53  N N   . SER A 1 9  ? -5.634  -12.796 4.654   1.00 87.94  ?  10  SER A N   1 
ATOM   54  C CA  . SER A 1 9  ? -6.887  -12.348 5.229   1.00 93.46  ?  10  SER A CA  1 
ATOM   55  C C   . SER A 1 9  ? -6.764  -10.939 5.809   1.00 97.62  ?  10  SER A C   1 
ATOM   56  O O   . SER A 1 9  ? -7.676  -10.459 6.486   1.00 109.48 ?  10  SER A O   1 
ATOM   57  C CB  . SER A 1 9  ? -7.345  -13.313 6.281   1.00 94.86  ?  10  SER A CB  1 
ATOM   58  O OG  . SER A 1 9  ? -6.820  -12.922 7.545   1.00 107.70 ?  10  SER A OG  1 
ATOM   59  N N   . GLN A 1 10 ? -5.650  -10.261 5.544   1.00 92.42  ?  11  GLN A N   1 
ATOM   60  C CA  . GLN A 1 10 ? -5.371  -9.071  6.323   1.00 93.91  ?  11  GLN A CA  1 
ATOM   61  C C   . GLN A 1 10 ? -5.681  -7.821  5.511   1.00 90.23  ?  11  GLN A C   1 
ATOM   62  O O   . GLN A 1 10 ? -5.513  -7.818  4.299   1.00 95.31  ?  11  GLN A O   1 
ATOM   63  C CB  . GLN A 1 10 ? -3.934  -9.120  6.816   1.00 94.36  ?  11  GLN A CB  1 
ATOM   64  C CG  . GLN A 1 10 ? -3.840  -9.503  8.275   1.00 102.04 ?  11  GLN A CG  1 
ATOM   65  C CD  . GLN A 1 10 ? -2.411  -9.325  8.714   1.00 112.23 ?  11  GLN A CD  1 
ATOM   66  O OE1 . GLN A 1 10 ? -1.518  -9.051  7.914   1.00 111.38 ?  11  GLN A OE1 1 
ATOM   67  N NE2 . GLN A 1 10 ? -2.189  -9.456  10.007  1.00 130.51 ?  11  GLN A NE2 1 
ATOM   68  N N   . PRO A 1 11 ? -6.162  -6.737  6.158   1.00 86.44  ?  12  PRO A N   1 
ATOM   69  C CA  . PRO A 1 11 ? -6.574  -5.525  5.455   1.00 85.43  ?  12  PRO A CA  1 
ATOM   70  C C   . PRO A 1 11 ? -5.468  -4.943  4.592   1.00 79.24  ?  12  PRO A C   1 
ATOM   71  O O   . PRO A 1 11 ? -4.384  -4.670  5.084   1.00 104.25 ?  12  PRO A O   1 
ATOM   72  C CB  . PRO A 1 11 ? -6.827  -4.544  6.608   1.00 85.50  ?  12  PRO A CB  1 
ATOM   73  C CG  . PRO A 1 11 ? -7.293  -5.428  7.726   1.00 84.61  ?  12  PRO A CG  1 
ATOM   74  C CD  . PRO A 1 11 ? -6.406  -6.649  7.603   1.00 91.53  ?  12  PRO A CD  1 
ATOM   75  N N   . VAL A 1 12 ? -5.747  -4.742  3.307   1.00 77.31  ?  13  VAL A N   1 
ATOM   76  C CA  . VAL A 1 12 ? -4.791  -4.046  2.459   1.00 77.23  ?  13  VAL A CA  1 
ATOM   77  C C   . VAL A 1 12 ? -5.208  -2.583  2.299   1.00 81.51  ?  13  VAL A C   1 
ATOM   78  O O   . VAL A 1 12 ? -6.362  -2.286  2.046   1.00 91.78  ?  13  VAL A O   1 
ATOM   79  C CB  . VAL A 1 12 ? -4.602  -4.751  1.107   1.00 69.19  ?  13  VAL A CB  1 
ATOM   80  C CG1 . VAL A 1 12 ? -3.736  -3.911  0.179   1.00 70.15  ?  13  VAL A CG1 1 
ATOM   81  C CG2 . VAL A 1 12 ? -4.061  -6.175  1.260   1.00 65.66  ?  13  VAL A CG2 1 
ATOM   82  N N   . TYR A 1 13 ? -4.266  -1.659  2.485   1.00 82.17  ?  14  TYR A N   1 
ATOM   83  C CA  . TYR A 1 13 ? -4.608  -0.253  2.412   1.00 76.14  ?  14  TYR A CA  1 
ATOM   84  C C   . TYR A 1 13 ? -3.689  0.402   1.409   1.00 81.82  ?  14  TYR A C   1 
ATOM   85  O O   . TYR A 1 13 ? -2.529  0.006   1.295   1.00 90.84  ?  14  TYR A O   1 
ATOM   86  C CB  . TYR A 1 13 ? -4.366  0.480   3.731   1.00 75.95  ?  14  TYR A CB  1 
ATOM   87  C CG  . TYR A 1 13 ? -5.096  -0.095  4.916   1.00 78.25  ?  14  TYR A CG  1 
ATOM   88  C CD1 . TYR A 1 13 ? -6.461  0.053   5.060   1.00 72.94  ?  14  TYR A CD1 1 
ATOM   89  C CD2 . TYR A 1 13 ? -4.420  -0.808  5.888   1.00 76.63  ?  14  TYR A CD2 1 
ATOM   90  C CE1 . TYR A 1 13 ? -7.135  -0.485  6.143   1.00 73.18  ?  14  TYR A CE1 1 
ATOM   91  C CE2 . TYR A 1 13 ? -5.083  -1.368  6.966   1.00 76.62  ?  14  TYR A CE2 1 
ATOM   92  C CZ  . TYR A 1 13 ? -6.446  -1.204  7.099   1.00 76.46  ?  14  TYR A CZ  1 
ATOM   93  O OH  . TYR A 1 13 ? -7.096  -1.770  8.159   1.00 84.61  ?  14  TYR A OH  1 
ATOM   94  N N   . ILE A 1 14 ? -4.255  1.370   0.685   1.00 76.98  ?  15  ILE A N   1 
ATOM   95  C CA  . ILE A 1 14 ? -3.483  2.413   0.045   1.00 76.37  ?  15  ILE A CA  1 
ATOM   96  C C   . ILE A 1 14 ? -3.414  3.615   0.982   1.00 92.53  ?  15  ILE A C   1 
ATOM   97  O O   . ILE A 1 14 ? -4.432  4.242   1.284   1.00 91.35  ?  15  ILE A O   1 
ATOM   98  C CB  . ILE A 1 14 ? -4.079  2.788   -1.311  1.00 74.04  ?  15  ILE A CB  1 
ATOM   99  C CG1 . ILE A 1 14 ? -4.012  1.595   -2.262  1.00 84.27  ?  15  ILE A CG1 1 
ATOM   100 C CG2 . ILE A 1 14 ? -3.337  3.978   -1.872  1.00 67.50  ?  15  ILE A CG2 1 
ATOM   101 C CD1 . ILE A 1 14 ? -4.245  1.941   -3.703  1.00 80.66  ?  15  ILE A CD1 1 
ATOM   102 N N   . PHE A 1 15 ? -2.190  3.912   1.446   1.00 92.77  ?  16  PHE A N   1 
ATOM   103 C CA  . PHE A 1 15 ? -1.927  5.111   2.217   1.00 74.15  ?  16  PHE A CA  1 
ATOM   104 C C   . PHE A 1 15 ? -1.755  6.241   1.215   1.00 76.94  ?  16  PHE A C   1 
ATOM   105 O O   . PHE A 1 15 ? -1.122  6.042   0.176   1.00 82.94  ?  16  PHE A O   1 
ATOM   106 C CB  . PHE A 1 15 ? -0.721  4.903   3.135   1.00 74.82  ?  16  PHE A CB  1 
ATOM   107 C CG  . PHE A 1 15 ? -1.015  4.219   4.450   1.00 73.77  ?  16  PHE A CG  1 
ATOM   108 C CD1 . PHE A 1 15 ? -2.022  3.269   4.569   1.00 73.27  ?  16  PHE A CD1 1 
ATOM   109 C CD2 . PHE A 1 15 ? -0.296  4.543   5.586   1.00 67.48  ?  16  PHE A CD2 1 
ATOM   110 C CE1 . PHE A 1 15 ? -2.272  2.630   5.778   1.00 83.26  ?  16  PHE A CE1 1 
ATOM   111 C CE2 . PHE A 1 15 ? -0.554  3.910   6.798   1.00 75.73  ?  16  PHE A CE2 1 
ATOM   112 C CZ  . PHE A 1 15 ? -1.533  2.950   6.898   1.00 80.89  ?  16  PHE A CZ  1 
ATOM   113 N N   . THR A 1 16 ? -2.381  7.389   1.498   1.00 75.12  ?  17  THR A N   1 
ATOM   114 C CA  . THR A 1 16 ? -2.335  8.505   0.565   1.00 80.83  ?  17  THR A CA  1 
ATOM   115 C C   . THR A 1 16 ? -2.739  9.810   1.256   1.00 88.08  ?  17  THR A C   1 
ATOM   116 O O   . THR A 1 16 ? -3.034  9.829   2.458   1.00 85.66  ?  17  THR A O   1 
ATOM   117 C CB  . THR A 1 16 ? -3.196  8.242   -0.674  1.00 78.83  ?  17  THR A CB  1 
ATOM   118 O OG1 . THR A 1 16 ? -2.834  9.262   -1.602  1.00 92.16  ?  17  THR A OG1 1 
ATOM   119 C CG2 . THR A 1 16 ? -4.684  8.313   -0.400  1.00 73.31  ?  17  THR A CG2 1 
ATOM   120 N N   . SER A 1 17 ? -2.735  10.897  0.470   1.00 80.82  ?  18  SER A N   1 
ATOM   121 C CA  . SER A 1 17 ? -3.218  12.180  0.956   1.00 96.94  ?  18  SER A CA  1 
ATOM   122 C C   . SER A 1 17 ? -4.037  12.894  -0.114  1.00 96.55  ?  18  SER A C   1 
ATOM   123 O O   . SER A 1 17 ? -3.507  13.255  -1.157  1.00 92.19  ?  18  SER A O   1 
ATOM   124 C CB  . SER A 1 17 ? -2.084  13.040  1.440   1.00 104.94 ?  18  SER A CB  1 
ATOM   125 O OG  . SER A 1 17 ? -2.561  14.272  1.957   1.00 115.26 ?  18  SER A OG  1 
ATOM   126 N N   . LEU A 1 18 ? -5.319  13.131  0.185   1.00 105.96 ?  19  LEU A N   1 
ATOM   127 C CA  . LEU A 1 18 ? -6.209  13.843  -0.715  1.00 104.01 ?  19  LEU A CA  1 
ATOM   128 C C   . LEU A 1 18 ? -5.846  15.322  -0.732  1.00 101.51 ?  19  LEU A C   1 
ATOM   129 O O   . LEU A 1 18 ? -6.385  16.084  -1.525  1.00 103.97 ?  19  LEU A O   1 
ATOM   130 C CB  . LEU A 1 18 ? -7.649  13.661  -0.236  1.00 104.33 ?  19  LEU A CB  1 
ATOM   131 C CG  . LEU A 1 18 ? -8.356  12.434  -0.790  1.00 103.05 ?  19  LEU A CG  1 
ATOM   132 C CD1 . LEU A 1 18 ? -7.868  11.185  -0.089  1.00 107.25 ?  19  LEU A CD1 1 
ATOM   133 C CD2 . LEU A 1 18 ? -9.855  12.581  -0.628  1.00 105.97 ?  19  LEU A CD2 1 
ATOM   134 N N   . ALA A 1 19 ? -4.923  15.719  0.139   1.00 106.05 ?  20  ALA A N   1 
ATOM   135 C CA  . ALA A 1 19 ? -4.455  17.090  0.140   1.00 108.89 ?  20  ALA A CA  1 
ATOM   136 C C   . ALA A 1 19 ? -3.039  17.155  -0.437  1.00 119.20 ?  20  ALA A C   1 
ATOM   137 O O   . ALA A 1 19 ? -2.342  18.156  -0.291  1.00 126.47 ?  20  ALA A O   1 
ATOM   138 C CB  . ALA A 1 19 ? -4.530  17.611  1.547   1.00 111.88 ?  20  ALA A CB  1 
ATOM   139 N N   . GLY A 1 20 ? -2.630  16.085  -1.128  1.00 115.92 ?  21  GLY A N   1 
ATOM   140 C CA  . GLY A 1 20 ? -1.237  15.897  -1.500  1.00 121.36 ?  21  GLY A CA  1 
ATOM   141 C C   . GLY A 1 20 ? -0.889  16.418  -2.892  1.00 123.34 ?  21  GLY A C   1 
ATOM   142 O O   . GLY A 1 20 ? 0.268   16.315  -3.311  1.00 122.18 ?  21  GLY A O   1 
ATOM   143 N N   . GLY A 1 21 ? -1.885  16.983  -3.588  1.00 96.84  ?  22  GLY A N   1 
ATOM   144 C CA  . GLY A 1 21 ? -1.668  17.484  -4.935  1.00 94.42  ?  22  GLY A CA  1 
ATOM   145 C C   . GLY A 1 21 ? -2.117  16.450  -5.956  1.00 104.50 ?  22  GLY A C   1 
ATOM   146 O O   . GLY A 1 21 ? -2.320  15.299  -5.586  1.00 118.07 ?  22  GLY A O   1 
ATOM   147 N N   . MET A 1 22 ? -2.283  16.876  -7.220  1.00 109.58 ?  23  MET A N   1 
ATOM   148 C CA  . MET A 1 22 ? -2.918  16.066  -8.251  1.00 108.48 ?  23  MET A CA  1 
ATOM   149 C C   . MET A 1 22 ? -2.032  14.859  -8.563  1.00 116.44 ?  23  MET A C   1 
ATOM   150 O O   . MET A 1 22 ? -2.525  13.738  -8.752  1.00 115.42 ?  23  MET A O   1 
ATOM   151 C CB  . MET A 1 22 ? -3.193  16.878  -9.526  1.00 100.60 ?  23  MET A CB  1 
ATOM   152 N N   . GLN A 1 23 ? -0.712  15.088  -8.551  1.00 109.10 ?  24  GLN A N   1 
ATOM   153 C CA  . GLN A 1 23 ? 0.248   14.025  -8.819  1.00 117.43 ?  24  GLN A CA  1 
ATOM   154 C C   . GLN A 1 23 ? -0.010  12.834  -7.898  1.00 113.18 ?  24  GLN A C   1 
ATOM   155 O O   . GLN A 1 23 ? -0.021  11.698  -8.350  1.00 111.56 ?  24  GLN A O   1 
ATOM   156 C CB  . GLN A 1 23 ? 1.694   14.523  -8.691  1.00 121.02 ?  24  GLN A CB  1 
ATOM   157 C CG  . GLN A 1 23 ? 2.707   13.703  -9.488  1.00 102.14 ?  24  GLN A CG  1 
ATOM   158 C CD  . GLN A 1 23 ? 2.327   13.547  -10.943 1.00 120.66 ?  24  GLN A CD  1 
ATOM   159 O OE1 . GLN A 1 23 ? 2.460   12.469  -11.521 1.00 126.45 ?  24  GLN A OE1 1 
ATOM   160 N NE2 . GLN A 1 23 ? 1.839   14.618  -11.556 1.00 114.79 ?  24  GLN A NE2 1 
ATOM   161 N N   . VAL A 1 24 ? -0.222  13.109  -6.608  1.00 109.88 ?  25  VAL A N   1 
ATOM   162 C CA  . VAL A 1 24 ? -0.402  12.080  -5.600  1.00 102.22 ?  25  VAL A CA  1 
ATOM   163 C C   . VAL A 1 24 ? -1.717  11.327  -5.808  1.00 118.31 ?  25  VAL A C   1 
ATOM   164 O O   . VAL A 1 24 ? -1.728  10.100  -5.713  1.00 122.89 ?  25  VAL A O   1 
ATOM   165 C CB  . VAL A 1 24 ? -0.313  12.665  -4.183  1.00 104.28 ?  25  VAL A CB  1 
ATOM   166 C CG1 . VAL A 1 24 ? -0.550  11.603  -3.122  1.00 113.63 ?  25  VAL A CG1 1 
ATOM   167 C CG2 . VAL A 1 24 ? 1.021   13.353  -3.958  1.00 104.96 ?  25  VAL A CG2 1 
ATOM   168 N N   . ILE A 1 25 ? -2.822  12.048  -6.063  1.00 115.95 ?  26  ILE A N   1 
ATOM   169 C CA  . ILE A 1 25 ? -4.085  11.386  -6.372  1.00 117.95 ?  26  ILE A CA  1 
ATOM   170 C C   . ILE A 1 25 ? -3.978  10.665  -7.722  1.00 120.31 ?  26  ILE A C   1 
ATOM   171 O O   . ILE A 1 25 ? -4.592  9.613   -7.920  1.00 116.12 ?  26  ILE A O   1 
ATOM   172 C CB  . ILE A 1 25 ? -5.347  12.289  -6.251  1.00 105.63 ?  26  ILE A CB  1 
ATOM   173 C CG1 . ILE A 1 25 ? -5.597  13.179  -7.466  1.00 107.45 ?  26  ILE A CG1 1 
ATOM   174 C CG2 . ILE A 1 25 ? -5.424  13.074  -4.949  1.00 89.02  ?  26  ILE A CG2 1 
ATOM   175 C CD1 . ILE A 1 25 ? -7.059  13.223  -7.849  1.00 116.00 ?  26  ILE A CD1 1 
ATOM   176 N N   . LEU A 1 26 ? -3.189  11.220  -8.654  1.00 113.83 ?  27  LEU A N   1 
ATOM   177 C CA  . LEU A 1 26 ? -3.010  10.545  -9.928  1.00 107.75 ?  27  LEU A CA  1 
ATOM   178 C C   . LEU A 1 26 ? -2.304  9.209   -9.701  1.00 109.05 ?  27  LEU A C   1 
ATOM   179 O O   . LEU A 1 26 ? -2.736  8.188   -10.222 1.00 105.23 ?  27  LEU A O   1 
ATOM   180 C CB  . LEU A 1 26 ? -2.204  11.415  -10.893 1.00 105.69 ?  27  LEU A CB  1 
ATOM   181 C CG  . LEU A 1 26 ? -1.559  10.639  -12.045 1.00 108.67 ?  27  LEU A CG  1 
ATOM   182 C CD1 . LEU A 1 26 ? -2.600  10.081  -13.002 1.00 98.60  ?  27  LEU A CD1 1 
ATOM   183 C CD2 . LEU A 1 26 ? -0.548  11.496  -12.788 1.00 117.18 ?  27  LEU A CD2 1 
ATOM   184 N N   . ARG A 1 27 ? -1.217  9.251   -8.919  1.00 105.32 ?  28  ARG A N   1 
ATOM   185 C CA  . ARG A 1 27 ? -0.406  8.104   -8.549  1.00 96.17  ?  28  ARG A CA  1 
ATOM   186 C C   . ARG A 1 27 ? -1.263  7.127   -7.748  1.00 97.24  ?  28  ARG A C   1 
ATOM   187 O O   . ARG A 1 27 ? -1.014  5.922   -7.763  1.00 101.40 ?  28  ARG A O   1 
ATOM   188 C CB  . ARG A 1 27 ? 0.843   8.559   -7.774  1.00 82.49  ?  28  ARG A CB  1 
ATOM   189 N N   . SER A 1 28 ? -2.284  7.663   -7.068  1.00 93.75  ?  29  SER A N   1 
ATOM   190 C CA  . SER A 1 28 ? -3.174  6.836   -6.275  1.00 94.73  ?  29  SER A CA  1 
ATOM   191 C C   . SER A 1 28 ? -4.131  6.068   -7.183  1.00 97.13  ?  29  SER A C   1 
ATOM   192 O O   . SER A 1 28 ? -4.513  4.947   -6.868  1.00 95.61  ?  29  SER A O   1 
ATOM   193 C CB  . SER A 1 28 ? -3.899  7.640   -5.249  1.00 88.45  ?  29  SER A CB  1 
ATOM   194 O OG  . SER A 1 28 ? -2.960  8.425   -4.538  1.00 105.79 ?  29  SER A OG  1 
ATOM   195 N N   . ASN A 1 29 ? -4.508  6.656   -8.322  1.00 92.22  ?  30  ASN A N   1 
ATOM   196 C CA  . ASN A 1 29 ? -5.379  5.917   -9.217  1.00 85.20  ?  30  ASN A CA  1 
ATOM   197 C C   . ASN A 1 29 ? -4.637  4.729   -9.810  1.00 93.10  ?  30  ASN A C   1 
ATOM   198 O O   . ASN A 1 29 ? -5.135  3.604   -9.764  1.00 98.95  ?  30  ASN A O   1 
ATOM   199 C CB  . ASN A 1 29 ? -6.036  6.814   -10.251 1.00 88.14  ?  30  ASN A CB  1 
ATOM   200 C CG  . ASN A 1 29 ? -7.037  7.738   -9.600  1.00 85.90  ?  30  ASN A CG  1 
ATOM   201 O OD1 . ASN A 1 29 ? -7.809  7.329   -8.738  1.00 93.09  ?  30  ASN A OD1 1 
ATOM   202 N ND2 . ASN A 1 29 ? -7.012  8.993   -9.995  1.00 102.83 ?  30  ASN A ND2 1 
ATOM   203 N N   . ASN A 1 30 ? -3.426  5.008   -10.305 1.00 99.04  ?  31  ASN A N   1 
ATOM   204 C CA  . ASN A 1 30 ? -2.515  4.055   -10.913 1.00 87.57  ?  31  ASN A CA  1 
ATOM   205 C C   . ASN A 1 30 ? -2.259  2.884   -9.979  1.00 89.11  ?  31  ASN A C   1 
ATOM   206 O O   . ASN A 1 30 ? -2.268  1.726   -10.398 1.00 105.97 ?  31  ASN A O   1 
ATOM   207 C CB  . ASN A 1 30 ? -1.184  4.721   -11.230 1.00 91.50  ?  31  ASN A CB  1 
ATOM   208 C CG  . ASN A 1 30 ? -1.318  5.743   -12.334 1.00 110.01 ?  31  ASN A CG  1 
ATOM   209 O OD1 . ASN A 1 30 ? -2.312  5.753   -13.060 1.00 121.33 ?  31  ASN A OD1 1 
ATOM   210 N ND2 . ASN A 1 30 ? -0.323  6.605   -12.470 1.00 118.64 ?  31  ASN A ND2 1 
ATOM   211 N N   . LEU A 1 31 ? -2.038  3.202   -8.705  1.00 79.21  ?  32  LEU A N   1 
ATOM   212 C CA  . LEU A 1 31 ? -1.814  2.166   -7.708  1.00 89.73  ?  32  LEU A CA  1 
ATOM   213 C C   . LEU A 1 31 ? -3.071  1.310   -7.494  1.00 93.75  ?  32  LEU A C   1 
ATOM   214 O O   . LEU A 1 31 ? -2.969  0.097   -7.283  1.00 89.99  ?  32  LEU A O   1 
ATOM   215 C CB  . LEU A 1 31 ? -1.321  2.836   -6.419  1.00 77.50  ?  32  LEU A CB  1 
ATOM   216 C CG  . LEU A 1 31 ? -0.702  1.918   -5.371  1.00 82.07  ?  32  LEU A CG  1 
ATOM   217 C CD1 . LEU A 1 31 ? 0.552   1.235   -5.897  1.00 79.42  ?  32  LEU A CD1 1 
ATOM   218 C CD2 . LEU A 1 31 ? -0.361  2.727   -4.133  1.00 98.97  ?  32  LEU A CD2 1 
ATOM   219 N N   . ALA A 1 32 ? -4.258  1.936   -7.542  1.00 89.05  ?  33  ALA A N   1 
ATOM   220 C CA  . ALA A 1 32 ? -5.495  1.204   -7.333  1.00 76.67  ?  33  ALA A CA  1 
ATOM   221 C C   . ALA A 1 32 ? -5.737  0.280   -8.522  1.00 81.20  ?  33  ALA A C   1 
ATOM   222 O O   . ALA A 1 32 ? -6.208  -0.845  -8.355  1.00 82.06  ?  33  ALA A O   1 
ATOM   223 C CB  . ALA A 1 32 ? -6.641  2.153   -7.135  1.00 64.73  ?  33  ALA A CB  1 
ATOM   224 N N   . ALA A 1 33 ? -5.400  0.772   -9.721  1.00 80.07  ?  34  ALA A N   1 
ATOM   225 C CA  . ALA A 1 33 ? -5.589  0.016   -10.952 1.00 79.48  ?  34  ALA A CA  1 
ATOM   226 C C   . ALA A 1 33 ? -4.781  -1.280  -10.882 1.00 85.28  ?  34  ALA A C   1 
ATOM   227 O O   . ALA A 1 33 ? -5.282  -2.359  -11.194 1.00 84.60  ?  34  ALA A O   1 
ATOM   228 C CB  . ALA A 1 33 ? -5.176  0.873   -12.117 1.00 62.68  ?  34  ALA A CB  1 
ATOM   229 N N   . ILE A 1 34 ? -3.526  -1.173  -10.432 1.00 86.07  ?  35  ILE A N   1 
ATOM   230 C CA  . ILE A 1 34 ? -2.714  -2.362  -10.262 1.00 77.19  ?  35  ILE A CA  1 
ATOM   231 C C   . ILE A 1 34 ? -3.370  -3.292  -9.247  1.00 77.32  ?  35  ILE A C   1 
ATOM   232 O O   . ILE A 1 34 ? -3.318  -4.506  -9.407  1.00 78.14  ?  35  ILE A O   1 
ATOM   233 C CB  . ILE A 1 34 ? -1.302  -2.000  -9.786  1.00 83.19  ?  35  ILE A CB  1 
ATOM   234 C CG1 . ILE A 1 34 ? -0.502  -1.227  -10.834 1.00 77.53  ?  35  ILE A CG1 1 
ATOM   235 C CG2 . ILE A 1 34 ? -0.594  -3.269  -9.331  1.00 82.37  ?  35  ILE A CG2 1 
ATOM   236 C CD1 . ILE A 1 34 ? 0.927   -0.956  -10.429 1.00 81.21  ?  35  ILE A CD1 1 
ATOM   237 N N   . LEU A 1 35 ? -3.893  -2.733  -8.150  1.00 75.19  ?  36  LEU A N   1 
ATOM   238 C CA  . LEU A 1 35 ? -4.358  -3.605  -7.087  1.00 77.58  ?  36  LEU A CA  1 
ATOM   239 C C   . LEU A 1 35 ? -5.589  -4.354  -7.578  1.00 86.28  ?  36  LEU A C   1 
ATOM   240 O O   . LEU A 1 35 ? -5.748  -5.552  -7.307  1.00 79.89  ?  36  LEU A O   1 
ATOM   241 C CB  . LEU A 1 35 ? -4.612  -2.821  -5.794  1.00 72.50  ?  36  LEU A CB  1 
ATOM   242 C CG  . LEU A 1 35 ? -3.369  -2.444  -4.976  1.00 83.38  ?  36  LEU A CG  1 
ATOM   243 C CD1 . LEU A 1 35 ? -3.753  -2.033  -3.565  1.00 75.36  ?  36  LEU A CD1 1 
ATOM   244 C CD2 . LEU A 1 35 ? -2.350  -3.581  -4.899  1.00 77.52  ?  36  LEU A CD2 1 
ATOM   245 N N   . GLN A 1 36 ? -6.408  -3.620  -8.344  1.00 91.20  ?  37  GLN A N   1 
ATOM   246 C CA  . GLN A 1 36 ? -7.716  -4.080  -8.767  1.00 90.11  ?  37  GLN A CA  1 
ATOM   247 C C   . GLN A 1 36 ? -7.501  -5.063  -9.906  1.00 80.07  ?  37  GLN A C   1 
ATOM   248 O O   . GLN A 1 36 ? -8.078  -6.142  -9.899  1.00 78.29  ?  37  GLN A O   1 
ATOM   249 C CB  . GLN A 1 36 ? -8.620  -2.898  -9.111  1.00 100.50 ?  37  GLN A CB  1 
ATOM   250 C CG  . GLN A 1 36 ? -10.019 -3.296  -9.543  1.00 111.64 ?  37  GLN A CG  1 
ATOM   251 C CD  . GLN A 1 36 ? -10.751 -2.122  -10.148 1.00 121.10 ?  37  GLN A CD  1 
ATOM   252 O OE1 . GLN A 1 36 ? -10.362 -0.967  -9.986  1.00 110.88 ?  37  GLN A OE1 1 
ATOM   253 N NE2 . GLN A 1 36 ? -11.821 -2.413  -10.873 1.00 136.57 ?  37  GLN A NE2 1 
ATOM   254 N N   . GLY A 1 37 ? -6.576  -4.713  -10.806 1.00 78.45  ?  38  GLY A N   1 
ATOM   255 C CA  . GLY A 1 37 ? -6.025  -5.619  -11.805 1.00 84.73  ?  38  GLY A CA  1 
ATOM   256 C C   . GLY A 1 37 ? -5.516  -6.981  -11.301 1.00 82.42  ?  38  GLY A C   1 
ATOM   257 O O   . GLY A 1 37 ? -5.362  -7.909  -12.092 1.00 110.61 ?  38  GLY A O   1 
ATOM   258 N N   . ASN A 1 38 ? -5.263  -7.118  -9.998  1.00 79.97  ?  39  ASN A N   1 
ATOM   259 C CA  . ASN A 1 38 ? -4.571  -8.281  -9.485  1.00 73.33  ?  39  ASN A CA  1 
ATOM   260 C C   . ASN A 1 38 ? -5.448  -8.978  -8.462  1.00 77.74  ?  39  ASN A C   1 
ATOM   261 O O   . ASN A 1 38 ? -4.956  -9.807  -7.688  1.00 84.43  ?  39  ASN A O   1 
ATOM   262 C CB  . ASN A 1 38 ? -3.274  -7.911  -8.769  1.00 89.64  ?  39  ASN A CB  1 
ATOM   263 C CG  . ASN A 1 38 ? -2.063  -7.892  -9.676  1.00 93.72  ?  39  ASN A CG  1 
ATOM   264 O OD1 . ASN A 1 38 ? -1.292  -8.861  -9.735  1.00 77.06  ?  39  ASN A OD1 1 
ATOM   265 N ND2 . ASN A 1 38 ? -1.880  -6.778  -10.367 1.00 87.00  ?  39  ASN A ND2 1 
ATOM   266 N N   . GLY A 1 39 ? -6.729  -8.601  -8.456  1.00 68.93  ?  40  GLY A N   1 
ATOM   267 C CA  . GLY A 1 39 ? -7.684  -9.256  -7.577  1.00 70.28  ?  40  GLY A CA  1 
ATOM   268 C C   . GLY A 1 39 ? -7.597  -8.811  -6.115  1.00 79.64  ?  40  GLY A C   1 
ATOM   269 O O   . GLY A 1 39 ? -8.169  -9.464  -5.235  1.00 78.79  ?  40  GLY A O   1 
ATOM   270 N N   . ILE A 1 40 ? -6.922  -7.680  -5.846  1.00 75.85  ?  41  ILE A N   1 
ATOM   271 C CA  . ILE A 1 40 ? -6.586  -7.378  -4.461  1.00 80.99  ?  41  ILE A CA  1 
ATOM   272 C C   . ILE A 1 40 ? -7.543  -6.292  -3.994  1.00 74.05  ?  41  ILE A C   1 
ATOM   273 O O   . ILE A 1 40 ? -7.549  -5.212  -4.569  1.00 78.16  ?  41  ILE A O   1 
ATOM   274 C CB  . ILE A 1 40 ? -5.077  -7.023  -4.295  1.00 85.73  ?  41  ILE A CB  1 
ATOM   275 C CG1 . ILE A 1 40 ? -4.167  -8.220  -4.583  1.00 76.58  ?  41  ILE A CG1 1 
ATOM   276 C CG2 . ILE A 1 40 ? -4.744  -6.456  -2.917  1.00 76.56  ?  41  ILE A CG2 1 
ATOM   277 C CD1 . ILE A 1 40 ? -2.749  -7.801  -4.835  1.00 94.51  ?  41  ILE A CD1 1 
ATOM   278 N N   . LYS A 1 41 ? -8.394  -6.612  -3.010  1.00 72.76  ?  42  LYS A N   1 
ATOM   279 C CA  . LYS A 1 41 ? -9.312  -5.616  -2.458  1.00 83.50  ?  42  LYS A CA  1 
ATOM   280 C C   . LYS A 1 41 ? -8.501  -4.673  -1.563  1.00 76.72  ?  42  LYS A C   1 
ATOM   281 O O   . LYS A 1 41 ? -7.473  -5.080  -1.035  1.00 78.36  ?  42  LYS A O   1 
ATOM   282 C CB  . LYS A 1 41 ? -10.552 -6.267  -1.804  1.00 64.40  ?  42  LYS A CB  1 
ATOM   283 N N   . PHE A 1 42 ? -8.968  -3.427  -1.386  1.00 90.14  ?  43  PHE A N   1 
ATOM   284 C CA  . PHE A 1 42 ? -8.255  -2.447  -0.572  1.00 82.60  ?  43  PHE A CA  1 
ATOM   285 C C   . PHE A 1 42 ? -9.132  -1.272  -0.110  1.00 79.16  ?  43  PHE A C   1 
ATOM   286 O O   . PHE A 1 42 ? -10.099 -0.901  -0.762  1.00 103.15 ?  43  PHE A O   1 
ATOM   287 C CB  . PHE A 1 42 ? -7.046  -1.952  -1.364  1.00 75.44  ?  43  PHE A CB  1 
ATOM   288 C CG  . PHE A 1 42 ? -7.391  -1.009  -2.481  1.00 69.79  ?  43  PHE A CG  1 
ATOM   289 C CD1 . PHE A 1 42 ? -7.488  0.350   -2.246  1.00 65.13  ?  43  PHE A CD1 1 
ATOM   290 C CD2 . PHE A 1 42 ? -7.606  -1.472  -3.767  1.00 82.18  ?  43  PHE A CD2 1 
ATOM   291 C CE1 . PHE A 1 42 ? -7.776  1.232   -3.282  1.00 71.68  ?  43  PHE A CE1 1 
ATOM   292 C CE2 . PHE A 1 42 ? -7.917  -0.590  -4.796  1.00 91.61  ?  43  PHE A CE2 1 
ATOM   293 C CZ  . PHE A 1 42 ? -8.013  0.763   -4.551  1.00 72.69  ?  43  PHE A CZ  1 
ATOM   294 N N   . GLU A 1 43 ? -8.784  -0.669  1.035   1.00 87.92  ?  44  GLU A N   1 
ATOM   295 C CA  . GLU A 1 43 ? -9.393  0.573   1.488   1.00 79.03  ?  44  GLU A CA  1 
ATOM   296 C C   . GLU A 1 43 ? -8.309  1.644   1.514   1.00 80.39  ?  44  GLU A C   1 
ATOM   297 O O   . GLU A 1 43 ? -7.164  1.330   1.829   1.00 98.46  ?  44  GLU A O   1 
ATOM   298 C CB  . GLU A 1 43 ? -9.950  0.457   2.909   1.00 77.48  ?  44  GLU A CB  1 
ATOM   299 C CG  . GLU A 1 43 ? -11.130 -0.473  3.111   1.00 86.87  ?  44  GLU A CG  1 
ATOM   300 C CD  . GLU A 1 43 ? -11.517 -0.681  4.572   1.00 105.10 ?  44  GLU A CD  1 
ATOM   301 O OE1 . GLU A 1 43 ? -11.378 0.282   5.360   1.00 124.60 ?  44  GLU A OE1 1 
ATOM   302 O OE2 . GLU A 1 43 ? -11.962 -1.801  4.932   1.00 114.13 -1 44  GLU A OE2 1 
ATOM   303 N N   . TYR A 1 44 ? -8.683  2.894   1.193   1.00 84.03  ?  45  TYR A N   1 
ATOM   304 C CA  . TYR A 1 44 ? -7.815  4.058   1.313   1.00 82.73  ?  45  TYR A CA  1 
ATOM   305 C C   . TYR A 1 44 ? -7.721  4.527   2.769   1.00 89.86  ?  45  TYR A C   1 
ATOM   306 O O   . TYR A 1 44 ? -8.635  4.311   3.569   1.00 85.88  ?  45  TYR A O   1 
ATOM   307 C CB  . TYR A 1 44 ? -8.360  5.209   0.478   1.00 74.07  ?  45  TYR A CB  1 
ATOM   308 C CG  . TYR A 1 44 ? -8.037  5.159   -0.990  1.00 78.25  ?  45  TYR A CG  1 
ATOM   309 C CD1 . TYR A 1 44 ? -6.796  5.551   -1.453  1.00 83.38  ?  45  TYR A CD1 1 
ATOM   310 C CD2 . TYR A 1 44 ? -8.986  4.785   -1.927  1.00 81.60  ?  45  TYR A CD2 1 
ATOM   311 C CE1 . TYR A 1 44 ? -6.493  5.555   -2.805  1.00 91.61  ?  45  TYR A CE1 1 
ATOM   312 C CE2 . TYR A 1 44 ? -8.695  4.752   -3.283  1.00 71.94  ?  45  TYR A CE2 1 
ATOM   313 C CZ  . TYR A 1 44 ? -7.445  5.156   -3.726  1.00 93.89  ?  45  TYR A CZ  1 
ATOM   314 O OH  . TYR A 1 44 ? -7.124  5.179   -5.057  1.00 93.87  ?  45  TYR A OH  1 
ATOM   315 N N   . ARG A 1 45 ? -6.570  5.121   3.121   1.00 97.86  ?  46  ARG A N   1 
ATOM   316 C CA  . ARG A 1 45 ? -6.347  5.777   4.407   1.00 81.43  ?  46  ARG A CA  1 
ATOM   317 C C   . ARG A 1 45 ? -5.752  7.144   4.099   1.00 84.94  ?  46  ARG A C   1 
ATOM   318 O O   . ARG A 1 45 ? -4.828  7.224   3.282   1.00 80.34  ?  46  ARG A O   1 
ATOM   319 C CB  . ARG A 1 45 ? -5.385  4.984   5.300   1.00 71.07  ?  46  ARG A CB  1 
ATOM   320 C CG  . ARG A 1 45 ? -5.931  3.654   5.792   1.00 66.54  ?  46  ARG A CG  1 
ATOM   321 C CD  . ARG A 1 45 ? -6.692  3.833   7.077   1.00 91.18  ?  46  ARG A CD  1 
ATOM   322 N NE  . ARG A 1 45 ? -6.610  2.575   7.793   1.00 122.88 ?  46  ARG A NE  1 
ATOM   323 C CZ  . ARG A 1 45 ? -5.562  2.194   8.515   1.00 137.96 ?  46  ARG A CZ  1 
ATOM   324 N NH1 . ARG A 1 45 ? -4.530  3.008   8.652   1.00 127.16 ?  46  ARG A NH1 1 
ATOM   325 N NH2 . ARG A 1 45 ? -5.559  1.020   9.124   1.00 158.00 ?  46  ARG A NH2 1 
ATOM   326 N N   . ASP A 1 46 ? -6.341  8.199   4.693   1.00 79.52  ?  47  ASP A N   1 
ATOM   327 C CA  . ASP A 1 46 ? -5.897  9.570   4.499   1.00 92.82  ?  47  ASP A CA  1 
ATOM   328 C C   . ASP A 1 46 ? -4.965  9.951   5.647   1.00 106.96 ?  47  ASP A C   1 
ATOM   329 O O   . ASP A 1 46 ? -5.252  9.679   6.808   1.00 94.72  ?  47  ASP A O   1 
ATOM   330 C CB  . ASP A 1 46 ? -7.086  10.521  4.415   1.00 98.42  ?  47  ASP A CB  1 
ATOM   331 C CG  . ASP A 1 46 ? -6.818  11.881  3.784   1.00 111.86 ?  47  ASP A CG  1 
ATOM   332 O OD1 . ASP A 1 46 ? -6.131  11.934  2.733   1.00 91.08  ?  47  ASP A OD1 1 
ATOM   333 O OD2 . ASP A 1 46 ? -7.358  12.884  4.321   1.00 125.14 -1 47  ASP A OD2 1 
ATOM   334 N N   . LEU A 1 47 ? -3.839  10.586  5.313   1.00 113.16 ?  48  LEU A N   1 
ATOM   335 C CA  . LEU A 1 47 ? -2.856  10.942  6.323   1.00 122.47 ?  48  LEU A CA  1 
ATOM   336 C C   . LEU A 1 47 ? -3.128  12.357  6.827   1.00 118.79 ?  48  LEU A C   1 
ATOM   337 O O   . LEU A 1 47 ? -2.319  12.934  7.549   1.00 158.11 ?  48  LEU A O   1 
ATOM   338 C CB  . LEU A 1 47 ? -1.457  10.818  5.706   1.00 112.68 ?  48  LEU A CB  1 
ATOM   339 C CG  . LEU A 1 47 ? -0.697  9.543   6.054   1.00 107.62 ?  48  LEU A CG  1 
ATOM   340 C CD1 . LEU A 1 47 ? -1.512  8.313   5.682   1.00 110.48 ?  48  LEU A CD1 1 
ATOM   341 C CD2 . LEU A 1 47 ? 0.659   9.527   5.378   1.00 82.31  ?  48  LEU A CD2 1 
ATOM   342 N N   . GLY A 1 48 ? -4.259  12.909  6.383   1.00 99.78  ?  49  GLY A N   1 
ATOM   343 C CA  . GLY A 1 48 ? -4.732  14.221  6.777   1.00 103.44 ?  49  GLY A CA  1 
ATOM   344 C C   . GLY A 1 48 ? -5.669  14.130  7.980   1.00 109.36 ?  49  GLY A C   1 
ATOM   345 O O   . GLY A 1 48 ? -5.881  15.125  8.665   1.00 130.52 ?  49  GLY A O   1 
ATOM   346 N N   . THR A 1 49 ? -6.171  12.917  8.254   1.00 99.94  ?  50  THR A N   1 
ATOM   347 C CA  . THR A 1 49 ? -7.312  12.709  9.127   1.00 102.69 ?  50  THR A CA  1 
ATOM   348 C C   . THR A 1 49 ? -7.158  11.378  9.859   1.00 101.96 ?  50  THR A C   1 
ATOM   349 O O   . THR A 1 49 ? -8.010  11.015  10.669  1.00 103.32 ?  50  THR A O   1 
ATOM   350 C CB  . THR A 1 49 ? -8.642  12.811  8.357   1.00 124.48 ?  50  THR A CB  1 
ATOM   351 O OG1 . THR A 1 49 ? -8.692  11.866  7.287   1.00 125.74 ?  50  THR A OG1 1 
ATOM   352 C CG2 . THR A 1 49 ? -8.940  14.192  7.812   1.00 114.57 ?  50  THR A CG2 1 
ATOM   353 N N   . ASP A 1 50 ? -6.054  10.663  9.601   1.00 120.02 ?  51  ASP A N   1 
ATOM   354 C CA  . ASP A 1 50 ? -5.804  9.410   10.304  1.00 126.85 ?  51  ASP A CA  1 
ATOM   355 C C   . ASP A 1 50 ? -4.443  9.461   10.997  1.00 118.85 ?  51  ASP A C   1 
ATOM   356 O O   . ASP A 1 50 ? -3.454  8.995   10.450  1.00 125.86 ?  51  ASP A O   1 
ATOM   357 C CB  . ASP A 1 50 ? -5.940  8.204   9.365   1.00 118.81 ?  51  ASP A CB  1 
ATOM   358 C CG  . ASP A 1 50 ? -6.190  6.880   10.067  1.00 120.57 ?  51  ASP A CG  1 
ATOM   359 O OD1 . ASP A 1 50 ? -5.683  6.717   11.195  1.00 121.02 ?  51  ASP A OD1 1 
ATOM   360 O OD2 . ASP A 1 50 ? -6.907  6.020   9.482   1.00 128.65 -1 51  ASP A OD2 1 
ATOM   361 N N   . GLU A 1 51 ? -4.408  10.010  12.215  1.00 115.69 ?  52  GLU A N   1 
ATOM   362 C CA  . GLU A 1 51 ? -3.195  10.064  13.014  1.00 113.14 ?  52  GLU A CA  1 
ATOM   363 C C   . GLU A 1 51 ? -2.571  8.664   13.064  1.00 108.39 ?  52  GLU A C   1 
ATOM   364 O O   . GLU A 1 51 ? -1.392  8.493   12.766  1.00 113.68 ?  52  GLU A O   1 
ATOM   365 C CB  . GLU A 1 51 ? -3.484  10.704  14.382  1.00 96.25  ?  52  GLU A CB  1 
ATOM   366 N N   . GLU A 1 52 ? -3.365  7.640   13.399  1.00 104.35 ?  53  GLU A N   1 
ATOM   367 C CA  . GLU A 1 52 ? -2.847  6.277   13.432  1.00 110.56 ?  53  GLU A CA  1 
ATOM   368 C C   . GLU A 1 52 ? -2.012  5.956   12.185  1.00 125.48 ?  53  GLU A C   1 
ATOM   369 O O   . GLU A 1 52 ? -0.969  5.338   12.323  1.00 135.41 ?  53  GLU A O   1 
ATOM   370 C CB  . GLU A 1 52 ? -3.943  5.242   13.709  1.00 90.15  ?  53  GLU A CB  1 
ATOM   371 N N   . ALA A 1 53 ? -2.436  6.411   10.991  1.00 128.81 ?  54  ALA A N   1 
ATOM   372 C CA  . ALA A 1 53 ? -1.850  6.030   9.707   1.00 106.25 ?  54  ALA A CA  1 
ATOM   373 C C   . ALA A 1 53 ? -0.606  6.846   9.357   1.00 104.02 ?  54  ALA A C   1 
ATOM   374 O O   . ALA A 1 53 ? 0.351   6.307   8.815   1.00 118.42 ?  54  ALA A O   1 
ATOM   375 C CB  . ALA A 1 53 ? -2.875  6.142   8.605   1.00 109.63 ?  54  ALA A CB  1 
ATOM   376 N N   . LYS A 1 54 ? -0.653  8.153   9.619   1.00 101.00 ?  55  LYS A N   1 
ATOM   377 C CA  . LYS A 1 54 ? 0.482   9.057   9.508   1.00 108.54 ?  55  LYS A CA  1 
ATOM   378 C C   . LYS A 1 54 ? 1.691   8.445   10.222  1.00 115.74 ?  55  LYS A C   1 
ATOM   379 O O   . LYS A 1 54 ? 2.835   8.628   9.786   1.00 87.58  ?  55  LYS A O   1 
ATOM   380 C CB  . LYS A 1 54 ? 0.088   10.368  10.200  1.00 110.53 ?  55  LYS A CB  1 
ATOM   381 C CG  . LYS A 1 54 ? 0.809   11.640  9.772   1.00 120.48 ?  55  LYS A CG  1 
ATOM   382 C CD  . LYS A 1 54 ? 0.543   12.829  10.701  1.00 129.68 ?  55  LYS A CD  1 
ATOM   383 C CE  . LYS A 1 54 ? -0.914  13.213  10.870  1.00 143.68 ?  55  LYS A CE  1 
ATOM   384 N NZ  . LYS A 1 54 ? -1.332  14.212  9.856   1.00 157.15 ?  55  LYS A NZ  1 
ATOM   385 N N   . LYS A 1 55 ? 1.399   7.724   11.324  1.00 104.82 ?  56  LYS A N   1 
ATOM   386 C CA  . LYS A 1 55 ? 2.370   7.181   12.263  1.00 98.25  ?  56  LYS A CA  1 
ATOM   387 C C   . LYS A 1 55 ? 2.767   5.757   11.883  1.00 112.28 ?  56  LYS A C   1 
ATOM   388 O O   . LYS A 1 55 ? 3.516   5.114   12.612  1.00 138.54 ?  56  LYS A O   1 
ATOM   389 C CB  . LYS A 1 55 ? 1.828   7.239   13.696  1.00 81.88  ?  56  LYS A CB  1 
ATOM   390 N N   . ILE A 1 56 ? 2.266   5.252   10.753  1.00 118.97 ?  57  ILE A N   1 
ATOM   391 C CA  . ILE A 1 56 ? 2.863   4.047   10.200  1.00 97.17  ?  57  ILE A CA  1 
ATOM   392 C C   . ILE A 1 56 ? 3.756   4.504   9.060   1.00 93.04  ?  57  ILE A C   1 
ATOM   393 O O   . ILE A 1 56 ? 4.894   4.063   8.928   1.00 96.17  ?  57  ILE A O   1 
ATOM   394 C CB  . ILE A 1 56 ? 1.828   2.985   9.764   1.00 105.20 ?  57  ILE A CB  1 
ATOM   395 C CG1 . ILE A 1 56 ? 1.206   2.251   10.958  1.00 101.59 ?  57  ILE A CG1 1 
ATOM   396 C CG2 . ILE A 1 56 ? 2.439   1.991   8.774   1.00 94.40  ?  57  ILE A CG2 1 
ATOM   397 C CD1 . ILE A 1 56 ? -0.161  2.741   11.354  1.00 91.59  ?  57  ILE A CD1 1 
ATOM   398 N N   . TRP A 1 57 ? 3.246   5.443   8.266   1.00 83.35  ?  58  TRP A N   1 
ATOM   399 C CA  . TRP A 1 57 ? 4.080   5.888   7.172   1.00 93.35  ?  58  TRP A CA  1 
ATOM   400 C C   . TRP A 1 57 ? 5.355   6.493   7.734   1.00 111.53 ?  58  TRP A C   1 
ATOM   401 O O   . TRP A 1 57 ? 6.403   6.310   7.123   1.00 122.77 ?  58  TRP A O   1 
ATOM   402 C CB  . TRP A 1 57 ? 3.333   6.897   6.335   1.00 83.65  ?  58  TRP A CB  1 
ATOM   403 C CG  . TRP A 1 57 ? 3.915   7.146   4.988   1.00 79.00  ?  58  TRP A CG  1 
ATOM   404 C CD1 . TRP A 1 57 ? 4.522   8.291   4.574   1.00 80.67  ?  58  TRP A CD1 1 
ATOM   405 C CD2 . TRP A 1 57 ? 3.822   6.292   3.833   1.00 90.02  ?  58  TRP A CD2 1 
ATOM   406 N NE1 . TRP A 1 57 ? 4.855   8.193   3.251   1.00 95.72  ?  58  TRP A NE1 1 
ATOM   407 C CE2 . TRP A 1 57 ? 4.435   6.983   2.765   1.00 96.25  ?  58  TRP A CE2 1 
ATOM   408 C CE3 . TRP A 1 57 ? 3.295   5.016   3.595   1.00 87.31  ?  58  TRP A CE3 1 
ATOM   409 C CZ2 . TRP A 1 57 ? 4.529   6.446   1.479   1.00 101.44 ?  58  TRP A CZ2 1 
ATOM   410 C CZ3 . TRP A 1 57 ? 3.401   4.475   2.333   1.00 93.25  ?  58  TRP A CZ3 1 
ATOM   411 C CH2 . TRP A 1 57 ? 4.011   5.184   1.290   1.00 105.20 ?  58  TRP A CH2 1 
ATOM   412 N N   . LYS A 1 58 ? 5.234   7.177   8.892   1.00 120.29 ?  59  LYS A N   1 
ATOM   413 C CA  . LYS A 1 58 ? 6.343   7.772   9.633   1.00 116.24 ?  59  LYS A CA  1 
ATOM   414 C C   . LYS A 1 58 ? 7.411   6.720   9.920   1.00 112.25 ?  59  LYS A C   1 
ATOM   415 O O   . LYS A 1 58 ? 8.482   6.738   9.305   1.00 102.12 ?  59  LYS A O   1 
ATOM   416 C CB  . LYS A 1 58 ? 5.883   8.366   10.969  1.00 115.55 ?  59  LYS A CB  1 
ATOM   417 N N   . ARG A 1 59 ? 7.104   5.814   10.858  1.00 90.77  ?  60  ARG A N   1 
ATOM   418 C CA  . ARG A 1 59 ? 7.965   4.672   11.121  1.00 89.29  ?  60  ARG A CA  1 
ATOM   419 C C   . ARG A 1 59 ? 8.525   4.082   9.812   1.00 108.43 ?  60  ARG A C   1 
ATOM   420 O O   . ARG A 1 59 ? 9.709   4.260   9.521   1.00 104.80 ?  60  ARG A O   1 
ATOM   421 C CB  . ARG A 1 59 ? 7.248   3.682   12.048  1.00 79.89  ?  60  ARG A CB  1 
ATOM   422 N N   . GLN A 1 60 ? 7.668   3.481   8.962   1.00 110.75 ?  61  GLN A N   1 
ATOM   423 C CA  . GLN A 1 60 ? 8.075   2.435   8.024   1.00 97.89  ?  61  GLN A CA  1 
ATOM   424 C C   . GLN A 1 60 ? 8.479   2.906   6.619   1.00 95.46  ?  61  GLN A C   1 
ATOM   425 O O   . GLN A 1 60 ? 9.197   2.205   5.917   1.00 114.16 ?  61  GLN A O   1 
ATOM   426 C CB  . GLN A 1 60 ? 7.002   1.354   7.960   1.00 86.19  ?  61  GLN A CB  1 
ATOM   427 C CG  . GLN A 1 60 ? 6.525   0.942   9.345   1.00 102.09 ?  61  GLN A CG  1 
ATOM   428 C CD  . GLN A 1 60 ? 5.699   -0.326  9.368   1.00 105.42 ?  61  GLN A CD  1 
ATOM   429 O OE1 . GLN A 1 60 ? 5.968   -1.294  8.654   1.00 107.05 ?  61  GLN A OE1 1 
ATOM   430 N NE2 . GLN A 1 60 ? 4.694   -0.346  10.225  1.00 85.76  ?  61  GLN A NE2 1 
ATOM   431 N N   . ALA A 1 61 ? 8.052   4.075   6.165   1.00 90.40  ?  62  ALA A N   1 
ATOM   432 C CA  . ALA A 1 61 ? 8.184   4.311   4.739   1.00 91.03  ?  62  ALA A CA  1 
ATOM   433 C C   . ALA A 1 61 ? 9.579   4.793   4.360   1.00 105.28 ?  62  ALA A C   1 
ATOM   434 O O   . ALA A 1 61 ? 9.837   5.028   3.173   1.00 102.46 ?  62  ALA A O   1 
ATOM   435 C CB  . ALA A 1 61 ? 7.149   5.312   4.309   1.00 112.67 ?  62  ALA A CB  1 
ATOM   436 N N   . ASN A 1 62 ? 10.423  5.008   5.384   1.00 127.88 ?  63  ASN A N   1 
ATOM   437 C CA  . ASN A 1 62 ? 11.667  5.760   5.258   1.00 111.84 ?  63  ASN A CA  1 
ATOM   438 C C   . ASN A 1 62 ? 11.420  7.018   4.428   1.00 109.52 ?  63  ASN A C   1 
ATOM   439 O O   . ASN A 1 62 ? 12.088  7.216   3.408   1.00 91.93  ?  63  ASN A O   1 
ATOM   440 C CB  . ASN A 1 62 ? 12.810  4.894   4.723   1.00 99.02  ?  63  ASN A CB  1 
ATOM   441 C CG  . ASN A 1 62 ? 13.266  3.881   5.752   1.00 127.30 ?  63  ASN A CG  1 
ATOM   442 O OD1 . ASN A 1 62 ? 12.542  3.558   6.702   1.00 112.93 ?  63  ASN A OD1 1 
ATOM   443 N ND2 . ASN A 1 62 ? 14.481  3.383   5.581   1.00 141.18 ?  63  ASN A ND2 1 
ATOM   444 N N   . GLY A 1 63 ? 10.433  7.817   4.890   1.00 99.70  ?  64  GLY A N   1 
ATOM   445 C CA  . GLY A 1 63 ? 9.876   8.977   4.212   1.00 85.66  ?  64  GLY A CA  1 
ATOM   446 C C   . GLY A 1 63 ? 10.013  8.892   2.691   1.00 107.89 ?  64  GLY A C   1 
ATOM   447 O O   . GLY A 1 63 ? 10.519  9.826   2.066   1.00 104.94 ?  64  GLY A O   1 
ATOM   448 N N   . LYS A 1 64 ? 9.570   7.771   2.094   1.00 108.84 ?  65  LYS A N   1 
ATOM   449 C CA  . LYS A 1 64 ? 9.401   7.750   0.647   1.00 114.79 ?  65  LYS A CA  1 
ATOM   450 C C   . LYS A 1 64 ? 8.070   8.410   0.297   1.00 106.12 ?  65  LYS A C   1 
ATOM   451 O O   . LYS A 1 64 ? 7.190   8.498   1.151   1.00 106.87 ?  65  LYS A O   1 
ATOM   452 C CB  . LYS A 1 64 ? 9.562   6.350   0.040   1.00 123.47 ?  65  LYS A CB  1 
ATOM   453 C CG  . LYS A 1 64 ? 11.007  5.906   -0.154  1.00 131.32 ?  65  LYS A CG  1 
ATOM   454 C CD  . LYS A 1 64 ? 11.203  4.429   -0.445  1.00 114.63 ?  65  LYS A CD  1 
ATOM   455 C CE  . LYS A 1 64 ? 10.481  3.529   0.538   1.00 112.38 ?  65  LYS A CE  1 
ATOM   456 N NZ  . LYS A 1 64 ? 11.327  3.004   1.633   1.00 89.38  ?  65  LYS A NZ  1 
ATOM   457 N N   . THR A 1 65 ? 7.935   8.813   -0.977  1.00 106.82 ?  66  THR A N   1 
ATOM   458 C CA  . THR A 1 65 ? 6.968   9.780   -1.482  1.00 100.50 ?  66  THR A CA  1 
ATOM   459 C C   . THR A 1 65 ? 5.642   9.153   -1.926  1.00 120.81 ?  66  THR A C   1 
ATOM   460 O O   . THR A 1 65 ? 5.572   7.954   -2.188  1.00 122.32 ?  66  THR A O   1 
ATOM   461 C CB  . THR A 1 65 ? 7.573   10.511  -2.685  1.00 98.71  ?  66  THR A CB  1 
ATOM   462 O OG1 . THR A 1 65 ? 6.773   11.644  -3.010  1.00 133.42 ?  66  THR A OG1 1 
ATOM   463 C CG2 . THR A 1 65 ? 7.730   9.642   -3.912  1.00 89.43  ?  66  THR A CG2 1 
ATOM   464 N N   . LEU A 1 66 ? 4.619   10.020  -2.070  1.00 146.07 ?  67  LEU A N   1 
ATOM   465 C CA  . LEU A 1 66 ? 3.319   9.784   -2.705  1.00 117.80 ?  67  LEU A CA  1 
ATOM   466 C C   . LEU A 1 66 ? 2.594   8.629   -2.021  1.00 104.69 ?  67  LEU A C   1 
ATOM   467 O O   . LEU A 1 66 ? 2.867   8.399   -0.830  1.00 94.55  ?  67  LEU A O   1 
ATOM   468 C CB  . LEU A 1 66 ? 3.468   9.600   -4.222  1.00 115.48 ?  67  LEU A CB  1 
ATOM   469 N N   . PRO A 1 67 ? 1.642   7.929   -2.716  1.00 97.97  ?  68  PRO A N   1 
ATOM   470 C CA  . PRO A 1 67 ? 0.861   6.853   -2.098  1.00 90.46  ?  68  PRO A CA  1 
ATOM   471 C C   . PRO A 1 67 ? 1.683   5.580   -1.935  1.00 91.69  ?  68  PRO A C   1 
ATOM   472 O O   . PRO A 1 67 ? 2.710   5.386   -2.581  1.00 94.84  ?  68  PRO A O   1 
ATOM   473 C CB  . PRO A 1 67 ? -0.310  6.601   -3.070  1.00 83.41  ?  68  PRO A CB  1 
ATOM   474 C CG  . PRO A 1 67 ? 0.230   7.030   -4.420  1.00 94.99  ?  68  PRO A CG  1 
ATOM   475 C CD  . PRO A 1 67 ? 1.185   8.172   -4.103  1.00 102.55 ?  68  PRO A CD  1 
ATOM   476 N N   . GLY A 1 68 ? 1.190   4.686   -1.088  1.00 85.72  ?  69  GLY A N   1 
ATOM   477 C CA  . GLY A 1 68 ? 1.792   3.372   -1.017  1.00 80.00  ?  69  GLY A CA  1 
ATOM   478 C C   . GLY A 1 68 ? 0.837   2.386   -0.368  1.00 84.74  ?  69  GLY A C   1 
ATOM   479 O O   . GLY A 1 68 ? -0.237  2.776   0.085   1.00 84.47  ?  69  GLY A O   1 
ATOM   480 N N   . VAL A 1 69 ? 1.284   1.129   -0.296  1.00 69.56  ?  70  VAL A N   1 
ATOM   481 C CA  . VAL A 1 69 ? 0.423   0.046   0.114   1.00 74.36  ?  70  VAL A CA  1 
ATOM   482 C C   . VAL A 1 69 ? 0.896   -0.419  1.473   1.00 75.70  ?  70  VAL A C   1 
ATOM   483 O O   . VAL A 1 69 ? 2.084   -0.600  1.655   1.00 94.31  ?  70  VAL A O   1 
ATOM   484 C CB  . VAL A 1 69 ? 0.486   -1.129  -0.875  1.00 75.14  ?  70  VAL A CB  1 
ATOM   485 C CG1 . VAL A 1 69 ? -0.230  -2.345  -0.312  1.00 69.83  ?  70  VAL A CG1 1 
ATOM   486 C CG2 . VAL A 1 69 ? -0.070  -0.759  -2.239  1.00 78.11  ?  70  VAL A CG2 1 
ATOM   487 N N   . VAL A 1 70 ? -0.049  -0.683  2.374   1.00 77.92  ?  71  VAL A N   1 
ATOM   488 C CA  . VAL A 1 70 ? 0.249   -1.210  3.690   1.00 77.83  ?  71  VAL A CA  1 
ATOM   489 C C   . VAL A 1 70 ? -0.669  -2.398  3.931   1.00 90.47  ?  71  VAL A C   1 
ATOM   490 O O   . VAL A 1 70 ? -1.875  -2.319  3.732   1.00 96.49  ?  71  VAL A O   1 
ATOM   491 C CB  . VAL A 1 70 ? -0.017  -0.132  4.752   1.00 80.33  ?  71  VAL A CB  1 
ATOM   492 C CG1 . VAL A 1 70 ? -0.133  -0.697  6.166   1.00 73.90  ?  71  VAL A CG1 1 
ATOM   493 C CG2 . VAL A 1 70 ? 0.963   1.019   4.653   1.00 68.03  ?  71  VAL A CG2 1 
ATOM   494 N N   . ARG A 1 71 ? -0.093  -3.498  4.389   1.00 95.05  ?  72  ARG A N   1 
ATOM   495 C CA  . ARG A 1 71 ? -0.916  -4.633  4.735   1.00 91.36  ?  72  ARG A CA  1 
ATOM   496 C C   . ARG A 1 71 ? -1.013  -4.680  6.259   1.00 90.90  ?  72  ARG A C   1 
ATOM   497 O O   . ARG A 1 71 ? -0.003  -4.780  6.944   1.00 105.02 ?  72  ARG A O   1 
ATOM   498 C CB  . ARG A 1 71 ? -0.395  -5.906  4.063   1.00 73.21  ?  72  ARG A CB  1 
ATOM   499 C CG  . ARG A 1 71 ? -1.141  -7.137  4.546   1.00 84.01  ?  72  ARG A CG  1 
ATOM   500 C CD  . ARG A 1 71 ? -0.414  -8.457  4.482   1.00 97.80  ?  72  ARG A CD  1 
ATOM   501 N NE  . ARG A 1 71 ? 0.404   -8.745  5.651   1.00 115.18 ?  72  ARG A NE  1 
ATOM   502 C CZ  . ARG A 1 71 ? 1.726   -8.791  5.612   1.00 124.35 ?  72  ARG A CZ  1 
ATOM   503 N NH1 . ARG A 1 71 ? 2.342   -8.550  4.468   1.00 126.08 ?  72  ARG A NH1 1 
ATOM   504 N NH2 . ARG A 1 71 ? 2.421   -9.063  6.704   1.00 119.20 ?  72  ARG A NH2 1 
ATOM   505 N N   . GLY A 1 72 ? -2.246  -4.591  6.772   1.00 95.95  ?  73  GLY A N   1 
ATOM   506 C CA  . GLY A 1 72 ? -2.530  -4.398  8.184   1.00 87.45  ?  73  GLY A CA  1 
ATOM   507 C C   . GLY A 1 72 ? -1.687  -3.267  8.750   1.00 96.37  ?  73  GLY A C   1 
ATOM   508 O O   . GLY A 1 72 ? -1.826  -2.111  8.350   1.00 95.68  ?  73  GLY A O   1 
ATOM   509 N N   . ASP A 1 73 ? -0.754  -3.646  9.623   1.00 102.23 ?  74  ASP A N   1 
ATOM   510 C CA  . ASP A 1 73 ? 0.071   -2.667  10.299  1.00 98.00  ?  74  ASP A CA  1 
ATOM   511 C C   . ASP A 1 73 ? 1.368   -2.438  9.527   1.00 98.98  ?  74  ASP A C   1 
ATOM   512 O O   . ASP A 1 73 ? 2.038   -1.442  9.798   1.00 113.27 ?  74  ASP A O   1 
ATOM   513 C CB  . ASP A 1 73 ? 0.249   -3.011  11.779  1.00 101.26 ?  74  ASP A CB  1 
ATOM   514 N N   . ASP A 1 74 ? 1.655   -3.285  8.520   1.00 89.29  ?  75  ASP A N   1 
ATOM   515 C CA  . ASP A 1 74 ? 3.000   -3.471  7.973   1.00 88.94  ?  75  ASP A CA  1 
ATOM   516 C C   . ASP A 1 74 ? 3.185   -2.872  6.573   1.00 73.30  ?  75  ASP A C   1 
ATOM   517 O O   . ASP A 1 74 ? 2.857   -3.505  5.578   1.00 91.64  ?  75  ASP A O   1 
ATOM   518 C CB  . ASP A 1 74 ? 3.376   -4.961  7.899   1.00 102.85 ?  75  ASP A CB  1 
ATOM   519 C CG  . ASP A 1 74 ? 3.335   -5.718  9.215   1.00 111.04 ?  75  ASP A CG  1 
ATOM   520 O OD1 . ASP A 1 74 ? 4.398   -5.795  9.887   1.00 126.28 ?  75  ASP A OD1 1 
ATOM   521 O OD2 . ASP A 1 74 ? 2.253   -6.239  9.551   1.00 120.00 -1 75  ASP A OD2 1 
ATOM   522 N N   . TYR A 1 75 ? 3.803   -1.690  6.474   1.00 82.13  ?  76  TYR A N   1 
ATOM   523 C CA  . TYR A 1 75 ? 4.292   -1.158  5.201   1.00 81.65  ?  76  TYR A CA  1 
ATOM   524 C C   . TYR A 1 75 ? 4.787   -2.282  4.280   1.00 85.47  ?  76  TYR A C   1 
ATOM   525 O O   . TYR A 1 75 ? 5.271   -3.317  4.747   1.00 91.82  ?  76  TYR A O   1 
ATOM   526 C CB  . TYR A 1 75 ? 5.411   -0.146  5.454   1.00 67.92  ?  76  TYR A CB  1 
ATOM   527 C CG  . TYR A 1 75 ? 6.006   0.479   4.222   1.00 71.50  ?  76  TYR A CG  1 
ATOM   528 C CD1 . TYR A 1 75 ? 7.011   -0.156  3.504   1.00 66.31  ?  76  TYR A CD1 1 
ATOM   529 C CD2 . TYR A 1 75 ? 5.553   1.708   3.762   1.00 72.29  ?  76  TYR A CD2 1 
ATOM   530 C CE1 . TYR A 1 75 ? 7.575   0.438   2.383   1.00 71.81  ?  76  TYR A CE1 1 
ATOM   531 C CE2 . TYR A 1 75 ? 6.101   2.313   2.641   1.00 71.57  ?  76  TYR A CE2 1 
ATOM   532 C CZ  . TYR A 1 75 ? 7.122   1.679   1.950   1.00 82.81  ?  76  TYR A CZ  1 
ATOM   533 O OH  . TYR A 1 75 ? 7.619   2.259   0.811   1.00 85.58  ?  76  TYR A OH  1 
ATOM   534 N N   . ILE A 1 76 ? 4.677   -2.051  2.963   1.00 78.37  ?  77  ILE A N   1 
ATOM   535 C CA  . ILE A 1 76 ? 4.922   -3.053  1.936   1.00 72.52  ?  77  ILE A CA  1 
ATOM   536 C C   . ILE A 1 76 ? 5.741   -2.363  0.867   1.00 74.82  ?  77  ILE A C   1 
ATOM   537 O O   . ILE A 1 76 ? 6.848   -2.773  0.510   1.00 81.63  ?  77  ILE A O   1 
ATOM   538 C CB  . ILE A 1 76 ? 3.592   -3.551  1.325   1.00 65.68  ?  77  ILE A CB  1 
ATOM   539 C CG1 . ILE A 1 76 ? 2.729   -4.310  2.329   1.00 70.19  ?  77  ILE A CG1 1 
ATOM   540 C CG2 . ILE A 1 76 ? 3.747   -4.309  0.014   1.00 59.46  ?  77  ILE A CG2 1 
ATOM   541 C CD1 . ILE A 1 76 ? 3.313   -5.614  2.784   1.00 71.28  ?  77  ILE A CD1 1 
ATOM   542 N N   . GLY A 1 77 ? 5.161   -1.286  0.365   1.00 75.57  ?  78  GLY A N   1 
ATOM   543 C CA  . GLY A 1 77 ? 5.779   -0.643  -0.773  1.00 88.49  ?  78  GLY A CA  1 
ATOM   544 C C   . GLY A 1 77 ? 5.061   0.656   -1.061  1.00 85.89  ?  78  GLY A C   1 
ATOM   545 O O   . GLY A 1 77 ? 4.002   0.922   -0.508  1.00 102.54 ?  78  GLY A O   1 
ATOM   546 N N   . ASN A 1 78 ? 5.668   1.468   -1.901  1.00 79.69  ?  79  ASN A N   1 
ATOM   547 C CA  . ASN A 1 78 ? 5.069   2.746   -2.204  1.00 82.46  ?  79  ASN A CA  1 
ATOM   548 C C   . ASN A 1 78 ? 4.819   2.699   -3.703  1.00 86.72  ?  79  ASN A C   1 
ATOM   549 O O   . ASN A 1 78 ? 5.148   1.708   -4.351  1.00 83.33  ?  79  ASN A O   1 
ATOM   550 C CB  . ASN A 1 78 ? 5.978   3.892   -1.745  1.00 92.07  ?  79  ASN A CB  1 
ATOM   551 C CG  . ASN A 1 78 ? 6.966   4.309   -2.818  1.00 105.57 ?  79  ASN A CG  1 
ATOM   552 O OD1 . ASN A 1 78 ? 7.647   3.478   -3.422  1.00 118.22 ?  79  ASN A OD1 1 
ATOM   553 N ND2 . ASN A 1 78 ? 7.010   5.595   -3.104  1.00 94.80  ?  79  ASN A ND2 1 
ATOM   554 N N   . TRP A 1 79 ? 4.274   3.777   -4.259  1.00 85.63  ?  80  TRP A N   1 
ATOM   555 C CA  . TRP A 1 79 ? 3.778   3.665   -5.610  1.00 89.71  ?  80  TRP A CA  1 
ATOM   556 C C   . TRP A 1 79 ? 4.873   3.133   -6.528  1.00 94.80  ?  80  TRP A C   1 
ATOM   557 O O   . TRP A 1 79 ? 4.582   2.399   -7.459  1.00 109.76 ?  80  TRP A O   1 
ATOM   558 C CB  . TRP A 1 79 ? 3.249   5.011   -6.062  1.00 99.88  ?  80  TRP A CB  1 
ATOM   559 C CG  . TRP A 1 79 ? 4.330   6.030   -6.139  1.00 111.28 ?  80  TRP A CG  1 
ATOM   560 C CD1 . TRP A 1 79 ? 4.883   6.728   -5.107  1.00 102.96 ?  80  TRP A CD1 1 
ATOM   561 C CD2 . TRP A 1 79 ? 5.026   6.426   -7.328  1.00 116.36 ?  80  TRP A CD2 1 
ATOM   562 N NE1 . TRP A 1 79 ? 5.839   7.580   -5.591  1.00 122.33 ?  80  TRP A NE1 1 
ATOM   563 C CE2 . TRP A 1 79 ? 5.955   7.414   -6.947  1.00 114.17 ?  80  TRP A CE2 1 
ATOM   564 C CE3 . TRP A 1 79 ? 4.934   6.066   -8.673  1.00 120.71 ?  80  TRP A CE3 1 
ATOM   565 C CZ2 . TRP A 1 79 ? 6.803   8.036   -7.861  1.00 106.46 ?  80  TRP A CZ2 1 
ATOM   566 C CZ3 . TRP A 1 79 ? 5.761   6.690   -9.578  1.00 128.16 ?  80  TRP A CZ3 1 
ATOM   567 C CH2 . TRP A 1 79 ? 6.689   7.652   -9.175  1.00 124.98 ?  80  TRP A CH2 1 
ATOM   568 N N   . GLN A 1 80 ? 6.125   3.502   -6.256  1.00 108.56 ?  81  GLN A N   1 
ATOM   569 C CA  . GLN A 1 80 ? 7.215   3.178   -7.163  1.00 113.85 ?  81  GLN A CA  1 
ATOM   570 C C   . GLN A 1 80 ? 7.599   1.711   -6.972  1.00 108.90 ?  81  GLN A C   1 
ATOM   571 O O   . GLN A 1 80 ? 7.643   0.930   -7.921  1.00 91.19  ?  81  GLN A O   1 
ATOM   572 C CB  . GLN A 1 80 ? 8.383   4.147   -6.945  1.00 121.00 ?  81  GLN A CB  1 
ATOM   573 C CG  . GLN A 1 80 ? 9.549   3.957   -7.912  1.00 118.18 ?  81  GLN A CG  1 
ATOM   574 C CD  . GLN A 1 80 ? 9.183   4.167   -9.362  1.00 126.59 ?  81  GLN A CD  1 
ATOM   575 O OE1 . GLN A 1 80 ? 9.191   5.291   -9.880  1.00 112.84 ?  81  GLN A OE1 1 
ATOM   576 N NE2 . GLN A 1 80 ? 8.876   3.065   -10.033 1.00 122.71 ?  81  GLN A NE2 1 
ATOM   577 N N   . GLU A 1 81 ? 7.878   1.356   -5.717  1.00 98.22  ?  82  GLU A N   1 
ATOM   578 C CA  . GLU A 1 81 ? 8.200   -0.008  -5.359  1.00 90.91  ?  82  GLU A CA  1 
ATOM   579 C C   . GLU A 1 81 ? 7.170   -0.972  -5.946  1.00 104.75 ?  82  GLU A C   1 
ATOM   580 O O   . GLU A 1 81 ? 7.563   -1.913  -6.625  1.00 106.96 ?  82  GLU A O   1 
ATOM   581 C CB  . GLU A 1 81 ? 8.246   -0.117  -3.842  1.00 88.77  ?  82  GLU A CB  1 
ATOM   582 C CG  . GLU A 1 81 ? 9.509   0.460   -3.237  1.00 97.45  ?  82  GLU A CG  1 
ATOM   583 C CD  . GLU A 1 81 ? 9.495   0.451   -1.720  1.00 119.97 ?  82  GLU A CD  1 
ATOM   584 O OE1 . GLU A 1 81 ? 9.552   -0.646  -1.108  1.00 139.00 ?  82  GLU A OE1 1 
ATOM   585 O OE2 . GLU A 1 81 ? 9.379   1.535   -1.156  1.00 110.13 -1 82  GLU A OE2 1 
ATOM   586 N N   . ILE A 1 82 ? 5.873   -0.735  -5.658  1.00 105.56 ?  83  ILE A N   1 
ATOM   587 C CA  . ILE A 1 82 ? 4.748   -1.533  -6.140  1.00 88.43  ?  83  ILE A CA  1 
ATOM   588 C C   . ILE A 1 82 ? 4.758   -1.643  -7.666  1.00 90.83  ?  83  ILE A C   1 
ATOM   589 O O   . ILE A 1 82 ? 4.668   -2.758  -8.188  1.00 82.90  ?  83  ILE A O   1 
ATOM   590 C CB  . ILE A 1 82 ? 3.387   -1.045  -5.608  1.00 79.26  ?  83  ILE A CB  1 
ATOM   591 C CG1 . ILE A 1 82 ? 3.320   -1.144  -4.081  1.00 82.41  ?  83  ILE A CG1 1 
ATOM   592 C CG2 . ILE A 1 82 ? 2.268   -1.851  -6.246  1.00 82.27  ?  83  ILE A CG2 1 
ATOM   593 C CD1 . ILE A 1 82 ? 3.501   -2.553  -3.526  1.00 68.20  ?  83  ILE A CD1 1 
ATOM   594 N N   . GLU A 1 83 ? 4.879   -0.495  -8.359  1.00 87.48  ?  84  GLU A N   1 
ATOM   595 C CA  . GLU A 1 83 ? 5.082   -0.452  -9.802  1.00 97.81  ?  84  GLU A CA  1 
ATOM   596 C C   . GLU A 1 83 ? 6.204   -1.416  -10.175 1.00 106.16 ?  84  GLU A C   1 
ATOM   597 O O   . GLU A 1 83 ? 6.042   -2.180  -11.115 1.00 97.10  ?  84  GLU A O   1 
ATOM   598 C CB  . GLU A 1 83 ? 5.383   0.951   -10.341 1.00 94.99  ?  84  GLU A CB  1 
ATOM   599 N N   . ASP A 1 84 ? 7.311   -1.408  -9.412  1.00 121.39 ?  85  ASP A N   1 
ATOM   600 C CA  . ASP A 1 84 ? 8.428   -2.315  -9.665  1.00 102.19 ?  85  ASP A CA  1 
ATOM   601 C C   . ASP A 1 84 ? 7.956   -3.762  -9.481  1.00 99.59  ?  85  ASP A C   1 
ATOM   602 O O   . ASP A 1 84 ? 7.880   -4.497  -10.461 1.00 100.69 ?  85  ASP A O   1 
ATOM   603 C CB  . ASP A 1 84 ? 9.734   -1.889  -8.965  1.00 104.75 ?  85  ASP A CB  1 
ATOM   604 C CG  . ASP A 1 84 ? 10.306  -0.544  -9.429  1.00 125.44 ?  85  ASP A CG  1 
ATOM   605 O OD1 . ASP A 1 84 ? 9.807   -0.006  -10.459 1.00 107.17 ?  85  ASP A OD1 1 
ATOM   606 O OD2 . ASP A 1 84 ? 11.246  -0.025  -8.752  1.00 123.34 -1 85  ASP A OD2 1 
ATOM   607 N N   . ALA A 1 85 ? 7.572   -4.137  -8.252  1.00 90.31  ?  86  ALA A N   1 
ATOM   608 C CA  . ALA A 1 85 ? 7.121   -5.486  -7.921  1.00 83.53  ?  86  ALA A CA  1 
ATOM   609 C C   . ALA A 1 85 ? 6.166   -6.037  -8.986  1.00 107.21 ?  86  ALA A C   1 
ATOM   610 O O   . ALA A 1 85 ? 6.252   -7.207  -9.367  1.00 104.47 ?  86  ALA A O   1 
ATOM   611 C CB  . ALA A 1 85 ? 6.485   -5.493  -6.547  1.00 69.40  ?  86  ALA A CB  1 
ATOM   612 N N   . ASN A 1 86 ? 5.251   -5.189  -9.477  1.00 107.33 ?  87  ASN A N   1 
ATOM   613 C CA  . ASN A 1 86 ? 4.215   -5.631  -10.395 1.00 94.74  ?  87  ASN A CA  1 
ATOM   614 C C   . ASN A 1 86 ? 4.821   -6.038  -11.735 1.00 94.67  ?  87  ASN A C   1 
ATOM   615 O O   . ASN A 1 86 ? 4.425   -7.056  -12.302 1.00 101.46 ?  87  ASN A O   1 
ATOM   616 C CB  . ASN A 1 86 ? 3.136   -4.568  -10.585 1.00 99.23  ?  87  ASN A CB  1 
ATOM   617 C CG  . ASN A 1 86 ? 1.992   -5.041  -11.450 1.00 87.18  ?  87  ASN A CG  1 
ATOM   618 O OD1 . ASN A 1 86 ? 1.341   -6.036  -11.139 1.00 91.71  ?  87  ASN A OD1 1 
ATOM   619 N ND2 . ASN A 1 86 ? 1.733   -4.311  -12.521 1.00 78.30  ?  87  ASN A ND2 1 
ATOM   620 N N   . GLU A 1 87 ? 5.781   -5.240  -12.229 1.00 98.99  ?  88  GLU A N   1 
ATOM   621 C CA  . GLU A 1 87 ? 6.391   -5.485  -13.526 1.00 93.75  ?  88  GLU A CA  1 
ATOM   622 C C   . GLU A 1 87 ? 7.257   -6.741  -13.448 1.00 92.40  ?  88  GLU A C   1 
ATOM   623 O O   . GLU A 1 87 ? 7.246   -7.561  -14.365 1.00 102.45 ?  88  GLU A O   1 
ATOM   624 C CB  . GLU A 1 87 ? 7.143   -4.255  -14.031 1.00 109.50 ?  88  GLU A CB  1 
ATOM   625 C CG  . GLU A 1 87 ? 6.320   -3.374  -14.965 1.00 124.31 ?  88  GLU A CG  1 
ATOM   626 C CD  . GLU A 1 87 ? 5.494   -2.293  -14.287 1.00 147.01 ?  88  GLU A CD  1 
ATOM   627 O OE1 . GLU A 1 87 ? 5.971   -1.139  -14.187 1.00 159.03 ?  88  GLU A OE1 1 
ATOM   628 O OE2 . GLU A 1 87 ? 4.374   -2.604  -13.857 1.00 165.06 ?  88  GLU A OE2 1 
ATOM   629 N N   . GLU A 1 88 ? 7.949   -6.918  -12.316 1.00 95.56  ?  89  GLU A N   1 
ATOM   630 C CA  . GLU A 1 88 ? 8.759   -8.106  -12.069 1.00 108.65 ?  89  GLU A CA  1 
ATOM   631 C C   . GLU A 1 88 ? 7.902   -9.293  -11.591 1.00 105.29 ?  89  GLU A C   1 
ATOM   632 O O   . GLU A 1 88 ? 8.444   -10.306 -11.143 1.00 95.20  ?  89  GLU A O   1 
ATOM   633 C CB  . GLU A 1 88 ? 9.962   -7.753  -11.176 1.00 112.23 ?  89  GLU A CB  1 
ATOM   634 C CG  . GLU A 1 88 ? 9.606   -7.474  -9.724  1.00 124.80 ?  89  GLU A CG  1 
ATOM   635 C CD  . GLU A 1 88 ? 10.770  -7.096  -8.823  1.00 133.52 ?  89  GLU A CD  1 
ATOM   636 O OE1 . GLU A 1 88 ? 11.888  -6.914  -9.361  1.00 132.38 ?  89  GLU A OE1 1 
ATOM   637 O OE2 . GLU A 1 88 ? 10.557  -6.988  -7.581  1.00 131.59 -1 89  GLU A OE2 1 
ATOM   638 N N   . TYR A 1 89 ? 6.566   -9.176  -11.705 1.00 91.01  ?  90  TYR A N   1 
ATOM   639 C CA  . TYR A 1 89 ? 5.639   -10.243 -11.354 1.00 86.94  ?  90  TYR A CA  1 
ATOM   640 C C   . TYR A 1 89 ? 5.938   -10.777 -9.956  1.00 82.66  ?  90  TYR A C   1 
ATOM   641 O O   . TYR A 1 89 ? 6.032   -11.988 -9.762  1.00 77.15  ?  90  TYR A O   1 
ATOM   642 C CB  . TYR A 1 89 ? 5.662   -11.389 -12.378 1.00 76.66  ?  90  TYR A CB  1 
ATOM   643 C CG  . TYR A 1 89 ? 5.176   -11.019 -13.758 1.00 86.04  ?  90  TYR A CG  1 
ATOM   644 C CD1 . TYR A 1 89 ? 3.892   -10.538 -13.973 1.00 84.55  ?  90  TYR A CD1 1 
ATOM   645 C CD2 . TYR A 1 89 ? 5.976   -11.201 -14.875 1.00 98.04  ?  90  TYR A CD2 1 
ATOM   646 C CE1 . TYR A 1 89 ? 3.414   -10.255 -15.248 1.00 80.05  ?  90  TYR A CE1 1 
ATOM   647 C CE2 . TYR A 1 89 ? 5.526   -10.902 -16.156 1.00 93.56  ?  90  TYR A CE2 1 
ATOM   648 C CZ  . TYR A 1 89 ? 4.242   -10.417 -16.347 1.00 92.84  ?  90  TYR A CZ  1 
ATOM   649 O OH  . TYR A 1 89 ? 3.820   -10.104 -17.612 1.00 89.28  ?  90  TYR A OH  1 
ATOM   650 N N   . ARG A 1 90 ? 6.043   -9.871  -8.979  1.00 92.73  ?  91  ARG A N   1 
ATOM   651 C CA  . ARG A 1 90 ? 6.416   -10.269 -7.629  1.00 108.57 ?  91  ARG A CA  1 
ATOM   652 C C   . ARG A 1 90 ? 5.479   -9.652  -6.585  1.00 113.31 ?  91  ARG A C   1 
ATOM   653 O O   . ARG A 1 90 ? 5.800   -9.658  -5.395  1.00 102.83 ?  91  ARG A O   1 
ATOM   654 C CB  . ARG A 1 90 ? 7.878   -9.880  -7.365  1.00 116.82 ?  91  ARG A CB  1 
ATOM   655 C CG  . ARG A 1 90 ? 8.741   -11.032 -6.870  1.00 124.39 ?  91  ARG A CG  1 
ATOM   656 C CD  . ARG A 1 90 ? 9.387   -11.668 -8.083  1.00 130.87 ?  91  ARG A CD  1 
ATOM   657 N NE  . ARG A 1 90 ? 9.865   -13.038 -8.022  1.00 124.33 ?  91  ARG A NE  1 
ATOM   658 C CZ  . ARG A 1 90 ? 10.071  -13.787 -9.103  1.00 123.35 ?  91  ARG A CZ  1 
ATOM   659 N NH1 . ARG A 1 90 ? 9.805   -13.308 -10.308 1.00 110.13 ?  91  ARG A NH1 1 
ATOM   660 N NH2 . ARG A 1 90 ? 10.535  -15.016 -8.975  1.00 129.32 ?  91  ARG A NH2 1 
ATOM   661 N N   . LEU A 1 91 ? 4.309   -9.155  -7.027  1.00 107.92 ?  92  LEU A N   1 
ATOM   662 C CA  . LEU A 1 91 ? 3.482   -8.275  -6.213  1.00 83.14  ?  92  LEU A CA  1 
ATOM   663 C C   . LEU A 1 91 ? 2.918   -9.013  -5.006  1.00 73.28  ?  92  LEU A C   1 
ATOM   664 O O   . LEU A 1 91 ? 2.926   -8.470  -3.903  1.00 83.68  ?  92  LEU A O   1 
ATOM   665 C CB  . LEU A 1 91 ? 2.379   -7.638  -7.056  1.00 79.91  ?  92  LEU A CB  1 
ATOM   666 C CG  . LEU A 1 91 ? 1.360   -6.804  -6.285  1.00 89.16  ?  92  LEU A CG  1 
ATOM   667 C CD1 . LEU A 1 91 ? 2.039   -5.699  -5.474  1.00 96.81  ?  92  LEU A CD1 1 
ATOM   668 C CD2 . LEU A 1 91 ? 0.362   -6.194  -7.251  1.00 87.93  ?  92  LEU A CD2 1 
ATOM   669 N N   . ARG A 1 92 ? 2.470   -10.251 -5.214  1.00 75.35  ?  93  ARG A N   1 
ATOM   670 C CA  . ARG A 1 92 ? 1.753   -10.968 -4.173  1.00 81.02  ?  93  ARG A CA  1 
ATOM   671 C C   . ARG A 1 92 ? 2.747   -11.458 -3.125  1.00 94.41  ?  93  ARG A C   1 
ATOM   672 O O   . ARG A 1 92 ? 2.387   -11.653 -1.960  1.00 102.52 ?  93  ARG A O   1 
ATOM   673 C CB  . ARG A 1 92 ? 0.833   -12.035 -4.776  1.00 86.02  ?  93  ARG A CB  1 
ATOM   674 C CG  . ARG A 1 92 ? -0.449  -11.462 -5.368  1.00 94.21  ?  93  ARG A CG  1 
ATOM   675 C CD  . ARG A 1 92 ? -1.431  -12.471 -5.928  1.00 88.21  ?  93  ARG A CD  1 
ATOM   676 N NE  . ARG A 1 92 ? -2.464  -12.837 -4.973  1.00 105.78 ?  93  ARG A NE  1 
ATOM   677 C CZ  . ARG A 1 92 ? -3.744  -12.468 -5.058  1.00 111.55 ?  93  ARG A CZ  1 
ATOM   678 N NH1 . ARG A 1 92 ? -4.155  -11.706 -6.064  1.00 91.68  ?  93  ARG A NH1 1 
ATOM   679 N NH2 . ARG A 1 92 ? -4.603  -12.872 -4.131  1.00 105.93 ?  93  ARG A NH2 1 
ATOM   680 N N   . GLU A 1 93 ? 4.003   -11.605 -3.569  1.00 105.85 ?  94  GLU A N   1 
ATOM   681 C CA  . GLU A 1 93 ? 5.132   -11.932 -2.716  1.00 91.23  ?  94  GLU A CA  1 
ATOM   682 C C   . GLU A 1 93 ? 5.467   -10.753 -1.797  1.00 91.61  ?  94  GLU A C   1 
ATOM   683 O O   . GLU A 1 93 ? 5.398   -10.959 -0.577  1.00 89.51  ?  94  GLU A O   1 
ATOM   684 C CB  . GLU A 1 93 ? 6.309   -12.412 -3.562  1.00 97.93  ?  94  GLU A CB  1 
ATOM   685 C CG  . GLU A 1 93 ? 7.454   -12.959 -2.733  1.00 98.34  ?  94  GLU A CG  1 
ATOM   686 C CD  . GLU A 1 93 ? 8.615   -13.499 -3.541  1.00 102.61 ?  94  GLU A CD  1 
ATOM   687 O OE1 . GLU A 1 93 ? 9.168   -12.730 -4.364  1.00 103.72 ?  94  GLU A OE1 1 
ATOM   688 O OE2 . GLU A 1 93 ? 8.948   -14.698 -3.360  1.00 118.08 -1 94  GLU A OE2 1 
ATOM   689 N N   . LEU A 1 94 ? 5.781   -9.544  -2.351  1.00 72.59  ?  95  LEU A N   1 
ATOM   690 C CA  . LEU A 1 94 ? 5.995   -8.387  -1.464  1.00 91.72  ?  95  LEU A CA  1 
ATOM   691 C C   . LEU A 1 94 ? 4.812   -8.299  -0.519  1.00 97.59  ?  95  LEU A C   1 
ATOM   692 O O   . LEU A 1 94 ? 5.020   -8.145  0.682   1.00 118.75 ?  95  LEU A O   1 
ATOM   693 C CB  . LEU A 1 94 ? 6.283   -7.018  -2.116  1.00 77.89  ?  95  LEU A CB  1 
ATOM   694 N N   . LEU A 1 95 ? 3.606   -8.526  -1.067  1.00 95.43  ?  96  LEU A N   1 
ATOM   695 C CA  . LEU A 1 95 ? 2.383   -8.301  -0.319  1.00 92.99  ?  96  LEU A CA  1 
ATOM   696 C C   . LEU A 1 95 ? 2.225   -9.279  0.846   1.00 84.01  ?  96  LEU A C   1 
ATOM   697 O O   . LEU A 1 95 ? 1.803   -8.874  1.933   1.00 81.21  ?  96  LEU A O   1 
ATOM   698 C CB  . LEU A 1 95 ? 1.157   -8.304  -1.239  1.00 98.36  ?  96  LEU A CB  1 
ATOM   699 C CG  . LEU A 1 95 ? -0.155  -7.877  -0.566  1.00 92.28  ?  96  LEU A CG  1 
ATOM   700 C CD1 . LEU A 1 95 ? -0.049  -6.504  0.071   1.00 89.92  ?  96  LEU A CD1 1 
ATOM   701 C CD2 . LEU A 1 95 ? -1.291  -7.882  -1.560  1.00 89.80  ?  96  LEU A CD2 1 
ATOM   702 N N   . TYR A 1 96 ? 2.515   -10.561 0.621   1.00 83.72  ?  97  TYR A N   1 
ATOM   703 C CA  . TYR A 1 96 ? 2.060   -11.542 1.601   1.00 101.17 ?  97  TYR A CA  1 
ATOM   704 C C   . TYR A 1 96 ? 3.219   -12.248 2.294   1.00 104.41 ?  97  TYR A C   1 
ATOM   705 O O   . TYR A 1 96 ? 3.008   -13.170 3.081   1.00 108.71 ?  97  TYR A O   1 
ATOM   706 C CB  . TYR A 1 96 ? 1.040   -12.521 1.013   1.00 101.01 ?  97  TYR A CB  1 
ATOM   707 C CG  . TYR A 1 96 ? -0.214  -11.877 0.482   1.00 103.71 ?  97  TYR A CG  1 
ATOM   708 C CD1 . TYR A 1 96 ? -1.040  -11.147 1.320   1.00 102.72 ?  97  TYR A CD1 1 
ATOM   709 C CD2 . TYR A 1 96 ? -0.576  -11.995 -0.854  1.00 100.52 ?  97  TYR A CD2 1 
ATOM   710 C CE1 . TYR A 1 96 ? -2.200  -10.560 0.851   1.00 101.23 ?  97  TYR A CE1 1 
ATOM   711 C CE2 . TYR A 1 96 ? -1.734  -11.410 -1.341  1.00 96.51  ?  97  TYR A CE2 1 
ATOM   712 C CZ  . TYR A 1 96 ? -2.549  -10.693 -0.481  1.00 94.59  ?  97  TYR A CZ  1 
ATOM   713 O OH  . TYR A 1 96 ? -3.683  -10.090 -0.936  1.00 104.23 ?  97  TYR A OH  1 
ATOM   714 N N   . GLU A 1 97 ? 4.438   -11.788 2.027   1.00 109.96 ?  98  GLU A N   1 
ATOM   715 C CA  . GLU A 1 97 ? 5.554   -12.267 2.819   1.00 109.83 ?  98  GLU A CA  1 
ATOM   716 C C   . GLU A 1 97 ? 6.346   -11.105 3.432   1.00 110.01 ?  98  GLU A C   1 
ATOM   717 O O   . GLU A 1 97 ? 7.571   -11.145 3.411   1.00 117.49 ?  98  GLU A O   1 
ATOM   718 C CB  . GLU A 1 97 ? 6.406   -13.188 1.950   1.00 100.74 ?  98  GLU A CB  1 
ATOM   719 C CG  . GLU A 1 97 ? 5.854   -14.597 1.837   1.00 99.50  ?  98  GLU A CG  1 
ATOM   720 C CD  . GLU A 1 97 ? 6.564   -15.459 0.807   1.00 119.76 ?  98  GLU A CD  1 
ATOM   721 O OE1 . GLU A 1 97 ? 7.494   -14.936 0.144   1.00 120.05 ?  98  GLU A OE1 1 
ATOM   722 O OE2 . GLU A 1 97 ? 6.191   -16.654 0.664   1.00 130.28 -1 98  GLU A OE2 1 
ATOM   723 N N   . THR A 1 98 ? 5.662   -10.088 3.987   1.00 99.01  ?  99  THR A N   1 
ATOM   724 C CA  . THR A 1 98 ? 6.325   -9.023  4.729   1.00 93.62  ?  99  THR A CA  1 
ATOM   725 C C   . THR A 1 98 ? 5.747   -8.886  6.141   1.00 94.30  ?  99  THR A C   1 
ATOM   726 O O   . THR A 1 98 ? 5.545   -9.926  6.777   1.00 114.54 ?  99  THR A O   1 
ATOM   727 C CB  . THR A 1 98 ? 6.175   -7.664  4.049   1.00 89.17  ?  99  THR A CB  1 
ATOM   728 O OG1 . THR A 1 98 ? 7.192   -7.602  3.056   1.00 91.38  ?  99  THR A OG1 1 
ATOM   729 C CG2 . THR A 1 98 ? 6.316   -6.500  5.007   1.00 86.40  ?  99  THR A CG2 1 
HETATM 730 O O   . HOH B 2 .  ? -7.815  7.727   6.336   1.00 92.19  ?  101 HOH A O   1 
HETATM 731 O O   . HOH B 2 .  ? 13.527  5.888   2.203   1.00 93.20  ?  102 HOH A O   1 
HETATM 732 O O   . HOH B 2 .  ? 6.900   -8.171  8.537   1.00 92.45  ?  103 HOH A O   1 
HETATM 733 O O   . HOH B 2 .  ? -2.531  -19.183 -0.639  1.00 112.76 ?  104 HOH A O   1 
HETATM 734 O O   . HOH B 2 .  ? 2.800   -4.048  11.778  1.00 114.24 ?  105 HOH A O   1 
HETATM 735 O O   . HOH B 2 .  ? -12.753 -0.893  7.996   0.50 120.13 ?  106 HOH A O   1 
HETATM 736 O O   . HOH B 2 .  ? 4.330   13.117  -0.998  1.00 95.87  ?  107 HOH A O   1 
HETATM 737 O O   . HOH B 2 .  ? 3.647   9.869   -7.278  1.00 100.15 ?  108 HOH A O   1 
HETATM 738 O O   . HOH B 2 .  ? 8.803   12.929  1.463   1.00 126.26 ?  109 HOH A O   1 
HETATM 739 O O   . HOH B 2 .  ? -3.362  -26.615 13.131  1.00 104.22 ?  110 HOH A O   1 
HETATM 740 O O   . HOH B 2 .  ? 0.887   -23.967 18.509  1.00 127.46 ?  111 HOH A O   1 
HETATM 741 O O   . HOH B 2 .  ? 4.932   17.717  -1.499  1.00 105.76 ?  112 HOH A O   1 
HETATM 742 O O   . HOH B 2 .  ? 4.732   17.024  2.578   1.00 131.16 ?  113 HOH A O   1 
HETATM 743 O O   . HOH B 2 .  ? 0.528   -25.506 21.710  1.00 128.88 ?  114 HOH A O   1 
# 
loop_
_pdbx_poly_seq_scheme.asym_id 
_pdbx_poly_seq_scheme.entity_id 
_pdbx_poly_seq_scheme.seq_id 
_pdbx_poly_seq_scheme.mon_id 
_pdbx_poly_seq_scheme.ndb_seq_num 
_pdbx_poly_seq_scheme.pdb_seq_num 
_pdbx_poly_seq_scheme.auth_seq_num 
_pdbx_poly_seq_scheme.pdb_mon_id 
_pdbx_poly_seq_scheme.auth_mon_id 
_pdbx_poly_seq_scheme.pdb_strand_id 
_pdbx_poly_seq_scheme.pdb_ins_code 
_pdbx_poly_seq_scheme.hetero 
A 1 1  ILE 1  2  2  ILE ILE A . n 
A 1 2  GLU 2  3  3  GLU GLU A . n 
A 1 3  ILE 3  4  4  ILE ILE A . n 
A 1 4  ARG 4  5  5  ARG ARG A . n 
A 1 5  LYS 5  6  6  LYS LYS A . n 
A 1 6  HIS 6  7  7  HIS HIS A . n 
A 1 7  LEU 7  8  8  LEU LEU A . n 
A 1 8  GLU 8  9  9  GLU GLU A . n 
A 1 9  SER 9  10 10 SER SER A . n 
A 1 10 GLN 10 11 11 GLN GLN A . n 
A 1 11 PRO 11 12 12 PRO PRO A . n 
A 1 12 VAL 12 13 13 VAL VAL A . n 
A 1 13 TYR 13 14 14 TYR TYR A . n 
A 1 14 ILE 14 15 15 ILE ILE A . n 
A 1 15 PHE 15 16 16 PHE PHE A . n 
A 1 16 THR 16 17 17 THR THR A . n 
A 1 17 SER 17 18 18 SER SER A . n 
A 1 18 LEU 18 19 19 LEU LEU A . n 
A 1 19 ALA 19 20 20 ALA ALA A . n 
A 1 20 GLY 20 21 21 GLY GLY A . n 
A 1 21 GLY 21 22 22 GLY GLY A . n 
A 1 22 MET 22 23 23 MET MET A . n 
A 1 23 GLN 23 24 24 GLN GLN A . n 
A 1 24 VAL 24 25 25 VAL VAL A . n 
A 1 25 ILE 25 26 26 ILE ILE A . n 
A 1 26 LEU 26 27 27 LEU LEU A . n 
A 1 27 ARG 27 28 28 ARG ARG A . n 
A 1 28 SER 28 29 29 SER SER A . n 
A 1 29 ASN 29 30 30 ASN ASN A . n 
A 1 30 ASN 30 31 31 ASN ASN A . n 
A 1 31 LEU 31 32 32 LEU LEU A . n 
A 1 32 ALA 32 33 33 ALA ALA A . n 
A 1 33 ALA 33 34 34 ALA ALA A . n 
A 1 34 ILE 34 35 35 ILE ILE A . n 
A 1 35 LEU 35 36 36 LEU LEU A . n 
A 1 36 GLN 36 37 37 GLN GLN A . n 
A 1 37 GLY 37 38 38 GLY GLY A . n 
A 1 38 ASN 38 39 39 ASN ASN A . n 
A 1 39 GLY 39 40 40 GLY GLY A . n 
A 1 40 ILE 40 41 41 ILE ILE A . n 
A 1 41 LYS 41 42 42 LYS LYS A . n 
A 1 42 PHE 42 43 43 PHE PHE A . n 
A 1 43 GLU 43 44 44 GLU GLU A . n 
A 1 44 TYR 44 45 45 TYR TYR A . n 
A 1 45 ARG 45 46 46 ARG ARG A . n 
A 1 46 ASP 46 47 47 ASP ASP A . n 
A 1 47 LEU 47 48 48 LEU LEU A . n 
A 1 48 GLY 48 49 49 GLY GLY A . n 
A 1 49 THR 49 50 50 THR THR A . n 
A 1 50 ASP 50 51 51 ASP ASP A . n 
A 1 51 GLU 51 52 52 GLU GLU A . n 
A 1 52 GLU 52 53 53 GLU GLU A . n 
A 1 53 ALA 53 54 54 ALA ALA A . n 
A 1 54 LYS 54 55 55 LYS LYS A . n 
A 1 55 LYS 55 56 56 LYS LYS A . n 
A 1 56 ILE 56 57 57 ILE ILE A . n 
A 1 57 TRP 57 58 58 TRP TRP A . n 
A 1 58 LYS 58 59 59 LYS LYS A . n 
A 1 59 ARG 59 60 60 ARG ARG A . n 
A 1 60 GLN 60 61 61 GLN GLN A . n 
A 1 61 ALA 61 62 62 ALA ALA A . n 
A 1 62 ASN 62 63 63 ASN ASN A . n 
A 1 63 GLY 63 64 64 GLY GLY A . n 
A 1 64 LYS 64 65 65 LYS LYS A . n 
A 1 65 THR 65 66 66 THR THR A . n 
A 1 66 LEU 66 67 67 LEU LEU A . n 
A 1 67 PRO 67 68 68 PRO PRO A . n 
A 1 68 GLY 68 69 69 GLY GLY A . n 
A 1 69 VAL 69 70 70 VAL VAL A . n 
A 1 70 VAL 70 71 71 VAL VAL A . n 
A 1 71 ARG 71 72 72 ARG ARG A . n 
A 1 72 GLY 72 73 73 GLY GLY A . n 
A 1 73 ASP 73 74 74 ASP ASP A . n 
A 1 74 ASP 74 75 75 ASP ASP A . n 
A 1 75 TYR 75 76 76 TYR TYR A . n 
A 1 76 ILE 76 77 77 ILE ILE A . n 
A 1 77 GLY 77 78 78 GLY GLY A . n 
A 1 78 ASN 78 79 79 ASN ASN A . n 
A 1 79 TRP 79 80 80 TRP TRP A . n 
A 1 80 GLN 80 81 81 GLN GLN A . n 
A 1 81 GLU 81 82 82 GLU GLU A . n 
A 1 82 ILE 82 83 83 ILE ILE A . n 
A 1 83 GLU 83 84 84 GLU GLU A . n 
A 1 84 ASP 84 85 85 ASP ASP A . n 
A 1 85 ALA 85 86 86 ALA ALA A . n 
A 1 86 ASN 86 87 87 ASN ASN A . n 
A 1 87 GLU 87 88 88 GLU GLU A . n 
A 1 88 GLU 88 89 89 GLU GLU A . n 
A 1 89 TYR 89 90 90 TYR TYR A . n 
A 1 90 ARG 90 91 91 ARG ARG A . n 
A 1 91 LEU 91 92 92 LEU LEU A . n 
A 1 92 ARG 92 93 93 ARG ARG A . n 
A 1 93 GLU 93 94 94 GLU GLU A . n 
A 1 94 LEU 94 95 95 LEU LEU A . n 
A 1 95 LEU 95 96 96 LEU LEU A . n 
A 1 96 TYR 96 97 97 TYR TYR A . n 
A 1 97 GLU 97 98 98 GLU GLU A . n 
A 1 98 THR 98 99 99 THR THR A . n 
# 
loop_
_pdbx_nonpoly_scheme.asym_id 
_pdbx_nonpoly_scheme.entity_id 
_pdbx_nonpoly_scheme.mon_id 
_pdbx_nonpoly_scheme.ndb_seq_num 
_pdbx_nonpoly_scheme.pdb_seq_num 
_pdbx_nonpoly_scheme.auth_seq_num 
_pdbx_nonpoly_scheme.pdb_mon_id 
_pdbx_nonpoly_scheme.auth_mon_id 
_pdbx_nonpoly_scheme.pdb_strand_id 
_pdbx_nonpoly_scheme.pdb_ins_code 
B 2 HOH 1  101 12 HOH HOH A . 
B 2 HOH 2  102 7  HOH HOH A . 
B 2 HOH 3  103 15 HOH HOH A . 
B 2 HOH 4  104 5  HOH HOH A . 
B 2 HOH 5  105 14 HOH HOH A . 
B 2 HOH 6  106 6  HOH HOH A . 
B 2 HOH 7  107 9  HOH HOH A . 
B 2 HOH 8  108 13 HOH HOH A . 
B 2 HOH 9  109 8  HOH HOH A . 
B 2 HOH 10 110 1  HOH HOH A . 
B 2 HOH 11 111 3  HOH HOH A . 
B 2 HOH 12 112 10 HOH HOH A . 
B 2 HOH 13 113 11 HOH HOH A . 
B 2 HOH 14 114 2  HOH HOH A . 
# 
_pdbx_struct_assembly.id                   1 
_pdbx_struct_assembly.details              author_defined_assembly 
_pdbx_struct_assembly.method_details       ? 
_pdbx_struct_assembly.oligomeric_details   dimeric 
_pdbx_struct_assembly.oligomeric_count     2 
# 
loop_
_pdbx_struct_assembly_gen.assembly_id 
_pdbx_struct_assembly_gen.oper_expression 
_pdbx_struct_assembly_gen.asym_id_list 
1 1 A,B 
1 2 A,B 
# 
loop_
_pdbx_struct_oper_list.id 
_pdbx_struct_oper_list.type 
_pdbx_struct_oper_list.name 
_pdbx_struct_oper_list.symmetry_operation 
_pdbx_struct_oper_list.matrix[1][1] 
_pdbx_struct_oper_list.matrix[1][2] 
_pdbx_struct_oper_list.matrix[1][3] 
_pdbx_struct_oper_list.vector[1] 
_pdbx_struct_oper_list.matrix[2][1] 
_pdbx_struct_oper_list.matrix[2][2] 
_pdbx_struct_oper_list.matrix[2][3] 
_pdbx_struct_oper_list.vector[2] 
_pdbx_struct_oper_list.matrix[3][1] 
_pdbx_struct_oper_list.matrix[3][2] 
_pdbx_struct_oper_list.matrix[3][3] 
_pdbx_struct_oper_list.vector[3] 
1 'identity operation'         1_555 x,y,z      1.0000000000  0.0000000000 0.0000000000  0.0000000000   0.0000000000 1.0000000000 0.0000000000  0.0000000000  0.0000000000  0.0000000000  1.0000000000  0.0000000000 
2 'crystal symmetry operation' 7_556 y,x,-z+4/3 -0.8751557352 0.3561264007 -0.3275308013 -21.0013197876 0.3561264007 0.0158737649 -0.9343029543 10.9995629683 -0.3275308013 -0.9343029543 -0.1407180297 3.9548660344 
# 
_pdbx_struct_special_symmetry.id              1 
_pdbx_struct_special_symmetry.PDB_model_num   1 
_pdbx_struct_special_symmetry.auth_asym_id    A 
_pdbx_struct_special_symmetry.auth_comp_id    HOH 
_pdbx_struct_special_symmetry.auth_seq_id     106 
_pdbx_struct_special_symmetry.PDB_ins_code    ? 
_pdbx_struct_special_symmetry.label_asym_id   B 
_pdbx_struct_special_symmetry.label_comp_id   HOH 
_pdbx_struct_special_symmetry.label_seq_id    . 
# 
loop_
_pdbx_audit_revision_history.ordinal 
_pdbx_audit_revision_history.data_content_type 
_pdbx_audit_revision_history.major_revision 
_pdbx_audit_revision_history.minor_revision 
_pdbx_audit_revision_history.revision_date 
1 'Structure model' 1 0 2020-08-26 
2 'Structure model' 1 1 2020-09-09 
3 'Structure model' 1 2 2020-09-16 
4 'Structure model' 1 3 2020-11-18 
5 'Structure model' 1 4 2023-11-29 
# 
_pdbx_audit_revision_details.ordinal             1 
_pdbx_audit_revision_details.revision_ordinal    1 
_pdbx_audit_revision_details.data_content_type   'Structure model' 
_pdbx_audit_revision_details.provider            repository 
_pdbx_audit_revision_details.type                'Initial release' 
_pdbx_audit_revision_details.description         ? 
_pdbx_audit_revision_details.details             ? 
# 
loop_
_pdbx_audit_revision_group.ordinal 
_pdbx_audit_revision_group.revision_ordinal 
_pdbx_audit_revision_group.data_content_type 
_pdbx_audit_revision_group.group 
1 2 'Structure model' 'Database references'    
2 3 'Structure model' 'Database references'    
3 4 'Structure model' 'Database references'    
4 5 'Structure model' 'Data collection'        
5 5 'Structure model' 'Database references'    
6 5 'Structure model' 'Refinement description' 
# 
loop_
_pdbx_audit_revision_category.ordinal 
_pdbx_audit_revision_category.revision_ordinal 
_pdbx_audit_revision_category.data_content_type 
_pdbx_audit_revision_category.category 
1 2 'Structure model' citation                      
2 2 'Structure model' citation_author               
3 3 'Structure model' citation                      
4 4 'Structure model' citation                      
5 4 'Structure model' citation_author               
6 5 'Structure model' chem_comp_atom                
7 5 'Structure model' chem_comp_bond                
8 5 'Structure model' database_2                    
9 5 'Structure model' pdbx_initial_refinement_model 
# 
loop_
_pdbx_audit_revision_item.ordinal 
_pdbx_audit_revision_item.revision_ordinal 
_pdbx_audit_revision_item.data_content_type 
_pdbx_audit_revision_item.item 
1  2 'Structure model' '_citation.pdbx_database_id_DOI'      
2  2 'Structure model' '_citation.pdbx_database_id_PubMed'   
3  2 'Structure model' '_citation.title'                     
4  3 'Structure model' '_citation.title'                     
5  4 'Structure model' '_citation.journal_volume'            
6  4 'Structure model' '_citation.page_first'                
7  4 'Structure model' '_citation.page_last'                 
8  4 'Structure model' '_citation_author.identifier_ORCID'   
9  4 'Structure model' '_citation_author.name'               
10 5 'Structure model' '_database_2.pdbx_DOI'                
11 5 'Structure model' '_database_2.pdbx_database_accession' 
# 
loop_
_space_group_symop.id 
_space_group_symop.operation_xyz 
1  x,y,z          
2  x-y,x,z+1/6    
3  y,-x+y,z+5/6   
4  -y,x-y,z+1/3   
5  -x+y,-x,z+2/3  
6  x-y,-y,-z      
7  -x,-x+y,-z+2/3 
8  -x,-y,z+1/2    
9  y,x,-z+1/3     
10 -y,-x,-z+5/6   
11 -x+y,y,-z+1/2  
12 x,x-y,-z+1/6   
# 
loop_
_software.citation_id 
_software.classification 
_software.compiler_name 
_software.compiler_version 
_software.contact_author 
_software.contact_author_email 
_software.date 
_software.description 
_software.dependencies 
_software.hardware 
_software.language 
_software.location 
_software.mods 
_software.name 
_software.os 
_software.os_version 
_software.type 
_software.version 
_software.pdbx_ordinal 
? refinement       ? ? ? ? ? ? ? ? ? ? ? REFMAC ? ? ? 5.8.0258 1 
? 'data reduction' ? ? ? ? ? ? ? ? ? ? ? XDS    ? ? ? .        2 
? 'data scaling'   ? ? ? ? ? ? ? ? ? ? ? XSCALE ? ? ? .        3 
? phasing          ? ? ? ? ? ? ? ? ? ? ? PHASER ? ? ? .        4 
# 
loop_
_pdbx_validate_torsion.id 
_pdbx_validate_torsion.PDB_model_num 
_pdbx_validate_torsion.auth_comp_id 
_pdbx_validate_torsion.auth_asym_id 
_pdbx_validate_torsion.auth_seq_id 
_pdbx_validate_torsion.PDB_ins_code 
_pdbx_validate_torsion.label_alt_id 
_pdbx_validate_torsion.phi 
_pdbx_validate_torsion.psi 
1 1 ILE A 4  ? ? -94.81  49.52   
2 1 LYS A 6  ? ? -55.71  -82.87  
3 1 HIS A 7  ? ? 70.57   -30.11  
4 1 LYS A 59 ? ? -54.18  -73.13  
5 1 LEU A 67 ? ? 58.16   -156.03 
6 1 TYR A 76 ? ? -34.04  150.65  
7 1 ILE A 77 ? ? -136.08 -57.12  
# 
loop_
_pdbx_distant_solvent_atoms.id 
_pdbx_distant_solvent_atoms.PDB_model_num 
_pdbx_distant_solvent_atoms.auth_atom_id 
_pdbx_distant_solvent_atoms.label_alt_id 
_pdbx_distant_solvent_atoms.auth_asym_id 
_pdbx_distant_solvent_atoms.auth_comp_id 
_pdbx_distant_solvent_atoms.auth_seq_id 
_pdbx_distant_solvent_atoms.PDB_ins_code 
_pdbx_distant_solvent_atoms.neighbor_macromolecule_distance 
_pdbx_distant_solvent_atoms.neighbor_ligand_distance 
1 1 O ? A HOH 113 ? 7.42 . 
2 1 O ? A HOH 114 ? 7.61 . 
# 
loop_
_pdbx_unobs_or_zero_occ_atoms.id 
_pdbx_unobs_or_zero_occ_atoms.PDB_model_num 
_pdbx_unobs_or_zero_occ_atoms.polymer_flag 
_pdbx_unobs_or_zero_occ_atoms.occupancy_flag 
_pdbx_unobs_or_zero_occ_atoms.auth_asym_id 
_pdbx_unobs_or_zero_occ_atoms.auth_comp_id 
_pdbx_unobs_or_zero_occ_atoms.auth_seq_id 
_pdbx_unobs_or_zero_occ_atoms.PDB_ins_code 
_pdbx_unobs_or_zero_occ_atoms.auth_atom_id 
_pdbx_unobs_or_zero_occ_atoms.label_alt_id 
_pdbx_unobs_or_zero_occ_atoms.label_asym_id 
_pdbx_unobs_or_zero_occ_atoms.label_comp_id 
_pdbx_unobs_or_zero_occ_atoms.label_seq_id 
_pdbx_unobs_or_zero_occ_atoms.label_atom_id 
1  1 Y 1 A ILE 2  ? CG1 ? A ILE 1  CG1 
2  1 Y 1 A ILE 2  ? CG2 ? A ILE 1  CG2 
3  1 Y 1 A ILE 2  ? CD1 ? A ILE 1  CD1 
4  1 Y 1 A GLU 3  ? CG  ? A GLU 2  CG  
5  1 Y 1 A GLU 3  ? CD  ? A GLU 2  CD  
6  1 Y 1 A GLU 3  ? OE1 ? A GLU 2  OE1 
7  1 Y 1 A GLU 3  ? OE2 ? A GLU 2  OE2 
8  1 Y 1 A ILE 4  ? CG1 ? A ILE 3  CG1 
9  1 Y 1 A ILE 4  ? CG2 ? A ILE 3  CG2 
10 1 Y 1 A ILE 4  ? CD1 ? A ILE 3  CD1 
11 1 Y 1 A ARG 5  ? CG  ? A ARG 4  CG  
12 1 Y 1 A ARG 5  ? CD  ? A ARG 4  CD  
13 1 Y 1 A ARG 5  ? NE  ? A ARG 4  NE  
14 1 Y 1 A ARG 5  ? CZ  ? A ARG 4  CZ  
15 1 Y 1 A ARG 5  ? NH1 ? A ARG 4  NH1 
16 1 Y 1 A ARG 5  ? NH2 ? A ARG 4  NH2 
17 1 Y 1 A LYS 6  ? CG  ? A LYS 5  CG  
18 1 Y 1 A LYS 6  ? CD  ? A LYS 5  CD  
19 1 Y 1 A LYS 6  ? CE  ? A LYS 5  CE  
20 1 Y 1 A LYS 6  ? NZ  ? A LYS 5  NZ  
21 1 Y 1 A MET 23 ? CG  ? A MET 22 CG  
22 1 Y 1 A MET 23 ? SD  ? A MET 22 SD  
23 1 Y 1 A MET 23 ? CE  ? A MET 22 CE  
24 1 Y 1 A ARG 28 ? CG  ? A ARG 27 CG  
25 1 Y 1 A ARG 28 ? CD  ? A ARG 27 CD  
26 1 Y 1 A ARG 28 ? NE  ? A ARG 27 NE  
27 1 Y 1 A ARG 28 ? CZ  ? A ARG 27 CZ  
28 1 Y 1 A ARG 28 ? NH1 ? A ARG 27 NH1 
29 1 Y 1 A ARG 28 ? NH2 ? A ARG 27 NH2 
30 1 Y 1 A LYS 42 ? CG  ? A LYS 41 CG  
31 1 Y 1 A LYS 42 ? CD  ? A LYS 41 CD  
32 1 Y 1 A LYS 42 ? CE  ? A LYS 41 CE  
33 1 Y 1 A LYS 42 ? NZ  ? A LYS 41 NZ  
34 1 Y 1 A GLU 52 ? CG  ? A GLU 51 CG  
35 1 Y 1 A GLU 52 ? CD  ? A GLU 51 CD  
36 1 Y 1 A GLU 52 ? OE1 ? A GLU 51 OE1 
37 1 Y 1 A GLU 52 ? OE2 ? A GLU 51 OE2 
38 1 Y 1 A GLU 53 ? CG  ? A GLU 52 CG  
39 1 Y 1 A GLU 53 ? CD  ? A GLU 52 CD  
40 1 Y 1 A GLU 53 ? OE1 ? A GLU 52 OE1 
41 1 Y 1 A GLU 53 ? OE2 ? A GLU 52 OE2 
42 1 Y 1 A LYS 56 ? CG  ? A LYS 55 CG  
43 1 Y 1 A LYS 56 ? CD  ? A LYS 55 CD  
44 1 Y 1 A LYS 56 ? CE  ? A LYS 55 CE  
45 1 Y 1 A LYS 56 ? NZ  ? A LYS 55 NZ  
46 1 Y 1 A LYS 59 ? CG  ? A LYS 58 CG  
47 1 Y 1 A LYS 59 ? CD  ? A LYS 58 CD  
48 1 Y 1 A LYS 59 ? CE  ? A LYS 58 CE  
49 1 Y 1 A LYS 59 ? NZ  ? A LYS 58 NZ  
50 1 Y 1 A ARG 60 ? CG  ? A ARG 59 CG  
51 1 Y 1 A ARG 60 ? CD  ? A ARG 59 CD  
52 1 Y 1 A ARG 60 ? NE  ? A ARG 59 NE  
53 1 Y 1 A ARG 60 ? CZ  ? A ARG 59 CZ  
54 1 Y 1 A ARG 60 ? NH1 ? A ARG 59 NH1 
55 1 Y 1 A ARG 60 ? NH2 ? A ARG 59 NH2 
56 1 Y 1 A LEU 67 ? CG  ? A LEU 66 CG  
57 1 Y 1 A LEU 67 ? CD1 ? A LEU 66 CD1 
58 1 Y 1 A LEU 67 ? CD2 ? A LEU 66 CD2 
59 1 Y 1 A ASP 74 ? CG  ? A ASP 73 CG  
60 1 Y 1 A ASP 74 ? OD1 ? A ASP 73 OD1 
61 1 Y 1 A ASP 74 ? OD2 ? A ASP 73 OD2 
62 1 Y 1 A GLU 84 ? CG  ? A GLU 83 CG  
63 1 Y 1 A GLU 84 ? CD  ? A GLU 83 CD  
64 1 Y 1 A GLU 84 ? OE1 ? A GLU 83 OE1 
65 1 Y 1 A GLU 84 ? OE2 ? A GLU 83 OE2 
66 1 Y 1 A LEU 95 ? CG  ? A LEU 94 CG  
67 1 Y 1 A LEU 95 ? CD1 ? A LEU 94 CD1 
68 1 Y 1 A LEU 95 ? CD2 ? A LEU 94 CD2 
# 
loop_
_chem_comp_atom.comp_id 
_chem_comp_atom.atom_id 
_chem_comp_atom.type_symbol 
_chem_comp_atom.pdbx_aromatic_flag 
_chem_comp_atom.pdbx_stereo_config 
_chem_comp_atom.pdbx_ordinal 
ALA N    N N N 1   
ALA CA   C N S 2   
ALA C    C N N 3   
ALA O    O N N 4   
ALA CB   C N N 5   
ALA OXT  O N N 6   
ALA H    H N N 7   
ALA H2   H N N 8   
ALA HA   H N N 9   
ALA HB1  H N N 10  
ALA HB2  H N N 11  
ALA HB3  H N N 12  
ALA HXT  H N N 13  
ARG N    N N N 14  
ARG CA   C N S 15  
ARG C    C N N 16  
ARG O    O N N 17  
ARG CB   C N N 18  
ARG CG   C N N 19  
ARG CD   C N N 20  
ARG NE   N N N 21  
ARG CZ   C N N 22  
ARG NH1  N N N 23  
ARG NH2  N N N 24  
ARG OXT  O N N 25  
ARG H    H N N 26  
ARG H2   H N N 27  
ARG HA   H N N 28  
ARG HB2  H N N 29  
ARG HB3  H N N 30  
ARG HG2  H N N 31  
ARG HG3  H N N 32  
ARG HD2  H N N 33  
ARG HD3  H N N 34  
ARG HE   H N N 35  
ARG HH11 H N N 36  
ARG HH12 H N N 37  
ARG HH21 H N N 38  
ARG HH22 H N N 39  
ARG HXT  H N N 40  
ASN N    N N N 41  
ASN CA   C N S 42  
ASN C    C N N 43  
ASN O    O N N 44  
ASN CB   C N N 45  
ASN CG   C N N 46  
ASN OD1  O N N 47  
ASN ND2  N N N 48  
ASN OXT  O N N 49  
ASN H    H N N 50  
ASN H2   H N N 51  
ASN HA   H N N 52  
ASN HB2  H N N 53  
ASN HB3  H N N 54  
ASN HD21 H N N 55  
ASN HD22 H N N 56  
ASN HXT  H N N 57  
ASP N    N N N 58  
ASP CA   C N S 59  
ASP C    C N N 60  
ASP O    O N N 61  
ASP CB   C N N 62  
ASP CG   C N N 63  
ASP OD1  O N N 64  
ASP OD2  O N N 65  
ASP OXT  O N N 66  
ASP H    H N N 67  
ASP H2   H N N 68  
ASP HA   H N N 69  
ASP HB2  H N N 70  
ASP HB3  H N N 71  
ASP HD2  H N N 72  
ASP HXT  H N N 73  
GLN N    N N N 74  
GLN CA   C N S 75  
GLN C    C N N 76  
GLN O    O N N 77  
GLN CB   C N N 78  
GLN CG   C N N 79  
GLN CD   C N N 80  
GLN OE1  O N N 81  
GLN NE2  N N N 82  
GLN OXT  O N N 83  
GLN H    H N N 84  
GLN H2   H N N 85  
GLN HA   H N N 86  
GLN HB2  H N N 87  
GLN HB3  H N N 88  
GLN HG2  H N N 89  
GLN HG3  H N N 90  
GLN HE21 H N N 91  
GLN HE22 H N N 92  
GLN HXT  H N N 93  
GLU N    N N N 94  
GLU CA   C N S 95  
GLU C    C N N 96  
GLU O    O N N 97  
GLU CB   C N N 98  
GLU CG   C N N 99  
GLU CD   C N N 100 
GLU OE1  O N N 101 
GLU OE2  O N N 102 
GLU OXT  O N N 103 
GLU H    H N N 104 
GLU H2   H N N 105 
GLU HA   H N N 106 
GLU HB2  H N N 107 
GLU HB3  H N N 108 
GLU HG2  H N N 109 
GLU HG3  H N N 110 
GLU HE2  H N N 111 
GLU HXT  H N N 112 
GLY N    N N N 113 
GLY CA   C N N 114 
GLY C    C N N 115 
GLY O    O N N 116 
GLY OXT  O N N 117 
GLY H    H N N 118 
GLY H2   H N N 119 
GLY HA2  H N N 120 
GLY HA3  H N N 121 
GLY HXT  H N N 122 
HIS N    N N N 123 
HIS CA   C N S 124 
HIS C    C N N 125 
HIS O    O N N 126 
HIS CB   C N N 127 
HIS CG   C Y N 128 
HIS ND1  N Y N 129 
HIS CD2  C Y N 130 
HIS CE1  C Y N 131 
HIS NE2  N Y N 132 
HIS OXT  O N N 133 
HIS H    H N N 134 
HIS H2   H N N 135 
HIS HA   H N N 136 
HIS HB2  H N N 137 
HIS HB3  H N N 138 
HIS HD1  H N N 139 
HIS HD2  H N N 140 
HIS HE1  H N N 141 
HIS HE2  H N N 142 
HIS HXT  H N N 143 
HOH O    O N N 144 
HOH H1   H N N 145 
HOH H2   H N N 146 
ILE N    N N N 147 
ILE CA   C N S 148 
ILE C    C N N 149 
ILE O    O N N 150 
ILE CB   C N S 151 
ILE CG1  C N N 152 
ILE CG2  C N N 153 
ILE CD1  C N N 154 
ILE OXT  O N N 155 
ILE H    H N N 156 
ILE H2   H N N 157 
ILE HA   H N N 158 
ILE HB   H N N 159 
ILE HG12 H N N 160 
ILE HG13 H N N 161 
ILE HG21 H N N 162 
ILE HG22 H N N 163 
ILE HG23 H N N 164 
ILE HD11 H N N 165 
ILE HD12 H N N 166 
ILE HD13 H N N 167 
ILE HXT  H N N 168 
LEU N    N N N 169 
LEU CA   C N S 170 
LEU C    C N N 171 
LEU O    O N N 172 
LEU CB   C N N 173 
LEU CG   C N N 174 
LEU CD1  C N N 175 
LEU CD2  C N N 176 
LEU OXT  O N N 177 
LEU H    H N N 178 
LEU H2   H N N 179 
LEU HA   H N N 180 
LEU HB2  H N N 181 
LEU HB3  H N N 182 
LEU HG   H N N 183 
LEU HD11 H N N 184 
LEU HD12 H N N 185 
LEU HD13 H N N 186 
LEU HD21 H N N 187 
LEU HD22 H N N 188 
LEU HD23 H N N 189 
LEU HXT  H N N 190 
LYS N    N N N 191 
LYS CA   C N S 192 
LYS C    C N N 193 
LYS O    O N N 194 
LYS CB   C N N 195 
LYS CG   C N N 196 
LYS CD   C N N 197 
LYS CE   C N N 198 
LYS NZ   N N N 199 
LYS OXT  O N N 200 
LYS H    H N N 201 
LYS H2   H N N 202 
LYS HA   H N N 203 
LYS HB2  H N N 204 
LYS HB3  H N N 205 
LYS HG2  H N N 206 
LYS HG3  H N N 207 
LYS HD2  H N N 208 
LYS HD3  H N N 209 
LYS HE2  H N N 210 
LYS HE3  H N N 211 
LYS HZ1  H N N 212 
LYS HZ2  H N N 213 
LYS HZ3  H N N 214 
LYS HXT  H N N 215 
MET N    N N N 216 
MET CA   C N S 217 
MET C    C N N 218 
MET O    O N N 219 
MET CB   C N N 220 
MET CG   C N N 221 
MET SD   S N N 222 
MET CE   C N N 223 
MET OXT  O N N 224 
MET H    H N N 225 
MET H2   H N N 226 
MET HA   H N N 227 
MET HB2  H N N 228 
MET HB3  H N N 229 
MET HG2  H N N 230 
MET HG3  H N N 231 
MET HE1  H N N 232 
MET HE2  H N N 233 
MET HE3  H N N 234 
MET HXT  H N N 235 
PHE N    N N N 236 
PHE CA   C N S 237 
PHE C    C N N 238 
PHE O    O N N 239 
PHE CB   C N N 240 
PHE CG   C Y N 241 
PHE CD1  C Y N 242 
PHE CD2  C Y N 243 
PHE CE1  C Y N 244 
PHE CE2  C Y N 245 
PHE CZ   C Y N 246 
PHE OXT  O N N 247 
PHE H    H N N 248 
PHE H2   H N N 249 
PHE HA   H N N 250 
PHE HB2  H N N 251 
PHE HB3  H N N 252 
PHE HD1  H N N 253 
PHE HD2  H N N 254 
PHE HE1  H N N 255 
PHE HE2  H N N 256 
PHE HZ   H N N 257 
PHE HXT  H N N 258 
PRO N    N N N 259 
PRO CA   C N S 260 
PRO C    C N N 261 
PRO O    O N N 262 
PRO CB   C N N 263 
PRO CG   C N N 264 
PRO CD   C N N 265 
PRO OXT  O N N 266 
PRO H    H N N 267 
PRO HA   H N N 268 
PRO HB2  H N N 269 
PRO HB3  H N N 270 
PRO HG2  H N N 271 
PRO HG3  H N N 272 
PRO HD2  H N N 273 
PRO HD3  H N N 274 
PRO HXT  H N N 275 
SER N    N N N 276 
SER CA   C N S 277 
SER C    C N N 278 
SER O    O N N 279 
SER CB   C N N 280 
SER OG   O N N 281 
SER OXT  O N N 282 
SER H    H N N 283 
SER H2   H N N 284 
SER HA   H N N 285 
SER HB2  H N N 286 
SER HB3  H N N 287 
SER HG   H N N 288 
SER HXT  H N N 289 
THR N    N N N 290 
THR CA   C N S 291 
THR C    C N N 292 
THR O    O N N 293 
THR CB   C N R 294 
THR OG1  O N N 295 
THR CG2  C N N 296 
THR OXT  O N N 297 
THR H    H N N 298 
THR H2   H N N 299 
THR HA   H N N 300 
THR HB   H N N 301 
THR HG1  H N N 302 
THR HG21 H N N 303 
THR HG22 H N N 304 
THR HG23 H N N 305 
THR HXT  H N N 306 
TRP N    N N N 307 
TRP CA   C N S 308 
TRP C    C N N 309 
TRP O    O N N 310 
TRP CB   C N N 311 
TRP CG   C Y N 312 
TRP CD1  C Y N 313 
TRP CD2  C Y N 314 
TRP NE1  N Y N 315 
TRP CE2  C Y N 316 
TRP CE3  C Y N 317 
TRP CZ2  C Y N 318 
TRP CZ3  C Y N 319 
TRP CH2  C Y N 320 
TRP OXT  O N N 321 
TRP H    H N N 322 
TRP H2   H N N 323 
TRP HA   H N N 324 
TRP HB2  H N N 325 
TRP HB3  H N N 326 
TRP HD1  H N N 327 
TRP HE1  H N N 328 
TRP HE3  H N N 329 
TRP HZ2  H N N 330 
TRP HZ3  H N N 331 
TRP HH2  H N N 332 
TRP HXT  H N N 333 
TYR N    N N N 334 
TYR CA   C N S 335 
TYR C    C N N 336 
TYR O    O N N 337 
TYR CB   C N N 338 
TYR CG   C Y N 339 
TYR CD1  C Y N 340 
TYR CD2  C Y N 341 
TYR CE1  C Y N 342 
TYR CE2  C Y N 343 
TYR CZ   C Y N 344 
TYR OH   O N N 345 
TYR OXT  O N N 346 
TYR H    H N N 347 
TYR H2   H N N 348 
TYR HA   H N N 349 
TYR HB2  H N N 350 
TYR HB3  H N N 351 
TYR HD1  H N N 352 
TYR HD2  H N N 353 
TYR HE1  H N N 354 
TYR HE2  H N N 355 
TYR HH   H N N 356 
TYR HXT  H N N 357 
VAL N    N N N 358 
VAL CA   C N S 359 
VAL C    C N N 360 
VAL O    O N N 361 
VAL CB   C N N 362 
VAL CG1  C N N 363 
VAL CG2  C N N 364 
VAL OXT  O N N 365 
VAL H    H N N 366 
VAL H2   H N N 367 
VAL HA   H N N 368 
VAL HB   H N N 369 
VAL HG11 H N N 370 
VAL HG12 H N N 371 
VAL HG13 H N N 372 
VAL HG21 H N N 373 
VAL HG22 H N N 374 
VAL HG23 H N N 375 
VAL HXT  H N N 376 
# 
loop_
_chem_comp_bond.comp_id 
_chem_comp_bond.atom_id_1 
_chem_comp_bond.atom_id_2 
_chem_comp_bond.value_order 
_chem_comp_bond.pdbx_aromatic_flag 
_chem_comp_bond.pdbx_stereo_config 
_chem_comp_bond.pdbx_ordinal 
ALA N   CA   sing N N 1   
ALA N   H    sing N N 2   
ALA N   H2   sing N N 3   
ALA CA  C    sing N N 4   
ALA CA  CB   sing N N 5   
ALA CA  HA   sing N N 6   
ALA C   O    doub N N 7   
ALA C   OXT  sing N N 8   
ALA CB  HB1  sing N N 9   
ALA CB  HB2  sing N N 10  
ALA CB  HB3  sing N N 11  
ALA OXT HXT  sing N N 12  
ARG N   CA   sing N N 13  
ARG N   H    sing N N 14  
ARG N   H2   sing N N 15  
ARG CA  C    sing N N 16  
ARG CA  CB   sing N N 17  
ARG CA  HA   sing N N 18  
ARG C   O    doub N N 19  
ARG C   OXT  sing N N 20  
ARG CB  CG   sing N N 21  
ARG CB  HB2  sing N N 22  
ARG CB  HB3  sing N N 23  
ARG CG  CD   sing N N 24  
ARG CG  HG2  sing N N 25  
ARG CG  HG3  sing N N 26  
ARG CD  NE   sing N N 27  
ARG CD  HD2  sing N N 28  
ARG CD  HD3  sing N N 29  
ARG NE  CZ   sing N N 30  
ARG NE  HE   sing N N 31  
ARG CZ  NH1  sing N N 32  
ARG CZ  NH2  doub N N 33  
ARG NH1 HH11 sing N N 34  
ARG NH1 HH12 sing N N 35  
ARG NH2 HH21 sing N N 36  
ARG NH2 HH22 sing N N 37  
ARG OXT HXT  sing N N 38  
ASN N   CA   sing N N 39  
ASN N   H    sing N N 40  
ASN N   H2   sing N N 41  
ASN CA  C    sing N N 42  
ASN CA  CB   sing N N 43  
ASN CA  HA   sing N N 44  
ASN C   O    doub N N 45  
ASN C   OXT  sing N N 46  
ASN CB  CG   sing N N 47  
ASN CB  HB2  sing N N 48  
ASN CB  HB3  sing N N 49  
ASN CG  OD1  doub N N 50  
ASN CG  ND2  sing N N 51  
ASN ND2 HD21 sing N N 52  
ASN ND2 HD22 sing N N 53  
ASN OXT HXT  sing N N 54  
ASP N   CA   sing N N 55  
ASP N   H    sing N N 56  
ASP N   H2   sing N N 57  
ASP CA  C    sing N N 58  
ASP CA  CB   sing N N 59  
ASP CA  HA   sing N N 60  
ASP C   O    doub N N 61  
ASP C   OXT  sing N N 62  
ASP CB  CG   sing N N 63  
ASP CB  HB2  sing N N 64  
ASP CB  HB3  sing N N 65  
ASP CG  OD1  doub N N 66  
ASP CG  OD2  sing N N 67  
ASP OD2 HD2  sing N N 68  
ASP OXT HXT  sing N N 69  
GLN N   CA   sing N N 70  
GLN N   H    sing N N 71  
GLN N   H2   sing N N 72  
GLN CA  C    sing N N 73  
GLN CA  CB   sing N N 74  
GLN CA  HA   sing N N 75  
GLN C   O    doub N N 76  
GLN C   OXT  sing N N 77  
GLN CB  CG   sing N N 78  
GLN CB  HB2  sing N N 79  
GLN CB  HB3  sing N N 80  
GLN CG  CD   sing N N 81  
GLN CG  HG2  sing N N 82  
GLN CG  HG3  sing N N 83  
GLN CD  OE1  doub N N 84  
GLN CD  NE2  sing N N 85  
GLN NE2 HE21 sing N N 86  
GLN NE2 HE22 sing N N 87  
GLN OXT HXT  sing N N 88  
GLU N   CA   sing N N 89  
GLU N   H    sing N N 90  
GLU N   H2   sing N N 91  
GLU CA  C    sing N N 92  
GLU CA  CB   sing N N 93  
GLU CA  HA   sing N N 94  
GLU C   O    doub N N 95  
GLU C   OXT  sing N N 96  
GLU CB  CG   sing N N 97  
GLU CB  HB2  sing N N 98  
GLU CB  HB3  sing N N 99  
GLU CG  CD   sing N N 100 
GLU CG  HG2  sing N N 101 
GLU CG  HG3  sing N N 102 
GLU CD  OE1  doub N N 103 
GLU CD  OE2  sing N N 104 
GLU OE2 HE2  sing N N 105 
GLU OXT HXT  sing N N 106 
GLY N   CA   sing N N 107 
GLY N   H    sing N N 108 
GLY N   H2   sing N N 109 
GLY CA  C    sing N N 110 
GLY CA  HA2  sing N N 111 
GLY CA  HA3  sing N N 112 
GLY C   O    doub N N 113 
GLY C   OXT  sing N N 114 
GLY OXT HXT  sing N N 115 
HIS N   CA   sing N N 116 
HIS N   H    sing N N 117 
HIS N   H2   sing N N 118 
HIS CA  C    sing N N 119 
HIS CA  CB   sing N N 120 
HIS CA  HA   sing N N 121 
HIS C   O    doub N N 122 
HIS C   OXT  sing N N 123 
HIS CB  CG   sing N N 124 
HIS CB  HB2  sing N N 125 
HIS CB  HB3  sing N N 126 
HIS CG  ND1  sing Y N 127 
HIS CG  CD2  doub Y N 128 
HIS ND1 CE1  doub Y N 129 
HIS ND1 HD1  sing N N 130 
HIS CD2 NE2  sing Y N 131 
HIS CD2 HD2  sing N N 132 
HIS CE1 NE2  sing Y N 133 
HIS CE1 HE1  sing N N 134 
HIS NE2 HE2  sing N N 135 
HIS OXT HXT  sing N N 136 
HOH O   H1   sing N N 137 
HOH O   H2   sing N N 138 
ILE N   CA   sing N N 139 
ILE N   H    sing N N 140 
ILE N   H2   sing N N 141 
ILE CA  C    sing N N 142 
ILE CA  CB   sing N N 143 
ILE CA  HA   sing N N 144 
ILE C   O    doub N N 145 
ILE C   OXT  sing N N 146 
ILE CB  CG1  sing N N 147 
ILE CB  CG2  sing N N 148 
ILE CB  HB   sing N N 149 
ILE CG1 CD1  sing N N 150 
ILE CG1 HG12 sing N N 151 
ILE CG1 HG13 sing N N 152 
ILE CG2 HG21 sing N N 153 
ILE CG2 HG22 sing N N 154 
ILE CG2 HG23 sing N N 155 
ILE CD1 HD11 sing N N 156 
ILE CD1 HD12 sing N N 157 
ILE CD1 HD13 sing N N 158 
ILE OXT HXT  sing N N 159 
LEU N   CA   sing N N 160 
LEU N   H    sing N N 161 
LEU N   H2   sing N N 162 
LEU CA  C    sing N N 163 
LEU CA  CB   sing N N 164 
LEU CA  HA   sing N N 165 
LEU C   O    doub N N 166 
LEU C   OXT  sing N N 167 
LEU CB  CG   sing N N 168 
LEU CB  HB2  sing N N 169 
LEU CB  HB3  sing N N 170 
LEU CG  CD1  sing N N 171 
LEU CG  CD2  sing N N 172 
LEU CG  HG   sing N N 173 
LEU CD1 HD11 sing N N 174 
LEU CD1 HD12 sing N N 175 
LEU CD1 HD13 sing N N 176 
LEU CD2 HD21 sing N N 177 
LEU CD2 HD22 sing N N 178 
LEU CD2 HD23 sing N N 179 
LEU OXT HXT  sing N N 180 
LYS N   CA   sing N N 181 
LYS N   H    sing N N 182 
LYS N   H2   sing N N 183 
LYS CA  C    sing N N 184 
LYS CA  CB   sing N N 185 
LYS CA  HA   sing N N 186 
LYS C   O    doub N N 187 
LYS C   OXT  sing N N 188 
LYS CB  CG   sing N N 189 
LYS CB  HB2  sing N N 190 
LYS CB  HB3  sing N N 191 
LYS CG  CD   sing N N 192 
LYS CG  HG2  sing N N 193 
LYS CG  HG3  sing N N 194 
LYS CD  CE   sing N N 195 
LYS CD  HD2  sing N N 196 
LYS CD  HD3  sing N N 197 
LYS CE  NZ   sing N N 198 
LYS CE  HE2  sing N N 199 
LYS CE  HE3  sing N N 200 
LYS NZ  HZ1  sing N N 201 
LYS NZ  HZ2  sing N N 202 
LYS NZ  HZ3  sing N N 203 
LYS OXT HXT  sing N N 204 
MET N   CA   sing N N 205 
MET N   H    sing N N 206 
MET N   H2   sing N N 207 
MET CA  C    sing N N 208 
MET CA  CB   sing N N 209 
MET CA  HA   sing N N 210 
MET C   O    doub N N 211 
MET C   OXT  sing N N 212 
MET CB  CG   sing N N 213 
MET CB  HB2  sing N N 214 
MET CB  HB3  sing N N 215 
MET CG  SD   sing N N 216 
MET CG  HG2  sing N N 217 
MET CG  HG3  sing N N 218 
MET SD  CE   sing N N 219 
MET CE  HE1  sing N N 220 
MET CE  HE2  sing N N 221 
MET CE  HE3  sing N N 222 
MET OXT HXT  sing N N 223 
PHE N   CA   sing N N 224 
PHE N   H    sing N N 225 
PHE N   H2   sing N N 226 
PHE CA  C    sing N N 227 
PHE CA  CB   sing N N 228 
PHE CA  HA   sing N N 229 
PHE C   O    doub N N 230 
PHE C   OXT  sing N N 231 
PHE CB  CG   sing N N 232 
PHE CB  HB2  sing N N 233 
PHE CB  HB3  sing N N 234 
PHE CG  CD1  doub Y N 235 
PHE CG  CD2  sing Y N 236 
PHE CD1 CE1  sing Y N 237 
PHE CD1 HD1  sing N N 238 
PHE CD2 CE2  doub Y N 239 
PHE CD2 HD2  sing N N 240 
PHE CE1 CZ   doub Y N 241 
PHE CE1 HE1  sing N N 242 
PHE CE2 CZ   sing Y N 243 
PHE CE2 HE2  sing N N 244 
PHE CZ  HZ   sing N N 245 
PHE OXT HXT  sing N N 246 
PRO N   CA   sing N N 247 
PRO N   CD   sing N N 248 
PRO N   H    sing N N 249 
PRO CA  C    sing N N 250 
PRO CA  CB   sing N N 251 
PRO CA  HA   sing N N 252 
PRO C   O    doub N N 253 
PRO C   OXT  sing N N 254 
PRO CB  CG   sing N N 255 
PRO CB  HB2  sing N N 256 
PRO CB  HB3  sing N N 257 
PRO CG  CD   sing N N 258 
PRO CG  HG2  sing N N 259 
PRO CG  HG3  sing N N 260 
PRO CD  HD2  sing N N 261 
PRO CD  HD3  sing N N 262 
PRO OXT HXT  sing N N 263 
SER N   CA   sing N N 264 
SER N   H    sing N N 265 
SER N   H2   sing N N 266 
SER CA  C    sing N N 267 
SER CA  CB   sing N N 268 
SER CA  HA   sing N N 269 
SER C   O    doub N N 270 
SER C   OXT  sing N N 271 
SER CB  OG   sing N N 272 
SER CB  HB2  sing N N 273 
SER CB  HB3  sing N N 274 
SER OG  HG   sing N N 275 
SER OXT HXT  sing N N 276 
THR N   CA   sing N N 277 
THR N   H    sing N N 278 
THR N   H2   sing N N 279 
THR CA  C    sing N N 280 
THR CA  CB   sing N N 281 
THR CA  HA   sing N N 282 
THR C   O    doub N N 283 
THR C   OXT  sing N N 284 
THR CB  OG1  sing N N 285 
THR CB  CG2  sing N N 286 
THR CB  HB   sing N N 287 
THR OG1 HG1  sing N N 288 
THR CG2 HG21 sing N N 289 
THR CG2 HG22 sing N N 290 
THR CG2 HG23 sing N N 291 
THR OXT HXT  sing N N 292 
TRP N   CA   sing N N 293 
TRP N   H    sing N N 294 
TRP N   H2   sing N N 295 
TRP CA  C    sing N N 296 
TRP CA  CB   sing N N 297 
TRP CA  HA   sing N N 298 
TRP C   O    doub N N 299 
TRP C   OXT  sing N N 300 
TRP CB  CG   sing N N 301 
TRP CB  HB2  sing N N 302 
TRP CB  HB3  sing N N 303 
TRP CG  CD1  doub Y N 304 
TRP CG  CD2  sing Y N 305 
TRP CD1 NE1  sing Y N 306 
TRP CD1 HD1  sing N N 307 
TRP CD2 CE2  doub Y N 308 
TRP CD2 CE3  sing Y N 309 
TRP NE1 CE2  sing Y N 310 
TRP NE1 HE1  sing N N 311 
TRP CE2 CZ2  sing Y N 312 
TRP CE3 CZ3  doub Y N 313 
TRP CE3 HE3  sing N N 314 
TRP CZ2 CH2  doub Y N 315 
TRP CZ2 HZ2  sing N N 316 
TRP CZ3 CH2  sing Y N 317 
TRP CZ3 HZ3  sing N N 318 
TRP CH2 HH2  sing N N 319 
TRP OXT HXT  sing N N 320 
TYR N   CA   sing N N 321 
TYR N   H    sing N N 322 
TYR N   H2   sing N N 323 
TYR CA  C    sing N N 324 
TYR CA  CB   sing N N 325 
TYR CA  HA   sing N N 326 
TYR C   O    doub N N 327 
TYR C   OXT  sing N N 328 
TYR CB  CG   sing N N 329 
TYR CB  HB2  sing N N 330 
TYR CB  HB3  sing N N 331 
TYR CG  CD1  doub Y N 332 
TYR CG  CD2  sing Y N 333 
TYR CD1 CE1  sing Y N 334 
TYR CD1 HD1  sing N N 335 
TYR CD2 CE2  doub Y N 336 
TYR CD2 HD2  sing N N 337 
TYR CE1 CZ   doub Y N 338 
TYR CE1 HE1  sing N N 339 
TYR CE2 CZ   sing Y N 340 
TYR CE2 HE2  sing N N 341 
TYR CZ  OH   sing N N 342 
TYR OH  HH   sing N N 343 
TYR OXT HXT  sing N N 344 
VAL N   CA   sing N N 345 
VAL N   H    sing N N 346 
VAL N   H2   sing N N 347 
VAL CA  C    sing N N 348 
VAL CA  CB   sing N N 349 
VAL CA  HA   sing N N 350 
VAL C   O    doub N N 351 
VAL C   OXT  sing N N 352 
VAL CB  CG1  sing N N 353 
VAL CB  CG2  sing N N 354 
VAL CB  HB   sing N N 355 
VAL CG1 HG11 sing N N 356 
VAL CG1 HG12 sing N N 357 
VAL CG1 HG13 sing N N 358 
VAL CG2 HG21 sing N N 359 
VAL CG2 HG22 sing N N 360 
VAL CG2 HG23 sing N N 361 
VAL OXT HXT  sing N N 362 
# 
_pdbx_audit_support.funding_organization   'Ministry of Education (MoE, Singapore)' 
_pdbx_audit_support.country                Singapore 
_pdbx_audit_support.grant_number           ? 
_pdbx_audit_support.ordinal                1 
# 
_pdbx_entity_nonpoly.entity_id   2 
_pdbx_entity_nonpoly.name        water 
_pdbx_entity_nonpoly.comp_id     HOH 
# 
_pdbx_initial_refinement_model.id               1 
_pdbx_initial_refinement_model.entity_id_list   ? 
_pdbx_initial_refinement_model.type             'experimental model' 
_pdbx_initial_refinement_model.source_name      PDB 
_pdbx_initial_refinement_model.accession_code   6ABR 
_pdbx_initial_refinement_model.details          ? 
# 
_pdbx_struct_assembly_auth_evidence.id                     1 
_pdbx_struct_assembly_auth_evidence.assembly_id            1 
_pdbx_struct_assembly_auth_evidence.experimental_support   'gel filtration' 
_pdbx_struct_assembly_auth_evidence.details                ? 
# 
_space_group.name_H-M_alt     'P 61 2 2' 
_space_group.name_Hall        'P 61 2 (x,y,z+5/12)' 
_space_group.IT_number        178 
_space_group.crystal_system   hexagonal 
_space_group.id               1 
# 
